data_2WTX
#
_entry.id   2WTX
#
_cell.length_a   104.515
_cell.length_b   120.287
_cell.length_c   173.786
_cell.angle_alpha   90.00
_cell.angle_beta   90.00
_cell.angle_gamma   90.00
#
_symmetry.space_group_name_H-M   'P 21 21 21'
#
loop_
_entity.id
_entity.type
_entity.pdbx_description
1 polymer 'ALPHA, ALPHA-TREHALOSE-PHOSPHATE SYNTHASE [UDP-FORMING]'
2 non-polymer 1,2-ETHANEDIOL
3 non-polymer "URIDINE-5'-DIPHOSPHATE"
4 non-polymer '[(1R,2R,3S,4S,5S)-2,3,4-TRIHYDROXY-5-{[(1S,4R,5S,6S)-4,5,6-TRIHYDROXY-3-(HYDROXYMETHYL)CYCLOHEX-2-EN-1-YL]AMINO}CYCLOHEXYL]METHYL DIHYDROGEN PHOSPHATE'
5 water water
#
_entity_poly.entity_id   1
_entity_poly.type   'polypeptide(L)'
_entity_poly.pdbx_seq_one_letter_code
;MSRLVVVSNRIAPPDEHAASAGGLAVGILGALKAAGGLWFGWSGETGNEDQPLKKVKKGNITWASFNLSEQDLDEYYNQF
SNAVLWPAFHYRLDLVQFQRPAWDGYLRVNALLADKLLPLLQDDDIIWIHDYHLLPFAHELRKRGVNNRIGFFLHIPFPT
PEIFNALPTYDTLLEQLCDYDLLGFQTENDRLAFLDCLSNLTRVTTRSAKSHTAWGKAFRTEVYPIGIEPKEIAKQAAGP
LPPKLAQLKAELKNVQNIFSVERLDYSKGLPERFLAYEALLEKYPQHHGKIRYTQIAPTSRGDVQAYQDIRHQLENEAGR
INGKYGQLGWTPLYYLNQHFDRKLLMKIFRYSDVGLVTPLRDGMNLVAKEYVAAQDPANPGVLVLSQFAGAANELTSALI
VNPYDRDEVAAALDRALTMSLAERISRHAEMLDVIVKNDINHWQECFISDLKQIVPRSAESQQRDKVATFPKLA
;
_entity_poly.pdbx_strand_id   A,B,C,D
#
# COMPACT_ATOMS: atom_id res chain seq x y z
N SER A 2 -43.94 8.97 33.13
CA SER A 2 -43.81 10.33 33.72
C SER A 2 -42.71 11.10 32.97
N ARG A 3 -41.57 11.37 33.63
CA ARG A 3 -40.45 12.00 32.94
C ARG A 3 -39.74 10.97 32.04
N LEU A 4 -39.48 11.38 30.80
CA LEU A 4 -38.71 10.55 29.88
C LEU A 4 -37.20 10.78 30.09
N VAL A 5 -36.45 9.71 30.30
CA VAL A 5 -34.99 9.78 30.36
C VAL A 5 -34.43 9.01 29.13
N VAL A 6 -33.74 9.74 28.26
CA VAL A 6 -33.12 9.17 27.08
C VAL A 6 -31.62 9.09 27.31
N VAL A 7 -31.03 7.94 26.98
CA VAL A 7 -29.60 7.73 27.13
C VAL A 7 -29.03 7.29 25.78
N SER A 8 -27.94 7.92 25.33
CA SER A 8 -27.22 7.48 24.14
C SER A 8 -25.75 7.84 24.30
N ASN A 9 -24.90 7.30 23.45
CA ASN A 9 -23.51 7.73 23.40
C ASN A 9 -23.41 9.15 22.78
N ARG A 10 -23.75 9.28 21.50
CA ARG A 10 -23.72 10.56 20.81
C ARG A 10 -24.97 11.39 21.10
N ILE A 11 -24.77 12.67 21.38
CA ILE A 11 -25.91 13.58 21.57
C ILE A 11 -25.93 14.65 20.47
N ALA A 12 -27.08 15.24 20.21
CA ALA A 12 -27.12 16.47 19.42
C ALA A 12 -26.68 17.60 20.36
N PRO A 13 -25.66 18.35 19.96
CA PRO A 13 -25.23 19.40 20.88
C PRO A 13 -26.29 20.49 20.98
N PRO A 14 -26.42 21.14 22.16
CA PRO A 14 -27.37 22.25 22.24
C PRO A 14 -27.07 23.37 21.21
N ASP A 15 -25.79 23.65 20.93
CA ASP A 15 -25.43 24.54 19.82
C ASP A 15 -25.24 23.74 18.53
N GLU A 16 -26.19 23.86 17.61
CA GLU A 16 -26.20 23.07 16.36
C GLU A 16 -25.03 23.37 15.42
N HIS A 17 -24.14 24.29 15.80
CA HIS A 17 -22.93 24.52 15.02
C HIS A 17 -21.77 23.62 15.47
N ALA A 18 -21.96 22.95 16.60
CA ALA A 18 -21.01 21.92 17.08
C ALA A 18 -21.40 20.51 16.55
N ALA A 19 -22.43 20.46 15.70
CA ALA A 19 -23.04 19.19 15.31
C ALA A 19 -22.18 18.36 14.35
N SER A 20 -22.33 17.07 14.53
CA SER A 20 -21.52 16.06 13.90
C SER A 20 -22.54 15.22 13.11
N ALA A 21 -22.14 14.67 11.97
CA ALA A 21 -23.06 13.92 11.11
C ALA A 21 -23.52 12.67 11.82
N GLY A 22 -24.76 12.29 11.62
CA GLY A 22 -25.22 11.05 12.21
C GLY A 22 -26.70 11.06 12.48
N GLY A 23 -27.35 9.96 12.12
CA GLY A 23 -28.78 9.87 12.19
C GLY A 23 -29.38 9.74 13.57
N LEU A 24 -28.64 9.13 14.49
CA LEU A 24 -29.19 8.95 15.85
C LEU A 24 -29.45 10.31 16.52
N ALA A 25 -28.48 11.20 16.47
CA ALA A 25 -28.67 12.52 17.13
C ALA A 25 -29.86 13.32 16.57
N VAL A 26 -30.01 13.36 15.25
CA VAL A 26 -31.15 13.97 14.57
C VAL A 26 -32.50 13.37 15.00
N GLY A 27 -32.64 12.05 14.89
CA GLY A 27 -33.87 11.40 15.32
C GLY A 27 -34.23 11.65 16.79
N ILE A 28 -33.26 11.52 17.69
CA ILE A 28 -33.58 11.69 19.13
C ILE A 28 -33.92 13.14 19.42
N LEU A 29 -33.21 14.06 18.79
CA LEU A 29 -33.55 15.47 18.95
C LEU A 29 -34.99 15.73 18.51
N GLY A 30 -35.34 15.31 17.28
CA GLY A 30 -36.73 15.40 16.80
C GLY A 30 -37.76 14.78 17.75
N ALA A 31 -37.45 13.60 18.30
CA ALA A 31 -38.38 12.88 19.18
C ALA A 31 -38.57 13.57 20.55
N LEU A 32 -37.51 14.20 21.03
CA LEU A 32 -37.52 14.93 22.30
C LEU A 32 -38.25 16.26 22.21
N LYS A 33 -38.12 16.93 21.07
CA LYS A 33 -38.86 18.17 20.79
C LYS A 33 -40.37 17.93 20.87
N ALA A 34 -40.81 16.76 20.40
CA ALA A 34 -42.21 16.37 20.49
C ALA A 34 -42.57 15.97 21.92
N ALA A 35 -41.75 15.12 22.54
CA ALA A 35 -42.07 14.60 23.88
C ALA A 35 -41.58 15.43 25.10
N GLY A 36 -40.36 15.97 25.04
CA GLY A 36 -39.72 16.55 26.21
C GLY A 36 -39.04 15.50 27.09
N GLY A 37 -38.00 15.92 27.80
CA GLY A 37 -37.33 15.02 28.74
C GLY A 37 -35.87 15.35 28.96
N LEU A 38 -35.17 14.40 29.56
CA LEU A 38 -33.77 14.51 29.93
C LEU A 38 -32.93 13.61 29.00
N TRP A 39 -31.90 14.21 28.41
CA TRP A 39 -30.98 13.50 27.53
C TRP A 39 -29.61 13.36 28.20
N PHE A 40 -29.24 12.12 28.53
CA PHE A 40 -27.98 11.78 29.17
C PHE A 40 -27.09 11.13 28.11
N GLY A 41 -25.90 11.69 27.91
CA GLY A 41 -25.10 11.30 26.79
C GLY A 41 -23.71 11.89 26.80
N TRP A 42 -22.85 11.36 25.94
CA TRP A 42 -21.47 11.79 25.88
C TRP A 42 -21.36 13.16 25.22
N SER A 43 -20.55 14.05 25.83
CA SER A 43 -20.33 15.42 25.30
C SER A 43 -19.60 15.43 23.98
N GLY A 44 -18.85 14.37 23.72
CA GLY A 44 -18.03 14.26 22.52
C GLY A 44 -16.59 14.66 22.82
N GLU A 45 -16.29 14.96 24.08
CA GLU A 45 -14.95 15.37 24.47
C GLU A 45 -14.28 14.32 25.36
N THR A 46 -12.96 14.26 25.31
CA THR A 46 -12.23 13.44 26.27
C THR A 46 -11.78 14.26 27.48
N GLY A 47 -11.63 13.59 28.61
CA GLY A 47 -11.17 14.22 29.84
C GLY A 47 -11.45 13.29 31.00
N ASN A 48 -10.99 13.69 32.17
CA ASN A 48 -11.26 12.93 33.39
C ASN A 48 -12.77 12.66 33.57
N GLU A 49 -13.11 11.45 33.97
CA GLU A 49 -14.53 11.08 34.13
C GLU A 49 -15.23 11.68 35.36
N ASP A 50 -14.44 12.25 36.26
CA ASP A 50 -14.94 12.81 37.50
C ASP A 50 -15.39 14.27 37.36
N GLN A 51 -15.02 14.92 36.26
CA GLN A 51 -15.52 16.28 36.04
C GLN A 51 -17.05 16.33 35.96
N PRO A 52 -17.63 17.52 36.23
CA PRO A 52 -19.08 17.60 36.38
C PRO A 52 -19.82 17.33 35.07
N LEU A 53 -20.98 16.68 35.19
CA LEU A 53 -22.03 16.74 34.17
C LEU A 53 -22.24 18.16 33.65
N LYS A 54 -22.32 18.31 32.34
CA LYS A 54 -22.68 19.58 31.77
C LYS A 54 -24.21 19.61 31.54
N LYS A 55 -24.87 20.59 32.14
CA LYS A 55 -26.31 20.68 32.07
C LYS A 55 -26.78 21.93 31.35
N VAL A 56 -27.64 21.72 30.35
CA VAL A 56 -28.20 22.80 29.56
C VAL A 56 -29.67 22.47 29.37
N LYS A 57 -30.51 23.49 29.49
CA LYS A 57 -31.95 23.38 29.30
C LYS A 57 -32.41 24.34 28.21
N LYS A 58 -33.11 23.79 27.21
CA LYS A 58 -33.74 24.57 26.14
C LYS A 58 -35.17 24.07 25.94
N GLY A 59 -36.13 24.88 26.34
CA GLY A 59 -37.54 24.50 26.30
C GLY A 59 -37.83 23.28 27.16
N ASN A 60 -38.44 22.27 26.54
CA ASN A 60 -38.82 21.03 27.23
C ASN A 60 -37.67 19.98 27.28
N ILE A 61 -36.48 20.35 26.78
CA ILE A 61 -35.33 19.44 26.80
C ILE A 61 -34.24 19.91 27.72
N THR A 62 -33.75 18.99 28.56
CA THR A 62 -32.54 19.16 29.36
C THR A 62 -31.48 18.16 28.93
N TRP A 63 -30.27 18.66 28.70
CA TRP A 63 -29.10 17.83 28.45
C TRP A 63 -28.27 17.65 29.73
N ALA A 64 -27.80 16.43 29.95
CA ALA A 64 -26.77 16.17 30.96
C ALA A 64 -25.64 15.38 30.32
N SER A 65 -24.52 16.04 30.02
CA SER A 65 -23.44 15.37 29.31
C SER A 65 -22.19 15.05 30.13
N PHE A 66 -21.55 13.93 29.81
CA PHE A 66 -20.32 13.50 30.47
C PHE A 66 -19.12 13.44 29.52
N ASN A 67 -17.91 13.47 30.07
CA ASN A 67 -16.69 13.16 29.31
C ASN A 67 -16.26 11.72 29.56
N LEU A 68 -15.49 11.16 28.63
CA LEU A 68 -14.83 9.89 28.83
C LEU A 68 -13.32 10.08 28.78
N SER A 69 -12.59 9.25 29.53
CA SER A 69 -11.13 9.30 29.54
C SER A 69 -10.58 8.74 28.23
N GLU A 70 -9.29 8.96 28.00
CA GLU A 70 -8.62 8.42 26.80
C GLU A 70 -8.71 6.90 26.76
N GLN A 71 -8.52 6.25 27.90
CA GLN A 71 -8.52 4.80 27.94
C GLN A 71 -9.90 4.22 27.62
N ASP A 72 -10.93 4.89 28.13
CA ASP A 72 -12.31 4.46 27.91
C ASP A 72 -12.85 4.77 26.52
N LEU A 73 -12.44 5.89 25.95
CA LEU A 73 -12.71 6.19 24.55
C LEU A 73 -12.01 5.17 23.63
N ASP A 74 -10.79 4.78 23.97
CA ASP A 74 -10.08 3.77 23.19
C ASP A 74 -10.75 2.38 23.24
N GLU A 75 -11.07 1.89 24.44
CA GLU A 75 -11.50 0.50 24.61
C GLU A 75 -12.98 0.30 24.30
N TYR A 76 -13.81 1.17 24.86
CA TYR A 76 -15.25 1.08 24.74
C TYR A 76 -15.79 1.61 23.40
N TYR A 77 -15.30 2.76 22.97
CA TYR A 77 -15.81 3.44 21.78
C TYR A 77 -15.04 3.01 20.52
N ASN A 78 -13.75 3.30 20.45
CA ASN A 78 -13.04 3.02 19.21
C ASN A 78 -12.83 1.54 18.91
N GLN A 79 -12.61 0.76 19.96
CA GLN A 79 -12.34 -0.65 19.78
C GLN A 79 -13.63 -1.47 19.80
N PHE A 80 -14.28 -1.56 20.94
CA PHE A 80 -15.39 -2.49 21.00
C PHE A 80 -16.61 -2.05 20.18
N SER A 81 -17.04 -0.79 20.34
CA SER A 81 -18.21 -0.31 19.62
C SER A 81 -17.93 -0.16 18.14
N ASN A 82 -16.82 0.50 17.80
CA ASN A 82 -16.52 0.87 16.41
C ASN A 82 -15.77 -0.17 15.59
N ALA A 83 -15.05 -1.07 16.27
CA ALA A 83 -14.26 -2.07 15.57
C ALA A 83 -14.63 -3.51 15.90
N VAL A 84 -15.71 -3.71 16.68
CA VAL A 84 -16.30 -5.04 16.88
C VAL A 84 -17.78 -5.05 16.53
N LEU A 85 -18.56 -4.23 17.23
CA LEU A 85 -20.01 -4.26 17.06
C LEU A 85 -20.43 -3.70 15.70
N TRP A 86 -19.89 -2.54 15.35
CA TRP A 86 -20.29 -1.89 14.10
C TRP A 86 -20.00 -2.77 12.87
N PRO A 87 -18.76 -3.27 12.76
CA PRO A 87 -18.54 -4.13 11.61
C PRO A 87 -19.34 -5.45 11.62
N ALA A 88 -19.43 -6.14 12.77
CA ALA A 88 -20.22 -7.38 12.86
C ALA A 88 -21.69 -7.18 12.44
N PHE A 89 -22.31 -6.13 13.00
CA PHE A 89 -23.71 -5.83 12.71
C PHE A 89 -23.92 -5.33 11.27
N HIS A 90 -22.85 -4.89 10.61
CA HIS A 90 -22.96 -4.55 9.20
C HIS A 90 -22.38 -5.66 8.29
N TYR A 91 -22.31 -6.87 8.85
CA TYR A 91 -21.93 -8.05 8.07
C TYR A 91 -20.48 -7.99 7.55
N ARG A 92 -19.58 -7.46 8.37
CA ARG A 92 -18.17 -7.35 8.00
C ARG A 92 -17.33 -8.00 9.09
N LEU A 93 -17.49 -9.31 9.24
CA LEU A 93 -16.69 -10.11 10.18
C LEU A 93 -15.20 -10.00 9.89
N ASP A 94 -14.88 -9.84 8.60
CA ASP A 94 -13.49 -9.66 8.16
C ASP A 94 -12.87 -8.40 8.77
N LEU A 95 -13.69 -7.47 9.23
CA LEU A 95 -13.18 -6.24 9.85
C LEU A 95 -13.20 -6.24 11.38
N VAL A 96 -13.82 -7.25 12.01
CA VAL A 96 -13.79 -7.26 13.47
C VAL A 96 -12.44 -7.51 14.11
N GLN A 97 -12.17 -6.73 15.14
CA GLN A 97 -10.95 -6.81 15.90
C GLN A 97 -11.27 -7.05 17.38
N PHE A 98 -11.72 -8.24 17.69
CA PHE A 98 -12.03 -8.55 19.09
C PHE A 98 -10.76 -8.77 19.87
N GLN A 99 -10.68 -8.14 21.04
CA GLN A 99 -9.62 -8.39 22.02
C GLN A 99 -10.26 -8.20 23.36
N ARG A 100 -9.82 -8.98 24.34
CA ARG A 100 -10.46 -9.00 25.67
C ARG A 100 -10.37 -7.70 26.50
N PRO A 101 -9.24 -6.96 26.45
CA PRO A 101 -9.29 -5.65 27.14
C PRO A 101 -10.37 -4.72 26.56
N ALA A 102 -10.66 -4.82 25.25
CA ALA A 102 -11.68 -3.96 24.68
C ALA A 102 -13.06 -4.35 25.21
N TRP A 103 -13.31 -5.64 25.33
CA TRP A 103 -14.55 -6.14 25.94
C TRP A 103 -14.68 -5.72 27.39
N ASP A 104 -13.64 -5.91 28.19
CA ASP A 104 -13.68 -5.51 29.60
C ASP A 104 -13.94 -4.00 29.75
N GLY A 105 -13.35 -3.19 28.86
CA GLY A 105 -13.56 -1.75 28.88
C GLY A 105 -14.97 -1.34 28.46
N TYR A 106 -15.52 -2.04 27.47
CA TYR A 106 -16.92 -1.86 27.09
C TYR A 106 -17.84 -2.06 28.29
N LEU A 107 -17.61 -3.14 29.04
CA LEU A 107 -18.40 -3.40 30.27
C LEU A 107 -18.09 -2.39 31.36
N ARG A 108 -16.85 -2.00 31.51
CA ARG A 108 -16.46 -1.05 32.54
C ARG A 108 -17.16 0.31 32.33
N VAL A 109 -17.16 0.85 31.11
CA VAL A 109 -17.86 2.13 30.91
C VAL A 109 -19.40 2.04 31.03
N ASN A 110 -19.98 0.92 30.59
CA ASN A 110 -21.43 0.73 30.77
C ASN A 110 -21.78 0.78 32.26
N ALA A 111 -20.97 0.12 33.09
CA ALA A 111 -21.17 0.10 34.54
C ALA A 111 -20.97 1.48 35.18
N LEU A 112 -19.97 2.22 34.72
CA LEU A 112 -19.74 3.54 35.30
C LEU A 112 -20.73 4.61 34.82
N LEU A 113 -21.27 4.45 33.60
CA LEU A 113 -22.35 5.33 33.15
C LEU A 113 -23.60 5.11 33.96
N ALA A 114 -23.86 3.84 34.28
CA ALA A 114 -24.99 3.46 35.16
C ALA A 114 -24.88 4.08 36.54
N ASP A 115 -23.67 4.10 37.09
CA ASP A 115 -23.39 4.72 38.40
C ASP A 115 -23.58 6.24 38.38
N LYS A 116 -23.26 6.87 37.26
CA LYS A 116 -23.38 8.31 37.11
C LYS A 116 -24.84 8.73 36.90
N LEU A 117 -25.65 7.88 36.26
CA LEU A 117 -27.04 8.20 35.98
C LEU A 117 -27.91 7.97 37.20
N LEU A 118 -27.56 6.92 37.95
CA LEU A 118 -28.40 6.43 39.05
C LEU A 118 -28.97 7.58 39.91
N PRO A 119 -28.11 8.48 40.42
CA PRO A 119 -28.64 9.56 41.28
C PRO A 119 -29.59 10.54 40.62
N LEU A 120 -29.60 10.60 39.28
CA LEU A 120 -30.48 11.51 38.56
C LEU A 120 -31.87 10.90 38.30
N LEU A 121 -32.02 9.60 38.55
CA LEU A 121 -33.28 8.91 38.26
C LEU A 121 -34.34 9.13 39.35
N GLN A 122 -35.60 9.09 38.91
CA GLN A 122 -36.75 9.17 39.81
C GLN A 122 -37.51 7.87 39.63
N ASP A 123 -38.26 7.47 40.66
CA ASP A 123 -38.94 6.18 40.72
C ASP A 123 -39.88 5.91 39.55
N ASP A 124 -40.54 6.96 39.08
CA ASP A 124 -41.49 6.81 37.99
C ASP A 124 -40.98 7.25 36.60
N ASP A 125 -39.69 7.54 36.48
CA ASP A 125 -39.09 7.81 35.15
C ASP A 125 -39.33 6.61 34.23
N ILE A 126 -39.56 6.89 32.96
CA ILE A 126 -39.40 5.86 31.94
C ILE A 126 -38.07 6.10 31.22
N ILE A 127 -37.36 5.01 30.98
CA ILE A 127 -35.98 5.10 30.54
C ILE A 127 -35.86 4.48 29.14
N TRP A 128 -35.27 5.24 28.22
CA TRP A 128 -35.14 4.81 26.81
C TRP A 128 -33.68 4.90 26.39
N ILE A 129 -33.04 3.73 26.27
CA ILE A 129 -31.63 3.57 25.94
C ILE A 129 -31.45 3.35 24.44
N HIS A 130 -30.47 4.01 23.83
CA HIS A 130 -30.30 3.90 22.39
C HIS A 130 -28.94 3.29 21.95
N ASP A 131 -29.04 2.25 21.13
CA ASP A 131 -27.98 1.79 20.24
C ASP A 131 -26.90 0.91 20.85
N TYR A 132 -26.04 0.39 19.98
CA TYR A 132 -25.10 -0.68 20.26
C TYR A 132 -24.04 -0.40 21.33
N HIS A 133 -23.78 0.88 21.62
CA HIS A 133 -22.83 1.22 22.67
C HIS A 133 -23.29 0.71 24.01
N LEU A 134 -24.59 0.51 24.16
CA LEU A 134 -25.21 0.37 25.49
C LEU A 134 -26.00 -0.92 25.67
N LEU A 135 -25.61 -1.97 24.93
CA LEU A 135 -26.29 -3.26 25.04
C LEU A 135 -26.39 -3.82 26.47
N PRO A 136 -25.37 -3.59 27.33
CA PRO A 136 -25.33 -4.09 28.72
C PRO A 136 -25.99 -3.17 29.73
N PHE A 137 -26.58 -2.06 29.26
CA PHE A 137 -26.98 -1.00 30.18
C PHE A 137 -28.15 -1.30 31.12
N ALA A 138 -29.20 -1.94 30.60
CA ALA A 138 -30.32 -2.41 31.40
C ALA A 138 -29.87 -3.38 32.50
N HIS A 139 -28.99 -4.33 32.15
CA HIS A 139 -28.39 -5.22 33.13
C HIS A 139 -27.73 -4.45 34.29
N GLU A 140 -26.94 -3.43 33.95
CA GLU A 140 -26.23 -2.62 34.94
C GLU A 140 -27.20 -1.83 35.82
N LEU A 141 -28.27 -1.31 35.23
CA LEU A 141 -29.32 -0.65 35.98
C LEU A 141 -30.10 -1.64 36.88
N ARG A 142 -30.43 -2.81 36.36
CA ARG A 142 -31.12 -3.84 37.16
C ARG A 142 -30.30 -4.20 38.41
N LYS A 143 -28.99 -4.43 38.22
CA LYS A 143 -28.06 -4.74 39.30
C LYS A 143 -28.02 -3.65 40.39
N ARG A 144 -28.31 -2.41 40.00
CA ARG A 144 -28.25 -1.28 40.92
C ARG A 144 -29.63 -0.97 41.49
N GLY A 145 -30.57 -1.87 41.24
CA GLY A 145 -31.89 -1.81 41.87
C GLY A 145 -32.98 -1.03 41.16
N VAL A 146 -32.76 -0.61 39.92
CA VAL A 146 -33.79 0.17 39.20
C VAL A 146 -34.89 -0.73 38.63
N ASN A 147 -36.13 -0.45 39.02
CA ASN A 147 -37.29 -1.24 38.60
C ASN A 147 -38.12 -0.55 37.56
N ASN A 148 -37.67 0.61 37.11
CA ASN A 148 -38.35 1.39 36.07
C ASN A 148 -38.59 0.62 34.79
N ARG A 149 -39.49 1.12 33.97
CA ARG A 149 -39.64 0.60 32.62
C ARG A 149 -38.42 1.05 31.86
N ILE A 150 -37.78 0.12 31.15
CA ILE A 150 -36.58 0.43 30.38
C ILE A 150 -36.73 -0.15 28.98
N GLY A 151 -36.68 0.71 27.98
CA GLY A 151 -36.73 0.27 26.62
C GLY A 151 -35.40 0.49 25.94
N PHE A 152 -35.18 -0.24 24.84
CA PHE A 152 -34.00 -0.17 24.03
C PHE A 152 -34.40 -0.06 22.56
N PHE A 153 -33.72 0.80 21.83
CA PHE A 153 -33.89 0.84 20.38
C PHE A 153 -32.54 0.69 19.69
N LEU A 154 -32.47 -0.25 18.75
CA LEU A 154 -31.28 -0.46 17.97
C LEU A 154 -31.43 0.27 16.66
N HIS A 155 -30.54 1.24 16.41
CA HIS A 155 -30.63 2.07 15.21
C HIS A 155 -30.01 1.43 13.99
N ILE A 156 -29.19 0.41 14.21
CA ILE A 156 -28.51 -0.28 13.15
C ILE A 156 -29.15 -1.65 12.89
N PRO A 157 -28.69 -2.38 11.83
CA PRO A 157 -29.26 -3.69 11.57
C PRO A 157 -28.87 -4.69 12.66
N PHE A 158 -29.74 -5.65 12.97
CA PHE A 158 -29.31 -6.78 13.79
C PHE A 158 -29.01 -7.95 12.83
N PRO A 159 -27.80 -8.51 12.87
CA PRO A 159 -27.39 -9.55 11.90
C PRO A 159 -27.91 -10.96 12.18
N THR A 160 -28.12 -11.77 11.14
CA THR A 160 -28.49 -13.18 11.30
C THR A 160 -27.50 -13.99 12.14
N PRO A 161 -27.95 -15.13 12.70
CA PRO A 161 -27.12 -15.98 13.58
C PRO A 161 -25.74 -16.37 13.01
N GLU A 162 -25.66 -16.68 11.73
CA GLU A 162 -24.37 -17.06 11.12
C GLU A 162 -23.33 -15.95 11.27
N ILE A 163 -23.78 -14.71 11.25
CA ILE A 163 -22.90 -13.57 11.52
C ILE A 163 -22.78 -13.27 13.04
N PHE A 164 -23.90 -13.13 13.73
CA PHE A 164 -23.90 -12.74 15.14
C PHE A 164 -23.16 -13.72 16.03
N ASN A 165 -23.38 -15.01 15.81
CA ASN A 165 -22.78 -16.04 16.66
C ASN A 165 -21.26 -16.13 16.56
N ALA A 166 -20.65 -15.46 15.58
CA ALA A 166 -19.19 -15.37 15.46
C ALA A 166 -18.55 -14.44 16.52
N LEU A 167 -19.34 -13.53 17.07
CA LEU A 167 -18.90 -12.67 18.17
C LEU A 167 -18.52 -13.53 19.38
N PRO A 168 -17.26 -13.44 19.86
CA PRO A 168 -16.85 -14.31 21.00
C PRO A 168 -17.72 -14.11 22.24
N THR A 169 -18.39 -12.98 22.29
CA THR A 169 -19.10 -12.62 23.48
C THR A 169 -20.64 -12.57 23.24
N TYR A 170 -21.06 -13.24 22.16
CA TYR A 170 -22.45 -13.12 21.70
C TYR A 170 -23.45 -13.54 22.77
N ASP A 171 -23.07 -14.52 23.59
CA ASP A 171 -24.03 -15.11 24.54
C ASP A 171 -24.37 -14.17 25.69
N THR A 172 -23.36 -13.51 26.24
CA THR A 172 -23.53 -12.44 27.24
C THR A 172 -24.36 -11.26 26.71
N LEU A 173 -24.07 -10.86 25.48
CA LEU A 173 -24.86 -9.83 24.78
C LEU A 173 -26.36 -10.15 24.74
N LEU A 174 -26.72 -11.37 24.31
CA LEU A 174 -28.16 -11.77 24.26
C LEU A 174 -28.82 -11.85 25.65
N GLU A 175 -28.10 -12.40 26.62
CA GLU A 175 -28.54 -12.41 28.03
C GLU A 175 -28.89 -11.00 28.47
N GLN A 176 -27.96 -10.06 28.30
CA GLN A 176 -28.18 -8.69 28.75
C GLN A 176 -29.29 -7.94 28.01
N LEU A 177 -29.46 -8.24 26.73
CA LEU A 177 -30.54 -7.64 25.94
C LEU A 177 -31.93 -7.98 26.49
N CYS A 178 -32.03 -9.17 27.10
CA CYS A 178 -33.28 -9.61 27.73
C CYS A 178 -33.60 -8.97 29.08
N ASP A 179 -32.68 -8.13 29.58
CA ASP A 179 -32.95 -7.25 30.73
C ASP A 179 -33.79 -5.99 30.45
N TYR A 180 -34.00 -5.68 29.18
CA TYR A 180 -34.86 -4.57 28.76
C TYR A 180 -36.34 -5.02 28.75
N ASP A 181 -37.27 -4.12 29.03
CA ASP A 181 -38.69 -4.47 28.97
C ASP A 181 -39.20 -4.47 27.52
N LEU A 182 -38.58 -3.64 26.68
CA LEU A 182 -39.04 -3.47 25.29
C LEU A 182 -37.82 -3.29 24.43
N LEU A 183 -37.80 -4.04 23.34
CA LEU A 183 -36.71 -3.97 22.35
C LEU A 183 -37.28 -3.52 21.04
N GLY A 184 -36.84 -2.36 20.56
CA GLY A 184 -37.29 -1.86 19.29
C GLY A 184 -36.26 -1.97 18.17
N PHE A 185 -36.74 -2.24 16.96
CA PHE A 185 -35.89 -2.42 15.78
C PHE A 185 -36.40 -1.60 14.59
N GLN A 186 -35.51 -1.29 13.66
CA GLN A 186 -35.82 -0.52 12.44
C GLN A 186 -36.72 -1.28 11.44
N THR A 187 -36.50 -2.59 11.34
CA THR A 187 -37.19 -3.42 10.35
C THR A 187 -37.57 -4.76 10.96
N GLU A 188 -38.50 -5.45 10.30
CA GLU A 188 -38.95 -6.76 10.72
C GLU A 188 -37.83 -7.81 10.66
N ASN A 189 -37.05 -7.81 9.58
CA ASN A 189 -35.91 -8.73 9.48
C ASN A 189 -34.94 -8.58 10.66
N ASP A 190 -34.67 -7.35 11.08
CA ASP A 190 -33.84 -7.10 12.28
C ASP A 190 -34.42 -7.77 13.53
N ARG A 191 -35.71 -7.54 13.78
CA ARG A 191 -36.38 -8.15 14.96
C ARG A 191 -36.37 -9.67 14.87
N LEU A 192 -36.64 -10.20 13.68
CA LEU A 192 -36.62 -11.66 13.47
C LEU A 192 -35.22 -12.26 13.67
N ALA A 193 -34.19 -11.55 13.25
CA ALA A 193 -32.80 -12.04 13.39
C ALA A 193 -32.43 -12.16 14.87
N PHE A 194 -32.83 -11.16 15.65
CA PHE A 194 -32.56 -11.19 17.10
C PHE A 194 -33.23 -12.39 17.77
N LEU A 195 -34.51 -12.57 17.50
CA LEU A 195 -35.26 -13.72 18.05
C LEU A 195 -34.66 -15.05 17.65
N ASP A 196 -34.23 -15.17 16.40
CA ASP A 196 -33.54 -16.35 15.85
C ASP A 196 -32.23 -16.62 16.62
N CYS A 197 -31.37 -15.60 16.76
CA CYS A 197 -30.15 -15.70 17.57
C CYS A 197 -30.45 -16.18 18.98
N LEU A 198 -31.47 -15.59 19.60
CA LEU A 198 -31.82 -15.91 20.97
C LEU A 198 -32.34 -17.36 21.07
N SER A 199 -33.06 -17.81 20.05
CA SER A 199 -33.61 -19.19 19.99
C SER A 199 -32.53 -20.27 19.89
N ASN A 200 -31.41 -19.94 19.22
CA ASN A 200 -30.26 -20.84 19.16
C ASN A 200 -29.65 -21.10 20.52
N LEU A 201 -29.79 -20.13 21.42
CA LEU A 201 -29.06 -20.15 22.68
C LEU A 201 -29.90 -20.75 23.79
N THR A 202 -31.18 -20.40 23.82
CA THR A 202 -32.06 -20.71 24.95
C THR A 202 -33.49 -20.89 24.46
N ARG A 203 -34.31 -21.56 25.26
CA ARG A 203 -35.73 -21.72 24.95
C ARG A 203 -36.46 -20.38 25.13
N VAL A 204 -37.05 -19.88 24.04
CA VAL A 204 -37.90 -18.69 24.17
C VAL A 204 -39.39 -18.98 23.99
N THR A 205 -40.19 -18.50 24.92
CA THR A 205 -41.64 -18.65 24.86
C THR A 205 -42.24 -17.38 24.31
N THR A 206 -43.07 -17.53 23.27
CA THR A 206 -43.91 -16.44 22.75
C THR A 206 -45.39 -16.81 22.91
N ARG A 207 -45.95 -16.54 24.08
CA ARG A 207 -47.34 -16.85 24.42
C ARG A 207 -48.37 -16.04 23.60
N SER A 208 -48.11 -14.74 23.41
CA SER A 208 -48.91 -13.91 22.48
C SER A 208 -48.01 -13.07 21.58
N ALA A 209 -48.65 -12.41 20.60
CA ALA A 209 -47.96 -11.61 19.58
C ALA A 209 -46.89 -10.68 20.15
N LYS A 210 -45.63 -10.94 19.77
CA LYS A 210 -44.48 -10.07 20.08
C LYS A 210 -44.19 -9.88 21.57
N SER A 211 -44.55 -10.89 22.36
CA SER A 211 -44.36 -10.90 23.81
C SER A 211 -43.70 -12.22 24.22
N HIS A 212 -42.55 -12.12 24.89
CA HIS A 212 -41.65 -13.26 25.02
C HIS A 212 -41.15 -13.49 26.44
N THR A 213 -40.60 -14.69 26.63
CA THR A 213 -39.90 -15.07 27.85
C THR A 213 -38.62 -15.85 27.51
N ALA A 214 -37.54 -15.58 28.24
CA ALA A 214 -36.29 -16.31 28.13
C ALA A 214 -35.56 -16.20 29.46
N TRP A 215 -35.04 -17.32 29.97
CA TRP A 215 -34.50 -17.39 31.34
C TRP A 215 -35.50 -16.76 32.35
N GLY A 216 -36.79 -16.98 32.13
CA GLY A 216 -37.81 -16.42 33.03
C GLY A 216 -37.93 -14.89 33.02
N LYS A 217 -37.30 -14.21 32.08
CA LYS A 217 -37.40 -12.75 32.01
C LYS A 217 -38.37 -12.39 30.92
N ALA A 218 -39.27 -11.47 31.21
CA ALA A 218 -40.28 -11.09 30.23
C ALA A 218 -39.84 -9.84 29.46
N PHE A 219 -40.02 -9.85 28.15
CA PHE A 219 -39.69 -8.68 27.31
C PHE A 219 -40.58 -8.66 26.08
N ARG A 220 -40.72 -7.50 25.45
CA ARG A 220 -41.47 -7.38 24.19
CA ARG A 220 -41.45 -7.42 24.18
C ARG A 220 -40.55 -6.93 23.07
N THR A 221 -40.89 -7.32 21.84
CA THR A 221 -40.21 -6.79 20.67
C THR A 221 -41.18 -6.07 19.77
N GLU A 222 -40.69 -5.10 19.01
CA GLU A 222 -41.56 -4.40 18.08
C GLU A 222 -40.71 -3.67 17.05
N VAL A 223 -41.29 -3.40 15.88
CA VAL A 223 -40.62 -2.66 14.81
C VAL A 223 -41.05 -1.19 14.85
N TYR A 224 -40.08 -0.26 14.87
CA TYR A 224 -40.40 1.17 14.80
C TYR A 224 -39.45 1.91 13.87
N PRO A 225 -39.79 1.96 12.57
CA PRO A 225 -38.90 2.60 11.62
C PRO A 225 -38.76 4.07 11.92
N ILE A 226 -37.54 4.53 12.14
CA ILE A 226 -37.32 5.90 12.51
C ILE A 226 -37.69 6.84 11.34
N GLY A 227 -38.11 8.06 11.68
CA GLY A 227 -38.59 9.02 10.69
C GLY A 227 -37.96 10.40 10.84
N ILE A 228 -38.48 11.36 10.08
CA ILE A 228 -37.95 12.73 10.09
C ILE A 228 -39.05 13.72 10.43
N GLU A 229 -38.76 15.02 10.37
CA GLU A 229 -39.78 16.08 10.47
C GLU A 229 -39.98 16.74 9.09
N PRO A 230 -40.93 16.21 8.28
CA PRO A 230 -41.10 16.64 6.88
C PRO A 230 -41.48 18.11 6.66
N LYS A 231 -42.33 18.67 7.52
CA LYS A 231 -42.77 20.06 7.32
C LYS A 231 -41.62 21.04 7.56
N GLU A 232 -40.81 20.77 8.59
CA GLU A 232 -39.61 21.55 8.86
C GLU A 232 -38.56 21.43 7.72
N ILE A 233 -38.41 20.25 7.14
CA ILE A 233 -37.48 20.07 6.03
C ILE A 233 -37.91 20.91 4.81
N ALA A 234 -39.20 20.89 4.49
CA ALA A 234 -39.76 21.74 3.44
C ALA A 234 -39.44 23.22 3.66
N LYS A 235 -39.70 23.71 4.88
CA LYS A 235 -39.36 25.08 5.24
C LYS A 235 -37.89 25.41 4.95
N GLN A 236 -36.97 24.65 5.54
CA GLN A 236 -35.57 24.97 5.38
C GLN A 236 -35.03 24.65 3.98
N ALA A 237 -35.68 23.75 3.26
CA ALA A 237 -35.34 23.49 1.85
C ALA A 237 -35.67 24.68 0.95
N ALA A 238 -36.80 25.33 1.23
CA ALA A 238 -37.29 26.48 0.44
C ALA A 238 -36.51 27.76 0.66
N GLY A 239 -35.75 27.83 1.75
CA GLY A 239 -34.93 28.99 2.06
C GLY A 239 -33.88 29.29 0.99
N PRO A 240 -33.37 30.53 0.95
CA PRO A 240 -32.45 30.93 -0.12
C PRO A 240 -31.03 30.45 0.15
N LEU A 241 -30.34 30.08 -0.92
CA LEU A 241 -28.96 29.62 -0.81
C LEU A 241 -28.08 30.72 -0.22
N PRO A 242 -27.08 30.33 0.59
CA PRO A 242 -26.06 31.27 1.05
C PRO A 242 -25.45 32.02 -0.12
N PRO A 243 -24.99 33.27 0.13
CA PRO A 243 -24.29 34.07 -0.86
C PRO A 243 -23.12 33.32 -1.51
N LYS A 244 -22.35 32.57 -0.72
CA LYS A 244 -21.22 31.79 -1.25
C LYS A 244 -21.67 30.78 -2.31
N LEU A 245 -22.75 30.04 -2.01
CA LEU A 245 -23.28 29.02 -2.91
C LEU A 245 -24.17 29.57 -4.04
N ALA A 246 -24.01 30.86 -4.34
CA ALA A 246 -24.66 31.47 -5.50
C ALA A 246 -23.93 31.03 -6.77
N GLN A 247 -22.60 31.01 -6.68
CA GLN A 247 -21.73 30.51 -7.76
C GLN A 247 -22.18 29.14 -8.27
N LEU A 248 -22.88 28.42 -7.40
CA LEU A 248 -23.39 27.10 -7.67
C LEU A 248 -24.72 27.14 -8.43
N LYS A 249 -25.60 28.07 -8.09
CA LYS A 249 -26.89 28.19 -8.79
C LYS A 249 -26.74 28.63 -10.27
N ALA A 250 -25.60 29.24 -10.60
CA ALA A 250 -25.27 29.58 -11.99
C ALA A 250 -24.85 28.36 -12.81
N GLU A 251 -24.07 27.48 -12.21
CA GLU A 251 -23.56 26.28 -12.87
C GLU A 251 -24.62 25.19 -13.11
N LEU A 252 -25.78 25.34 -12.48
CA LEU A 252 -26.75 24.24 -12.40
C LEU A 252 -27.81 24.18 -13.49
N LYS A 253 -27.95 25.23 -14.29
CA LYS A 253 -28.94 25.26 -15.37
C LYS A 253 -28.63 24.23 -16.46
N ASN A 254 -27.40 24.25 -16.96
CA ASN A 254 -26.94 23.25 -17.94
C ASN A 254 -26.69 21.80 -17.53
N VAL A 255 -25.92 21.61 -16.45
CA VAL A 255 -25.52 20.30 -15.91
C VAL A 255 -26.59 19.74 -14.96
N GLN A 256 -26.89 18.44 -15.11
CA GLN A 256 -27.74 17.75 -14.14
C GLN A 256 -26.86 17.23 -13.00
N ASN A 257 -27.28 17.46 -11.75
CA ASN A 257 -26.47 17.06 -10.59
CA ASN A 257 -26.51 17.06 -10.59
C ASN A 257 -27.02 15.79 -9.93
N ILE A 258 -26.11 14.86 -9.65
CA ILE A 258 -26.40 13.66 -8.86
C ILE A 258 -25.74 13.96 -7.53
N PHE A 259 -26.46 13.77 -6.44
CA PHE A 259 -25.94 14.17 -5.12
C PHE A 259 -26.01 13.04 -4.09
N SER A 260 -24.90 12.85 -3.37
CA SER A 260 -24.84 11.95 -2.24
C SER A 260 -24.20 12.63 -1.01
N VAL A 261 -24.64 12.22 0.16
CA VAL A 261 -24.08 12.74 1.40
C VAL A 261 -24.15 11.65 2.48
N GLU A 262 -23.01 11.39 3.11
CA GLU A 262 -22.96 10.46 4.23
C GLU A 262 -21.64 10.55 4.94
N ARG A 263 -21.60 9.96 6.13
CA ARG A 263 -20.35 9.75 6.81
C ARG A 263 -19.46 8.85 5.95
N LEU A 264 -18.17 9.13 5.98
CA LEU A 264 -17.22 8.28 5.27
C LEU A 264 -17.01 6.96 6.07
N ASP A 265 -17.90 6.00 5.83
CA ASP A 265 -18.00 4.71 6.56
C ASP A 265 -18.03 3.59 5.53
N TYR A 266 -17.42 2.43 5.84
CA TYR A 266 -17.40 1.33 4.86
C TYR A 266 -18.76 0.69 4.63
N SER A 267 -19.69 0.94 5.55
CA SER A 267 -21.09 0.53 5.37
C SER A 267 -21.80 1.27 4.22
N LYS A 268 -21.31 2.44 3.83
CA LYS A 268 -22.02 3.25 2.82
C LYS A 268 -21.66 2.87 1.36
N GLY A 269 -20.71 1.97 1.14
CA GLY A 269 -20.44 1.50 -0.23
C GLY A 269 -20.01 2.59 -1.23
N LEU A 270 -19.24 3.55 -0.75
CA LEU A 270 -18.72 4.66 -1.54
C LEU A 270 -17.78 4.29 -2.72
N PRO A 271 -16.81 3.37 -2.52
CA PRO A 271 -16.03 2.91 -3.69
C PRO A 271 -16.93 2.27 -4.75
N GLU A 272 -17.92 1.49 -4.33
CA GLU A 272 -18.90 0.87 -5.23
C GLU A 272 -19.72 1.91 -5.96
N ARG A 273 -20.11 2.95 -5.26
CA ARG A 273 -20.84 4.03 -5.87
C ARG A 273 -20.01 4.77 -6.94
N PHE A 274 -18.75 5.05 -6.63
CA PHE A 274 -17.83 5.69 -7.58
C PHE A 274 -17.68 4.83 -8.83
N LEU A 275 -17.67 3.50 -8.67
CA LEU A 275 -17.55 2.57 -9.82
C LEU A 275 -18.82 2.54 -10.67
N ALA A 276 -19.96 2.74 -10.01
CA ALA A 276 -21.24 2.87 -10.73
C ALA A 276 -21.26 4.15 -11.57
N TYR A 277 -20.77 5.24 -10.98
CA TYR A 277 -20.69 6.51 -11.70
C TYR A 277 -19.70 6.41 -12.87
N GLU A 278 -18.58 5.74 -12.67
CA GLU A 278 -17.66 5.49 -13.76
C GLU A 278 -18.35 4.73 -14.89
N ALA A 279 -19.11 3.69 -14.56
CA ALA A 279 -19.84 2.90 -15.55
C ALA A 279 -20.84 3.76 -16.35
N LEU A 280 -21.48 4.71 -15.68
CA LEU A 280 -22.39 5.63 -16.32
C LEU A 280 -21.62 6.44 -17.36
N LEU A 281 -20.46 6.96 -16.96
CA LEU A 281 -19.65 7.78 -17.85
C LEU A 281 -19.12 6.98 -19.03
N GLU A 282 -18.69 5.76 -18.75
CA GLU A 282 -18.09 4.88 -19.73
C GLU A 282 -19.12 4.38 -20.79
N LYS A 283 -20.33 4.06 -20.34
CA LYS A 283 -21.28 3.33 -21.15
C LYS A 283 -22.37 4.23 -21.78
N TYR A 284 -22.48 5.49 -21.29
CA TYR A 284 -23.50 6.44 -21.72
C TYR A 284 -22.85 7.76 -22.20
N PRO A 285 -22.12 7.72 -23.34
CA PRO A 285 -21.45 8.89 -23.90
C PRO A 285 -22.33 10.13 -24.02
N GLN A 286 -23.64 9.95 -24.22
CA GLN A 286 -24.54 11.10 -24.29
C GLN A 286 -24.53 12.01 -23.02
N HIS A 287 -24.01 11.53 -21.90
CA HIS A 287 -24.00 12.38 -20.70
C HIS A 287 -22.67 13.12 -20.48
N HIS A 288 -21.67 12.84 -21.32
CA HIS A 288 -20.36 13.46 -21.21
CA HIS A 288 -20.38 13.49 -21.11
C HIS A 288 -20.47 15.01 -21.24
N GLY A 289 -19.82 15.68 -20.30
CA GLY A 289 -19.91 17.13 -20.15
C GLY A 289 -21.25 17.66 -19.66
N LYS A 290 -22.22 16.79 -19.40
CA LYS A 290 -23.54 17.29 -19.06
C LYS A 290 -24.07 16.89 -17.67
N ILE A 291 -23.27 16.11 -16.93
CA ILE A 291 -23.69 15.69 -15.62
C ILE A 291 -22.61 15.92 -14.60
N ARG A 292 -23.01 15.87 -13.35
CA ARG A 292 -22.06 16.00 -12.29
C ARG A 292 -22.52 15.16 -11.12
N TYR A 293 -21.55 14.52 -10.49
CA TYR A 293 -21.84 13.76 -9.29
C TYR A 293 -21.09 14.43 -8.14
N THR A 294 -21.82 14.85 -7.12
CA THR A 294 -21.22 15.44 -5.94
C THR A 294 -21.41 14.50 -4.75
N GLN A 295 -20.30 14.13 -4.14
CA GLN A 295 -20.32 13.27 -2.98
C GLN A 295 -19.78 14.06 -1.80
N ILE A 296 -20.61 14.24 -0.78
CA ILE A 296 -20.12 14.81 0.49
C ILE A 296 -19.88 13.65 1.44
N ALA A 297 -18.69 13.56 2.02
CA ALA A 297 -18.38 12.49 2.94
C ALA A 297 -17.42 12.95 4.02
N PRO A 298 -17.97 13.50 5.12
CA PRO A 298 -17.11 13.90 6.24
C PRO A 298 -16.48 12.69 6.89
N THR A 299 -15.27 12.89 7.41
CA THR A 299 -14.56 11.84 8.11
C THR A 299 -15.31 11.47 9.37
N SER A 300 -15.35 10.18 9.64
CA SER A 300 -16.02 9.64 10.82
C SER A 300 -15.06 8.58 11.38
N ARG A 301 -14.85 8.62 12.70
CA ARG A 301 -14.05 7.61 13.42
C ARG A 301 -12.67 7.39 12.83
N GLY A 302 -11.99 8.52 12.60
CA GLY A 302 -10.75 8.58 11.85
C GLY A 302 -9.55 7.86 12.45
N ASP A 303 -9.63 7.50 13.73
CA ASP A 303 -8.52 6.76 14.36
C ASP A 303 -8.66 5.23 14.34
N VAL A 304 -9.71 4.72 13.69
CA VAL A 304 -9.90 3.28 13.51
C VAL A 304 -9.35 2.92 12.15
N GLN A 305 -8.47 1.91 12.10
CA GLN A 305 -7.75 1.53 10.87
C GLN A 305 -8.65 1.31 9.64
N ALA A 306 -9.70 0.51 9.81
CA ALA A 306 -10.66 0.24 8.75
C ALA A 306 -11.24 1.54 8.12
N TYR A 307 -11.44 2.55 8.96
CA TYR A 307 -11.93 3.84 8.49
C TYR A 307 -10.85 4.62 7.73
N GLN A 308 -9.61 4.55 8.21
CA GLN A 308 -8.48 5.13 7.47
C GLN A 308 -8.33 4.49 6.08
N ASP A 309 -8.48 3.16 5.99
CA ASP A 309 -8.32 2.45 4.71
C ASP A 309 -9.36 2.90 3.69
N ILE A 310 -10.63 2.97 4.10
CA ILE A 310 -11.67 3.29 3.14
C ILE A 310 -11.54 4.73 2.62
N ARG A 311 -11.09 5.64 3.48
CA ARG A 311 -10.82 7.02 3.09
C ARG A 311 -9.71 7.16 2.05
N HIS A 312 -8.60 6.45 2.24
CA HIS A 312 -7.52 6.45 1.26
C HIS A 312 -8.00 5.85 -0.07
N GLN A 313 -8.79 4.79 0.00
CA GLN A 313 -9.36 4.19 -1.21
C GLN A 313 -10.23 5.19 -1.96
N LEU A 314 -10.98 5.99 -1.24
CA LEU A 314 -11.88 6.94 -1.88
C LEU A 314 -11.12 8.11 -2.51
N GLU A 315 -10.06 8.57 -1.86
CA GLU A 315 -9.16 9.57 -2.44
C GLU A 315 -8.60 9.11 -3.78
N ASN A 316 -8.09 7.88 -3.81
CA ASN A 316 -7.56 7.32 -5.05
C ASN A 316 -8.61 7.22 -6.15
N GLU A 317 -9.80 6.79 -5.80
CA GLU A 317 -10.85 6.61 -6.79
C GLU A 317 -11.30 7.94 -7.41
N ALA A 318 -11.37 8.99 -6.59
CA ALA A 318 -11.74 10.33 -7.08
C ALA A 318 -10.69 10.87 -8.06
N GLY A 319 -9.43 10.68 -7.70
CA GLY A 319 -8.31 11.06 -8.55
C GLY A 319 -8.26 10.30 -9.86
N ARG A 320 -8.45 8.97 -9.81
CA ARG A 320 -8.42 8.13 -11.01
C ARG A 320 -9.56 8.47 -11.97
N ILE A 321 -10.78 8.60 -11.45
CA ILE A 321 -11.95 8.79 -12.32
C ILE A 321 -11.93 10.18 -12.97
N ASN A 322 -11.60 11.20 -12.20
CA ASN A 322 -11.48 12.53 -12.78
C ASN A 322 -10.30 12.61 -13.76
N GLY A 323 -9.22 11.91 -13.47
CA GLY A 323 -8.02 11.90 -14.34
C GLY A 323 -8.26 11.23 -15.69
N LYS A 324 -9.18 10.26 -15.71
CA LYS A 324 -9.47 9.50 -16.92
C LYS A 324 -10.60 10.14 -17.71
N TYR A 325 -11.67 10.60 -17.05
CA TYR A 325 -12.85 11.11 -17.77
C TYR A 325 -12.97 12.63 -17.77
N GLY A 326 -12.20 13.32 -16.93
CA GLY A 326 -12.25 14.78 -16.91
C GLY A 326 -11.84 15.44 -18.23
N GLN A 327 -12.32 16.66 -18.41
CA GLN A 327 -11.97 17.53 -19.52
C GLN A 327 -11.40 18.82 -18.94
N LEU A 328 -10.84 19.65 -19.80
CA LEU A 328 -10.31 20.97 -19.43
C LEU A 328 -11.35 21.83 -18.76
N GLY A 329 -12.59 21.76 -19.24
CA GLY A 329 -13.65 22.57 -18.66
C GLY A 329 -14.80 21.81 -18.02
N TRP A 330 -14.54 20.58 -17.55
CA TRP A 330 -15.56 19.77 -16.88
C TRP A 330 -14.91 18.67 -16.03
N THR A 331 -15.10 18.78 -14.72
CA THR A 331 -14.75 17.76 -13.76
C THR A 331 -16.00 16.91 -13.43
N PRO A 332 -15.99 15.62 -13.78
CA PRO A 332 -17.22 14.86 -13.58
C PRO A 332 -17.64 14.60 -12.12
N LEU A 333 -16.67 14.55 -11.20
CA LEU A 333 -16.93 14.12 -9.83
C LEU A 333 -16.42 15.12 -8.79
N TYR A 334 -17.32 15.64 -7.96
CA TYR A 334 -16.96 16.59 -6.92
C TYR A 334 -16.97 15.85 -5.59
N TYR A 335 -15.79 15.47 -5.08
CA TYR A 335 -15.69 14.79 -3.79
C TYR A 335 -15.22 15.77 -2.72
N LEU A 336 -16.01 15.89 -1.67
CA LEU A 336 -15.74 16.83 -0.59
C LEU A 336 -15.69 16.06 0.74
N ASN A 337 -14.49 15.98 1.31
CA ASN A 337 -14.29 15.21 2.53
C ASN A 337 -14.50 16.16 3.70
N GLN A 338 -15.73 16.66 3.83
CA GLN A 338 -16.04 17.79 4.67
C GLN A 338 -17.42 17.69 5.25
N HIS A 339 -17.60 18.34 6.40
CA HIS A 339 -18.89 18.37 7.05
C HIS A 339 -19.72 19.59 6.58
N PHE A 340 -21.02 19.39 6.40
CA PHE A 340 -21.93 20.46 5.97
C PHE A 340 -23.11 20.58 6.93
N ASP A 341 -23.50 21.83 7.21
CA ASP A 341 -24.67 22.11 8.05
C ASP A 341 -25.89 21.42 7.45
N ARG A 342 -26.65 20.75 8.32
CA ARG A 342 -27.84 20.02 7.92
C ARG A 342 -28.85 20.88 7.14
N LYS A 343 -29.07 22.11 7.62
CA LYS A 343 -29.95 23.08 6.95
C LYS A 343 -29.54 23.37 5.51
N LEU A 344 -28.26 23.56 5.28
CA LEU A 344 -27.73 23.75 3.92
C LEU A 344 -27.92 22.50 3.02
N LEU A 345 -27.81 21.30 3.60
CA LEU A 345 -28.02 20.09 2.83
C LEU A 345 -29.42 20.05 2.24
N MET A 346 -30.40 20.52 3.01
CA MET A 346 -31.79 20.53 2.55
C MET A 346 -31.95 21.31 1.25
N LYS A 347 -31.26 22.44 1.14
CA LYS A 347 -31.37 23.28 -0.04
C LYS A 347 -30.68 22.61 -1.23
N ILE A 348 -29.58 21.91 -0.97
CA ILE A 348 -28.89 21.15 -2.02
C ILE A 348 -29.71 19.96 -2.52
N PHE A 349 -30.37 19.23 -1.62
CA PHE A 349 -31.29 18.16 -2.04
C PHE A 349 -32.32 18.75 -3.01
N ARG A 350 -32.87 19.90 -2.65
CA ARG A 350 -33.92 20.51 -3.46
C ARG A 350 -33.49 20.81 -4.91
N TYR A 351 -32.29 21.33 -5.11
CA TYR A 351 -31.94 21.64 -6.48
C TYR A 351 -31.20 20.51 -7.20
N SER A 352 -30.95 19.40 -6.50
CA SER A 352 -30.34 18.22 -7.11
C SER A 352 -31.33 17.34 -7.84
N ASP A 353 -31.02 17.04 -9.09
CA ASP A 353 -31.88 16.21 -9.92
C ASP A 353 -31.99 14.75 -9.45
N VAL A 354 -30.91 14.20 -8.90
CA VAL A 354 -30.89 12.82 -8.44
C VAL A 354 -30.26 12.73 -7.05
N GLY A 355 -30.91 12.00 -6.15
CA GLY A 355 -30.31 11.66 -4.87
C GLY A 355 -29.87 10.20 -4.89
N LEU A 356 -28.58 9.97 -4.71
CA LEU A 356 -28.02 8.63 -4.84
C LEU A 356 -27.66 8.11 -3.46
N VAL A 357 -28.47 7.19 -2.95
CA VAL A 357 -28.26 6.67 -1.60
C VAL A 357 -28.11 5.15 -1.71
N THR A 358 -26.88 4.67 -1.80
CA THR A 358 -26.70 3.25 -2.04
C THR A 358 -25.78 2.54 -1.07
N PRO A 359 -26.12 2.57 0.23
CA PRO A 359 -25.29 1.85 1.19
C PRO A 359 -25.35 0.32 1.00
N LEU A 360 -24.28 -0.35 1.38
CA LEU A 360 -24.20 -1.81 1.34
C LEU A 360 -25.03 -2.43 2.47
N ARG A 361 -25.14 -1.69 3.58
CA ARG A 361 -25.91 -2.11 4.75
C ARG A 361 -26.20 -0.86 5.61
N ASP A 362 -27.48 -0.60 5.93
CA ASP A 362 -27.86 0.57 6.71
C ASP A 362 -29.13 0.33 7.54
N GLY A 363 -29.11 0.77 8.80
CA GLY A 363 -30.25 0.57 9.71
C GLY A 363 -31.54 1.15 9.15
N MET A 364 -31.44 2.38 8.65
CA MET A 364 -32.56 3.02 8.00
C MET A 364 -32.04 3.90 6.86
N ASN A 365 -31.30 4.93 7.25
CA ASN A 365 -30.76 5.97 6.37
C ASN A 365 -31.76 7.13 6.21
N LEU A 366 -31.52 8.20 6.95
CA LEU A 366 -32.45 9.31 7.02
C LEU A 366 -32.21 10.19 5.81
N VAL A 367 -30.98 10.18 5.30
CA VAL A 367 -30.67 10.98 4.12
C VAL A 367 -31.66 10.70 2.99
N ALA A 368 -31.96 9.41 2.75
CA ALA A 368 -32.98 9.01 1.78
C ALA A 368 -34.31 9.72 2.03
N LYS A 369 -34.76 9.73 3.29
CA LYS A 369 -36.03 10.40 3.60
C LYS A 369 -35.95 11.92 3.49
N GLU A 370 -34.86 12.50 3.97
CA GLU A 370 -34.63 13.93 3.90
C GLU A 370 -34.68 14.41 2.45
N TYR A 371 -34.04 13.67 1.55
CA TYR A 371 -34.03 14.00 0.13
C TYR A 371 -35.47 14.12 -0.41
N VAL A 372 -36.32 13.12 -0.18
CA VAL A 372 -37.68 13.29 -0.66
C VAL A 372 -38.46 14.44 0.00
N ALA A 373 -38.31 14.63 1.30
CA ALA A 373 -39.01 15.71 1.99
C ALA A 373 -38.61 17.10 1.49
N ALA A 374 -37.36 17.26 1.08
CA ALA A 374 -36.85 18.56 0.60
C ALA A 374 -37.25 18.94 -0.83
N GLN A 375 -37.85 18.03 -1.58
CA GLN A 375 -38.10 18.30 -2.99
C GLN A 375 -39.23 19.32 -3.14
N ASP A 376 -39.12 20.16 -4.16
CA ASP A 376 -40.23 20.98 -4.67
C ASP A 376 -41.28 20.05 -5.30
N PRO A 377 -42.49 19.99 -4.71
CA PRO A 377 -43.49 19.05 -5.26
C PRO A 377 -43.92 19.32 -6.70
N ALA A 378 -43.67 20.53 -7.22
CA ALA A 378 -44.02 20.87 -8.60
C ALA A 378 -42.93 20.47 -9.61
N ASN A 379 -41.73 20.13 -9.12
CA ASN A 379 -40.61 19.66 -9.97
C ASN A 379 -39.59 18.85 -9.12
N PRO A 380 -40.01 17.66 -8.65
CA PRO A 380 -39.15 16.89 -7.73
C PRO A 380 -38.07 16.08 -8.45
N GLY A 381 -36.88 16.04 -7.83
CA GLY A 381 -35.83 15.12 -8.27
C GLY A 381 -36.16 13.67 -7.91
N VAL A 382 -35.25 12.75 -8.28
CA VAL A 382 -35.46 11.30 -8.21
C VAL A 382 -34.52 10.58 -7.20
N LEU A 383 -35.09 9.70 -6.37
CA LEU A 383 -34.30 8.95 -5.42
C LEU A 383 -33.88 7.61 -6.00
N VAL A 384 -32.57 7.34 -6.02
CA VAL A 384 -32.03 6.01 -6.31
C VAL A 384 -31.56 5.38 -5.00
N LEU A 385 -32.10 4.23 -4.65
CA LEU A 385 -31.88 3.70 -3.33
C LEU A 385 -31.46 2.24 -3.31
N SER A 386 -30.50 1.94 -2.46
CA SER A 386 -30.06 0.57 -2.24
C SER A 386 -31.14 -0.29 -1.55
N GLN A 387 -31.34 -1.51 -2.06
CA GLN A 387 -32.23 -2.51 -1.47
C GLN A 387 -31.77 -2.97 -0.07
N PHE A 388 -30.53 -2.66 0.30
CA PHE A 388 -30.01 -3.04 1.62
C PHE A 388 -30.16 -1.93 2.67
N ALA A 389 -30.70 -0.79 2.26
CA ALA A 389 -31.05 0.23 3.22
C ALA A 389 -32.39 -0.12 3.89
N GLY A 390 -32.48 0.04 5.20
CA GLY A 390 -33.75 -0.17 5.91
C GLY A 390 -34.92 0.66 5.37
N ALA A 391 -34.62 1.84 4.84
CA ALA A 391 -35.62 2.71 4.22
C ALA A 391 -36.26 2.12 2.96
N ALA A 392 -35.58 1.18 2.31
CA ALA A 392 -36.14 0.52 1.11
C ALA A 392 -37.45 -0.22 1.41
N ASN A 393 -37.65 -0.61 2.67
CA ASN A 393 -38.90 -1.28 3.09
C ASN A 393 -40.11 -0.37 2.97
N GLU A 394 -39.89 0.91 3.20
CA GLU A 394 -40.94 1.93 3.12
C GLU A 394 -40.95 2.65 1.79
N LEU A 395 -39.75 2.97 1.27
CA LEU A 395 -39.64 3.84 0.09
C LEU A 395 -39.67 3.04 -1.23
N THR A 396 -40.82 2.42 -1.41
CA THR A 396 -41.06 1.48 -2.47
C THR A 396 -41.11 2.10 -3.90
N SER A 397 -41.47 3.38 -3.99
CA SER A 397 -41.42 4.07 -5.29
C SER A 397 -40.08 4.75 -5.61
N ALA A 398 -39.05 4.49 -4.80
CA ALA A 398 -37.69 4.86 -5.18
C ALA A 398 -37.23 3.88 -6.24
N LEU A 399 -36.18 4.26 -6.98
CA LEU A 399 -35.52 3.34 -7.90
C LEU A 399 -34.61 2.44 -7.04
N ILE A 400 -35.04 1.20 -6.82
CA ILE A 400 -34.32 0.27 -5.95
C ILE A 400 -33.25 -0.49 -6.71
N VAL A 401 -32.02 -0.52 -6.18
CA VAL A 401 -30.89 -1.17 -6.85
C VAL A 401 -30.02 -2.04 -5.94
N ASN A 402 -29.28 -2.97 -6.55
CA ASN A 402 -28.27 -3.76 -5.85
C ASN A 402 -26.93 -3.11 -6.17
N PRO A 403 -26.27 -2.50 -5.18
CA PRO A 403 -24.97 -1.82 -5.42
C PRO A 403 -23.82 -2.74 -5.83
N TYR A 404 -23.96 -4.06 -5.65
CA TYR A 404 -22.92 -4.99 -6.11
C TYR A 404 -22.88 -5.15 -7.64
N ASP A 405 -23.90 -4.63 -8.32
CA ASP A 405 -23.97 -4.64 -9.80
C ASP A 405 -23.93 -3.19 -10.27
N ARG A 406 -22.72 -2.71 -10.55
CA ARG A 406 -22.52 -1.28 -10.89
C ARG A 406 -23.27 -0.86 -12.16
N ASP A 407 -23.48 -1.80 -13.07
CA ASP A 407 -24.27 -1.51 -14.28
C ASP A 407 -25.76 -1.33 -13.96
N GLU A 408 -26.27 -2.08 -12.97
CA GLU A 408 -27.64 -1.89 -12.52
C GLU A 408 -27.79 -0.50 -11.88
N VAL A 409 -26.82 -0.09 -11.06
CA VAL A 409 -26.84 1.25 -10.50
C VAL A 409 -26.78 2.33 -11.60
N ALA A 410 -25.87 2.17 -12.56
CA ALA A 410 -25.74 3.12 -13.67
C ALA A 410 -27.01 3.25 -14.51
N ALA A 411 -27.70 2.13 -14.73
CA ALA A 411 -28.98 2.13 -15.44
C ALA A 411 -30.06 2.91 -14.69
N ALA A 412 -30.11 2.76 -13.36
CA ALA A 412 -31.01 3.55 -12.50
C ALA A 412 -30.71 5.04 -12.55
N LEU A 413 -29.43 5.41 -12.54
CA LEU A 413 -29.01 6.81 -12.70
C LEU A 413 -29.42 7.41 -14.04
N ASP A 414 -29.18 6.68 -15.13
CA ASP A 414 -29.65 7.13 -16.44
C ASP A 414 -31.18 7.30 -16.50
N ARG A 415 -31.88 6.34 -15.90
CA ARG A 415 -33.34 6.39 -15.84
C ARG A 415 -33.79 7.59 -15.01
N ALA A 416 -33.18 7.78 -13.84
CA ALA A 416 -33.44 8.95 -13.00
C ALA A 416 -33.18 10.26 -13.74
N LEU A 417 -32.08 10.34 -14.49
CA LEU A 417 -31.70 11.57 -15.17
C LEU A 417 -32.67 11.99 -16.29
N THR A 418 -33.40 11.04 -16.86
CA THR A 418 -34.23 11.32 -18.03
C THR A 418 -35.73 11.18 -17.72
N MET A 419 -36.07 10.90 -16.46
CA MET A 419 -37.45 10.68 -16.05
C MET A 419 -38.35 11.90 -16.31
N SER A 420 -39.51 11.64 -16.89
CA SER A 420 -40.49 12.70 -17.17
C SER A 420 -41.08 13.24 -15.88
N LEU A 421 -41.52 14.49 -15.93
CA LEU A 421 -42.12 15.21 -14.81
C LEU A 421 -43.31 14.49 -14.15
N ALA A 422 -44.19 13.93 -14.98
CA ALA A 422 -45.34 13.18 -14.48
C ALA A 422 -44.91 11.93 -13.72
N GLU A 423 -43.88 11.22 -14.19
CA GLU A 423 -43.43 10.06 -13.42
C GLU A 423 -42.70 10.51 -12.14
N ARG A 424 -41.96 11.62 -12.24
CA ARG A 424 -41.23 12.18 -11.09
C ARG A 424 -42.15 12.59 -9.95
N ILE A 425 -43.22 13.34 -10.27
CA ILE A 425 -44.27 13.75 -9.31
C ILE A 425 -44.95 12.55 -8.65
N SER A 426 -45.29 11.56 -9.45
CA SER A 426 -45.99 10.38 -8.95
C SER A 426 -45.12 9.57 -7.97
N ARG A 427 -43.87 9.28 -8.35
CA ARG A 427 -42.98 8.57 -7.44
C ARG A 427 -42.75 9.42 -6.19
N HIS A 428 -42.55 10.72 -6.36
CA HIS A 428 -42.30 11.59 -5.21
C HIS A 428 -43.46 11.67 -4.24
N ALA A 429 -44.69 11.78 -4.76
CA ALA A 429 -45.87 11.92 -3.92
C ALA A 429 -46.13 10.65 -3.08
N GLU A 430 -45.95 9.49 -3.70
CA GLU A 430 -46.15 8.22 -3.01
C GLU A 430 -45.15 8.09 -1.87
N MET A 431 -43.92 8.52 -2.10
CA MET A 431 -42.90 8.42 -1.07
C MET A 431 -43.12 9.42 0.05
N LEU A 432 -43.49 10.64 -0.33
CA LEU A 432 -43.75 11.68 0.65
C LEU A 432 -44.91 11.29 1.58
N ASP A 433 -45.99 10.77 1.02
CA ASP A 433 -47.07 10.22 1.86
C ASP A 433 -46.62 9.24 2.99
N VAL A 434 -45.72 8.31 2.65
CA VAL A 434 -45.23 7.33 3.64
C VAL A 434 -44.43 8.05 4.76
N ILE A 435 -43.60 8.98 4.35
CA ILE A 435 -42.73 9.74 5.22
C ILE A 435 -43.50 10.70 6.16
N VAL A 436 -44.58 11.26 5.64
CA VAL A 436 -45.47 12.15 6.38
C VAL A 436 -46.24 11.37 7.46
N LYS A 437 -46.77 10.20 7.10
CA LYS A 437 -47.53 9.33 8.01
C LYS A 437 -46.68 8.68 9.09
N ASN A 438 -45.40 8.42 8.82
CA ASN A 438 -44.54 7.89 9.86
C ASN A 438 -43.42 8.85 10.14
N ASP A 439 -43.74 10.01 10.72
CA ASP A 439 -42.72 11.00 11.00
C ASP A 439 -42.12 10.76 12.36
N ILE A 440 -41.12 11.58 12.74
CA ILE A 440 -40.44 11.37 14.01
C ILE A 440 -41.41 11.42 15.20
N ASN A 441 -42.46 12.22 15.08
CA ASN A 441 -43.52 12.30 16.08
C ASN A 441 -44.26 10.96 16.30
N HIS A 442 -44.75 10.39 15.21
CA HIS A 442 -45.40 9.10 15.25
C HIS A 442 -44.45 8.05 15.88
N TRP A 443 -43.16 8.09 15.50
CA TRP A 443 -42.16 7.13 16.00
C TRP A 443 -42.07 7.14 17.52
N GLN A 444 -41.75 8.31 18.05
CA GLN A 444 -41.68 8.56 19.50
C GLN A 444 -43.00 8.15 20.18
N GLU A 445 -44.10 8.58 19.59
CA GLU A 445 -45.44 8.34 20.17
C GLU A 445 -45.71 6.83 20.36
N CYS A 446 -45.35 6.02 19.36
CA CYS A 446 -45.61 4.56 19.39
C CYS A 446 -44.72 3.84 20.38
N PHE A 447 -43.45 4.23 20.44
CA PHE A 447 -42.51 3.52 21.27
C PHE A 447 -42.80 3.80 22.75
N ILE A 448 -43.02 5.07 23.08
CA ILE A 448 -43.27 5.52 24.46
C ILE A 448 -44.59 4.94 24.96
N SER A 449 -45.61 5.00 24.12
CA SER A 449 -46.91 4.41 24.43
C SER A 449 -46.78 2.90 24.69
N ASP A 450 -46.06 2.16 23.83
CA ASP A 450 -45.82 0.71 24.06
C ASP A 450 -45.05 0.47 25.36
N LEU A 451 -44.04 1.29 25.65
CA LEU A 451 -43.25 1.12 26.88
C LEU A 451 -44.07 1.36 28.15
N LYS A 452 -44.92 2.38 28.13
CA LYS A 452 -45.73 2.72 29.30
C LYS A 452 -46.77 1.65 29.61
N GLN A 453 -47.06 0.78 28.63
CA GLN A 453 -48.03 -0.29 28.81
C GLN A 453 -47.50 -1.37 29.72
N ILE A 454 -46.17 -1.46 29.82
CA ILE A 454 -45.51 -2.56 30.52
C ILE A 454 -45.45 -2.37 32.03
N VAL A 455 -45.80 -3.42 32.76
CA VAL A 455 -45.59 -3.44 34.19
C VAL A 455 -44.36 -4.30 34.46
N PRO A 456 -43.26 -3.68 34.88
CA PRO A 456 -41.96 -4.37 35.02
C PRO A 456 -41.96 -5.30 36.24
N ARG A 457 -40.80 -5.90 36.52
CA ARG A 457 -40.62 -6.71 37.73
C ARG A 457 -39.89 -5.92 38.83
N SER B 2 -27.13 -47.98 -14.06
CA SER B 2 -25.86 -48.77 -14.12
C SER B 2 -24.68 -47.83 -13.88
N ARG B 3 -24.16 -47.24 -14.95
CA ARG B 3 -22.88 -46.52 -14.90
C ARG B 3 -22.95 -45.12 -14.27
N LEU B 4 -21.99 -44.86 -13.37
CA LEU B 4 -21.84 -43.57 -12.72
C LEU B 4 -20.96 -42.62 -13.54
N VAL B 5 -21.50 -41.46 -13.91
CA VAL B 5 -20.74 -40.39 -14.56
C VAL B 5 -20.52 -39.27 -13.55
N VAL B 6 -19.27 -39.04 -13.18
CA VAL B 6 -18.89 -37.98 -12.24
C VAL B 6 -18.35 -36.79 -13.04
N VAL B 7 -18.82 -35.60 -12.72
CA VAL B 7 -18.34 -34.36 -13.36
C VAL B 7 -17.87 -33.37 -12.31
N SER B 8 -16.63 -32.93 -12.44
CA SER B 8 -16.08 -31.87 -11.60
C SER B 8 -15.09 -31.04 -12.39
N ASN B 9 -14.91 -29.78 -11.98
CA ASN B 9 -13.86 -28.94 -12.56
C ASN B 9 -12.50 -29.56 -12.31
N ARG B 10 -12.07 -29.48 -11.05
CA ARG B 10 -10.80 -30.06 -10.64
C ARG B 10 -10.93 -31.58 -10.60
N ILE B 11 -10.01 -32.26 -11.29
CA ILE B 11 -9.90 -33.71 -11.21
C ILE B 11 -8.63 -34.10 -10.45
N ALA B 12 -8.59 -35.33 -9.95
CA ALA B 12 -7.32 -35.95 -9.56
C ALA B 12 -6.68 -36.54 -10.81
N PRO B 13 -5.39 -36.19 -11.06
CA PRO B 13 -4.70 -36.69 -12.26
C PRO B 13 -4.43 -38.19 -12.17
N PRO B 14 -4.77 -38.95 -13.23
CA PRO B 14 -4.65 -40.41 -13.27
C PRO B 14 -3.35 -40.97 -12.65
N ASP B 15 -2.21 -40.42 -13.06
CA ASP B 15 -0.90 -40.79 -12.47
C ASP B 15 -0.53 -39.93 -11.26
N SER B 20 -1.95 -31.52 -6.68
CA SER B 20 -2.57 -30.23 -6.32
C SER B 20 -3.41 -30.31 -5.04
N ALA B 21 -3.14 -29.38 -4.11
CA ALA B 21 -3.93 -29.21 -2.88
C ALA B 21 -5.42 -28.90 -3.17
N GLY B 22 -6.31 -29.50 -2.36
CA GLY B 22 -7.77 -29.38 -2.52
C GLY B 22 -8.52 -30.64 -2.14
N GLY B 23 -9.58 -30.49 -1.34
CA GLY B 23 -10.33 -31.64 -0.81
C GLY B 23 -11.32 -32.33 -1.74
N LEU B 24 -11.79 -31.63 -2.77
CA LEU B 24 -12.77 -32.20 -3.71
C LEU B 24 -12.21 -33.40 -4.49
N ALA B 25 -11.05 -33.21 -5.11
CA ALA B 25 -10.37 -34.25 -5.89
C ALA B 25 -10.01 -35.48 -5.05
N VAL B 26 -9.55 -35.28 -3.82
CA VAL B 26 -9.25 -36.37 -2.90
C VAL B 26 -10.51 -37.15 -2.50
N GLY B 27 -11.59 -36.42 -2.23
CA GLY B 27 -12.85 -37.02 -1.82
C GLY B 27 -13.43 -37.89 -2.93
N ILE B 28 -13.49 -37.34 -4.13
CA ILE B 28 -14.02 -38.04 -5.29
C ILE B 28 -13.17 -39.26 -5.65
N LEU B 29 -11.85 -39.11 -5.58
CA LEU B 29 -10.93 -40.18 -5.95
C LEU B 29 -11.22 -41.42 -5.10
N GLY B 30 -11.23 -41.25 -3.79
CA GLY B 30 -11.65 -42.30 -2.87
C GLY B 30 -13.09 -42.77 -3.10
N ALA B 31 -13.97 -41.84 -3.47
CA ALA B 31 -15.36 -42.19 -3.76
C ALA B 31 -15.47 -43.16 -4.94
N LEU B 32 -14.71 -42.86 -6.00
CA LEU B 32 -14.67 -43.67 -7.21
C LEU B 32 -13.92 -45.01 -7.08
N LYS B 33 -13.09 -45.15 -6.05
CA LYS B 33 -12.34 -46.41 -5.80
C LYS B 33 -13.28 -47.44 -5.16
N ALA B 34 -14.32 -46.93 -4.50
CA ALA B 34 -15.42 -47.73 -4.00
C ALA B 34 -16.40 -48.09 -5.14
N ALA B 35 -16.78 -47.06 -5.91
CA ALA B 35 -17.74 -47.21 -7.01
C ALA B 35 -17.17 -47.88 -8.27
N GLY B 36 -16.22 -47.19 -8.90
CA GLY B 36 -15.92 -47.35 -10.32
C GLY B 36 -16.65 -46.22 -11.05
N GLY B 37 -16.18 -45.85 -12.23
CA GLY B 37 -16.93 -44.89 -13.06
C GLY B 37 -16.19 -44.14 -14.15
N LEU B 38 -16.90 -43.18 -14.75
CA LEU B 38 -16.35 -42.24 -15.74
C LEU B 38 -16.21 -40.91 -15.03
N TRP B 39 -15.01 -40.35 -15.08
CA TRP B 39 -14.75 -39.06 -14.44
C TRP B 39 -14.46 -38.03 -15.54
N PHE B 40 -15.37 -37.09 -15.71
CA PHE B 40 -15.29 -36.05 -16.74
C PHE B 40 -14.91 -34.75 -16.06
N GLY B 41 -13.89 -34.08 -16.58
CA GLY B 41 -13.40 -32.87 -15.93
C GLY B 41 -12.24 -32.20 -16.62
N TRP B 42 -11.78 -31.11 -16.02
CA TRP B 42 -10.73 -30.29 -16.61
C TRP B 42 -9.35 -30.90 -16.33
N SER B 43 -8.53 -30.99 -17.39
CA SER B 43 -7.15 -31.53 -17.30
C SER B 43 -6.25 -30.70 -16.39
N GLY B 44 -6.53 -29.41 -16.29
CA GLY B 44 -5.64 -28.49 -15.57
C GLY B 44 -4.81 -27.63 -16.50
N GLU B 45 -4.63 -28.08 -17.75
CA GLU B 45 -3.88 -27.34 -18.77
C GLU B 45 -4.76 -26.27 -19.43
N THR B 46 -4.14 -25.32 -20.12
CA THR B 46 -4.85 -24.35 -20.94
C THR B 46 -4.31 -24.49 -22.35
N GLY B 47 -5.08 -24.04 -23.35
CA GLY B 47 -4.69 -24.13 -24.74
C GLY B 47 -5.21 -25.38 -25.43
N ASN B 48 -5.28 -25.38 -26.76
CA ASN B 48 -5.81 -26.52 -27.53
C ASN B 48 -7.14 -27.02 -26.99
N GLU B 49 -8.03 -26.08 -26.80
CA GLU B 49 -9.31 -26.33 -26.23
C GLU B 49 -10.02 -27.26 -27.14
N ASP B 50 -9.54 -27.32 -28.37
CA ASP B 50 -10.26 -27.98 -29.45
C ASP B 50 -9.84 -29.44 -29.66
N GLN B 51 -8.69 -29.82 -29.10
CA GLN B 51 -8.21 -31.20 -29.13
C GLN B 51 -9.31 -32.15 -28.61
N PRO B 52 -9.37 -33.40 -29.11
CA PRO B 52 -10.34 -34.36 -28.56
C PRO B 52 -10.19 -34.59 -27.05
N LEU B 53 -11.23 -35.13 -26.44
CA LEU B 53 -11.20 -35.52 -25.03
C LEU B 53 -10.05 -36.50 -24.73
N LYS B 54 -9.34 -36.23 -23.64
CA LYS B 54 -8.23 -37.07 -23.20
C LYS B 54 -8.72 -38.22 -22.31
N LYS B 55 -8.73 -39.44 -22.86
CA LYS B 55 -9.25 -40.63 -22.18
C LYS B 55 -8.17 -41.56 -21.63
N VAL B 56 -8.17 -41.73 -20.30
CA VAL B 56 -7.22 -42.59 -19.60
C VAL B 56 -7.97 -43.58 -18.72
N LYS B 57 -7.58 -44.85 -18.81
CA LYS B 57 -8.17 -45.93 -18.02
C LYS B 57 -7.15 -46.42 -16.99
N LYS B 58 -7.55 -46.46 -15.73
CA LYS B 58 -6.68 -46.94 -14.65
C LYS B 58 -7.51 -47.75 -13.65
N GLY B 59 -7.77 -49.02 -13.99
CA GLY B 59 -8.65 -49.87 -13.19
C GLY B 59 -10.11 -49.63 -13.53
N ASN B 60 -10.96 -49.51 -12.52
CA ASN B 60 -12.39 -49.27 -12.75
C ASN B 60 -12.77 -47.78 -12.93
N ILE B 61 -11.76 -46.90 -12.92
CA ILE B 61 -11.97 -45.48 -13.23
C ILE B 61 -11.45 -45.12 -14.64
N THR B 62 -12.38 -44.64 -15.47
CA THR B 62 -12.06 -44.01 -16.74
C THR B 62 -12.06 -42.49 -16.56
N TRP B 63 -10.97 -41.83 -16.94
CA TRP B 63 -10.92 -40.38 -17.00
C TRP B 63 -11.25 -39.92 -18.43
N ALA B 64 -11.91 -38.78 -18.54
CA ALA B 64 -12.01 -38.06 -19.82
C ALA B 64 -11.82 -36.59 -19.52
N SER B 65 -10.73 -36.01 -20.03
CA SER B 65 -10.45 -34.61 -19.72
C SER B 65 -10.41 -33.73 -20.96
N PHE B 66 -10.63 -32.45 -20.73
CA PHE B 66 -10.60 -31.42 -21.75
C PHE B 66 -9.66 -30.32 -21.30
N ASN B 67 -9.14 -29.56 -22.25
CA ASN B 67 -8.48 -28.32 -21.92
C ASN B 67 -9.46 -27.16 -21.97
N LEU B 68 -9.08 -26.05 -21.35
CA LEU B 68 -9.81 -24.81 -21.43
C LEU B 68 -8.95 -23.78 -22.15
N SER B 69 -9.57 -22.82 -22.82
CA SER B 69 -8.82 -21.72 -23.39
C SER B 69 -8.44 -20.72 -22.29
N GLU B 70 -7.32 -20.03 -22.49
CA GLU B 70 -6.85 -18.98 -21.59
C GLU B 70 -7.99 -18.06 -21.17
N GLN B 71 -8.87 -17.73 -22.12
CA GLN B 71 -9.98 -16.83 -21.89
C GLN B 71 -11.14 -17.48 -21.15
N ASP B 72 -11.34 -18.77 -21.39
CA ASP B 72 -12.34 -19.55 -20.66
C ASP B 72 -11.91 -19.67 -19.19
N LEU B 73 -10.62 -19.89 -18.99
CA LEU B 73 -10.02 -19.90 -17.66
C LEU B 73 -10.28 -18.59 -16.92
N ASP B 74 -10.05 -17.46 -17.61
CA ASP B 74 -10.23 -16.16 -17.00
C ASP B 74 -11.63 -15.90 -16.48
N GLU B 75 -12.63 -16.05 -17.35
CA GLU B 75 -14.00 -15.64 -17.03
C GLU B 75 -14.74 -16.60 -16.10
N TYR B 76 -14.62 -17.89 -16.38
CA TYR B 76 -15.38 -18.94 -15.71
C TYR B 76 -14.74 -19.25 -14.36
N TYR B 77 -13.44 -19.45 -14.41
CA TYR B 77 -12.67 -19.85 -13.26
C TYR B 77 -12.19 -18.68 -12.37
N ASN B 78 -11.33 -17.82 -12.91
CA ASN B 78 -10.76 -16.70 -12.15
C ASN B 78 -11.75 -15.61 -11.79
N GLN B 79 -12.58 -15.19 -12.74
CA GLN B 79 -13.58 -14.18 -12.44
C GLN B 79 -14.77 -14.73 -11.68
N PHE B 80 -15.64 -15.48 -12.34
CA PHE B 80 -16.88 -15.80 -11.69
C PHE B 80 -16.81 -16.83 -10.56
N SER B 81 -16.21 -18.01 -10.78
CA SER B 81 -16.12 -19.00 -9.72
C SER B 81 -15.30 -18.49 -8.54
N ASN B 82 -14.09 -18.01 -8.83
CA ASN B 82 -13.13 -17.68 -7.78
C ASN B 82 -13.18 -16.28 -7.23
N ALA B 83 -13.86 -15.37 -7.94
CA ALA B 83 -13.97 -13.96 -7.52
C ALA B 83 -15.40 -13.50 -7.27
N VAL B 84 -16.37 -14.39 -7.50
CA VAL B 84 -17.75 -14.10 -7.18
C VAL B 84 -18.36 -15.19 -6.28
N LEU B 85 -18.38 -16.44 -6.77
CA LEU B 85 -19.00 -17.53 -5.98
C LEU B 85 -18.22 -17.86 -4.72
N TRP B 86 -16.92 -18.02 -4.84
CA TRP B 86 -16.12 -18.42 -3.67
C TRP B 86 -16.21 -17.39 -2.54
N PRO B 87 -15.92 -16.10 -2.80
CA PRO B 87 -15.99 -15.12 -1.70
C PRO B 87 -17.41 -15.02 -1.10
N ALA B 88 -18.43 -14.95 -1.96
CA ALA B 88 -19.81 -14.86 -1.47
C ALA B 88 -20.21 -16.06 -0.60
N PHE B 89 -19.91 -17.27 -1.06
CA PHE B 89 -20.29 -18.46 -0.31
C PHE B 89 -19.50 -18.60 0.99
N HIS B 90 -18.36 -17.92 1.08
CA HIS B 90 -17.57 -17.89 2.32
C HIS B 90 -17.76 -16.60 3.09
N TYR B 91 -18.94 -15.98 2.91
CA TYR B 91 -19.32 -14.77 3.66
C TYR B 91 -18.36 -13.58 3.46
N ARG B 92 -17.83 -13.42 2.26
CA ARG B 92 -16.94 -12.29 1.96
C ARG B 92 -17.49 -11.46 0.80
N LEU B 93 -18.65 -10.87 1.03
CA LEU B 93 -19.29 -9.97 0.06
C LEU B 93 -18.41 -8.79 -0.39
N ASP B 94 -17.56 -8.30 0.52
CA ASP B 94 -16.60 -7.22 0.22
C ASP B 94 -15.59 -7.60 -0.85
N LEU B 95 -15.40 -8.90 -1.04
CA LEU B 95 -14.43 -9.41 -1.99
C LEU B 95 -15.06 -9.75 -3.34
N VAL B 96 -16.39 -9.76 -3.42
CA VAL B 96 -17.01 -10.07 -4.72
C VAL B 96 -16.82 -9.00 -5.82
N GLN B 97 -16.47 -9.51 -6.99
CA GLN B 97 -16.18 -8.69 -8.14
C GLN B 97 -17.18 -9.06 -9.24
N PHE B 98 -18.45 -8.70 -9.04
CA PHE B 98 -19.45 -9.05 -10.04
C PHE B 98 -19.43 -8.07 -11.18
N GLN B 99 -19.23 -8.58 -12.38
CA GLN B 99 -19.69 -7.90 -13.58
C GLN B 99 -20.34 -8.86 -14.56
N ARG B 100 -21.30 -8.34 -15.31
CA ARG B 100 -22.17 -9.12 -16.19
C ARG B 100 -21.38 -10.02 -17.19
N PRO B 101 -20.28 -9.50 -17.78
CA PRO B 101 -19.51 -10.32 -18.74
C PRO B 101 -18.85 -11.55 -18.14
N ALA B 102 -18.48 -11.52 -16.86
CA ALA B 102 -17.95 -12.72 -16.20
C ALA B 102 -19.06 -13.77 -15.97
N TRP B 103 -20.26 -13.30 -15.67
CA TRP B 103 -21.44 -14.15 -15.58
C TRP B 103 -21.76 -14.82 -16.92
N ASP B 104 -21.81 -14.05 -18.00
CA ASP B 104 -22.04 -14.59 -19.34
C ASP B 104 -20.97 -15.59 -19.70
N GLY B 105 -19.73 -15.27 -19.39
CA GLY B 105 -18.59 -16.20 -19.50
C GLY B 105 -18.80 -17.52 -18.76
N TYR B 106 -19.23 -17.44 -17.51
CA TYR B 106 -19.51 -18.63 -16.68
C TYR B 106 -20.56 -19.55 -17.31
N LEU B 107 -21.68 -18.97 -17.76
CA LEU B 107 -22.72 -19.74 -18.44
C LEU B 107 -22.26 -20.31 -19.78
N ARG B 108 -21.47 -19.55 -20.51
CA ARG B 108 -20.95 -19.99 -21.80
C ARG B 108 -20.11 -21.25 -21.65
N VAL B 109 -19.21 -21.27 -20.69
CA VAL B 109 -18.39 -22.47 -20.54
C VAL B 109 -19.12 -23.65 -19.90
N ASN B 110 -20.07 -23.37 -19.01
CA ASN B 110 -20.97 -24.43 -18.57
C ASN B 110 -21.69 -25.09 -19.78
N ALA B 111 -22.14 -24.29 -20.74
CA ALA B 111 -22.81 -24.81 -21.93
C ALA B 111 -21.86 -25.60 -22.85
N LEU B 112 -20.70 -25.04 -23.17
CA LEU B 112 -19.60 -25.70 -23.90
C LEU B 112 -19.25 -27.09 -23.31
N LEU B 113 -19.16 -27.19 -21.99
CA LEU B 113 -18.85 -28.45 -21.34
C LEU B 113 -20.02 -29.43 -21.44
N ALA B 114 -21.24 -28.92 -21.36
CA ALA B 114 -22.43 -29.74 -21.56
C ALA B 114 -22.47 -30.35 -22.97
N ASP B 115 -22.09 -29.59 -23.99
CA ASP B 115 -21.96 -30.11 -25.35
C ASP B 115 -20.92 -31.23 -25.45
N LYS B 116 -19.82 -31.09 -24.72
CA LYS B 116 -18.76 -32.09 -24.78
C LYS B 116 -19.14 -33.40 -24.09
N LEU B 117 -19.87 -33.31 -22.98
CA LEU B 117 -20.31 -34.53 -22.25
C LEU B 117 -21.36 -35.31 -23.05
N LEU B 118 -22.26 -34.60 -23.70
CA LEU B 118 -23.45 -35.20 -24.29
C LEU B 118 -23.19 -36.55 -25.01
N PRO B 119 -22.25 -36.60 -25.99
CA PRO B 119 -22.08 -37.86 -26.74
C PRO B 119 -21.60 -39.04 -25.91
N LEU B 120 -21.05 -38.79 -24.72
CA LEU B 120 -20.54 -39.86 -23.87
C LEU B 120 -21.64 -40.46 -22.98
N LEU B 121 -22.83 -39.90 -23.05
CA LEU B 121 -23.90 -40.32 -22.15
C LEU B 121 -24.72 -41.50 -22.70
N GLN B 122 -24.91 -42.52 -21.87
CA GLN B 122 -25.82 -43.63 -22.16
C GLN B 122 -27.20 -43.34 -21.51
N ASP B 123 -28.22 -44.11 -21.87
CA ASP B 123 -29.58 -43.83 -21.38
C ASP B 123 -29.82 -44.10 -19.89
N ASP B 124 -29.11 -45.07 -19.31
CA ASP B 124 -29.30 -45.40 -17.89
C ASP B 124 -28.16 -44.88 -17.01
N ASP B 125 -27.37 -43.97 -17.55
CA ASP B 125 -26.30 -43.33 -16.79
C ASP B 125 -26.92 -42.58 -15.63
N ILE B 126 -26.29 -42.65 -14.46
CA ILE B 126 -26.59 -41.73 -13.40
C ILE B 126 -25.44 -40.70 -13.35
N ILE B 127 -25.80 -39.43 -13.19
CA ILE B 127 -24.86 -38.30 -13.32
C ILE B 127 -24.69 -37.59 -12.00
N TRP B 128 -23.44 -37.48 -11.54
CA TRP B 128 -23.12 -36.82 -10.29
C TRP B 128 -22.23 -35.61 -10.58
N ILE B 129 -22.77 -34.41 -10.40
CA ILE B 129 -22.02 -33.15 -10.65
C ILE B 129 -21.45 -32.63 -9.32
N HIS B 130 -20.20 -32.18 -9.34
CA HIS B 130 -19.56 -31.68 -8.11
C HIS B 130 -19.20 -30.21 -8.17
N ASP B 131 -19.78 -29.46 -7.23
CA ASP B 131 -19.28 -28.16 -6.77
C ASP B 131 -19.66 -26.91 -7.58
N TYR B 132 -19.35 -25.76 -6.99
CA TYR B 132 -19.86 -24.44 -7.38
C TYR B 132 -19.56 -24.01 -8.83
N HIS B 133 -18.53 -24.58 -9.46
CA HIS B 133 -18.16 -24.24 -10.84
C HIS B 133 -19.26 -24.63 -11.80
N LEU B 134 -20.13 -25.52 -11.36
CA LEU B 134 -21.08 -26.19 -12.23
C LEU B 134 -22.53 -26.11 -11.74
N LEU B 135 -22.86 -25.12 -10.91
CA LEU B 135 -24.26 -24.90 -10.52
C LEU B 135 -25.28 -24.96 -11.69
N PRO B 136 -24.92 -24.38 -12.87
CA PRO B 136 -25.86 -24.35 -14.01
C PRO B 136 -25.86 -25.63 -14.86
N PHE B 137 -25.07 -26.64 -14.48
CA PHE B 137 -24.84 -27.77 -15.37
C PHE B 137 -26.09 -28.60 -15.71
N ALA B 138 -26.87 -28.95 -14.70
CA ALA B 138 -28.09 -29.74 -14.89
C ALA B 138 -28.99 -29.03 -15.89
N HIS B 139 -29.12 -27.71 -15.68
CA HIS B 139 -29.91 -26.87 -16.54
C HIS B 139 -29.45 -26.92 -18.01
N GLU B 140 -28.14 -26.93 -18.24
CA GLU B 140 -27.65 -27.07 -19.61
C GLU B 140 -27.98 -28.47 -20.15
N LEU B 141 -27.84 -29.47 -19.30
CA LEU B 141 -28.14 -30.83 -19.73
C LEU B 141 -29.64 -31.02 -20.06
N ARG B 142 -30.53 -30.50 -19.21
CA ARG B 142 -31.99 -30.63 -19.42
C ARG B 142 -32.43 -29.96 -20.72
N LYS B 143 -31.76 -28.86 -21.02
CA LYS B 143 -31.98 -28.10 -22.24
C LYS B 143 -31.61 -28.91 -23.49
N ARG B 144 -30.69 -29.86 -23.34
CA ARG B 144 -30.24 -30.72 -24.43
C ARG B 144 -30.94 -32.09 -24.33
N GLY B 145 -32.05 -32.12 -23.58
CA GLY B 145 -32.93 -33.28 -23.50
C GLY B 145 -32.45 -34.49 -22.70
N VAL B 146 -31.45 -34.32 -21.84
CA VAL B 146 -31.07 -35.46 -21.02
C VAL B 146 -32.01 -35.57 -19.80
N ASN B 147 -32.65 -36.72 -19.69
CA ASN B 147 -33.68 -36.95 -18.69
C ASN B 147 -33.17 -37.82 -17.55
N ASN B 148 -31.88 -38.15 -17.59
CA ASN B 148 -31.24 -39.00 -16.58
C ASN B 148 -31.34 -38.44 -15.19
N ARG B 149 -31.11 -39.32 -14.20
CA ARG B 149 -30.87 -38.94 -12.82
C ARG B 149 -29.63 -38.03 -12.75
N ILE B 150 -29.80 -36.83 -12.19
CA ILE B 150 -28.66 -35.91 -11.99
C ILE B 150 -28.61 -35.45 -10.54
N GLY B 151 -27.49 -35.75 -9.89
CA GLY B 151 -27.29 -35.33 -8.49
C GLY B 151 -26.28 -34.19 -8.44
N PHE B 152 -26.38 -33.35 -7.43
CA PHE B 152 -25.38 -32.30 -7.21
C PHE B 152 -24.88 -32.37 -5.80
N PHE B 153 -23.56 -32.23 -5.62
CA PHE B 153 -23.02 -32.09 -4.29
C PHE B 153 -22.19 -30.81 -4.19
N LEU B 154 -22.57 -29.96 -3.25
CA LEU B 154 -21.83 -28.71 -3.00
C LEU B 154 -20.83 -28.94 -1.88
N HIS B 155 -19.55 -28.76 -2.20
CA HIS B 155 -18.47 -29.03 -1.26
C HIS B 155 -18.22 -27.89 -0.27
N ILE B 156 -18.76 -26.72 -0.58
CA ILE B 156 -18.51 -25.52 0.22
C ILE B 156 -19.78 -25.15 0.99
N PRO B 157 -19.71 -24.17 1.92
CA PRO B 157 -20.95 -23.82 2.61
C PRO B 157 -21.92 -23.17 1.65
N PHE B 158 -23.22 -23.22 1.99
CA PHE B 158 -24.23 -22.42 1.32
C PHE B 158 -24.59 -21.30 2.27
N PRO B 159 -24.41 -20.03 1.87
CA PRO B 159 -24.57 -18.87 2.75
C PRO B 159 -26.02 -18.51 2.97
N THR B 160 -26.33 -17.96 4.15
CA THR B 160 -27.67 -17.46 4.49
C THR B 160 -28.15 -16.42 3.49
N PRO B 161 -29.48 -16.30 3.34
CA PRO B 161 -30.19 -15.36 2.48
C PRO B 161 -29.66 -13.93 2.42
N GLU B 162 -29.33 -13.36 3.57
CA GLU B 162 -28.78 -12.00 3.64
C GLU B 162 -27.48 -11.89 2.85
N ILE B 163 -26.70 -12.96 2.85
CA ILE B 163 -25.52 -12.98 2.00
C ILE B 163 -25.89 -13.40 0.57
N PHE B 164 -26.52 -14.57 0.42
CA PHE B 164 -26.77 -15.11 -0.92
C PHE B 164 -27.53 -14.15 -1.84
N ASN B 165 -28.56 -13.53 -1.29
CA ASN B 165 -29.44 -12.66 -2.06
C ASN B 165 -28.77 -11.38 -2.55
N ALA B 166 -27.56 -11.09 -2.07
CA ALA B 166 -26.77 -9.95 -2.54
C ALA B 166 -26.14 -10.21 -3.94
N LEU B 167 -26.03 -11.47 -4.30
CA LEU B 167 -25.55 -11.86 -5.65
C LEU B 167 -26.53 -11.32 -6.70
N PRO B 168 -26.04 -10.49 -7.63
CA PRO B 168 -26.93 -9.94 -8.65
C PRO B 168 -27.67 -11.02 -9.44
N THR B 169 -27.11 -12.22 -9.45
CA THR B 169 -27.57 -13.27 -10.31
C THR B 169 -28.22 -14.40 -9.48
N TYR B 170 -28.47 -14.11 -8.21
CA TYR B 170 -28.97 -15.09 -7.25
C TYR B 170 -30.21 -15.87 -7.72
N ASP B 171 -31.15 -15.20 -8.38
CA ASP B 171 -32.38 -15.86 -8.80
C ASP B 171 -32.20 -16.93 -9.90
N THR B 172 -31.33 -16.66 -10.86
CA THR B 172 -31.00 -17.64 -11.92
C THR B 172 -30.33 -18.87 -11.32
N LEU B 173 -29.31 -18.64 -10.48
CA LEU B 173 -28.63 -19.72 -9.76
C LEU B 173 -29.61 -20.63 -9.02
N LEU B 174 -30.55 -20.06 -8.29
CA LEU B 174 -31.58 -20.83 -7.59
C LEU B 174 -32.49 -21.63 -8.56
N GLU B 175 -32.96 -20.98 -9.61
CA GLU B 175 -33.72 -21.60 -10.70
C GLU B 175 -33.01 -22.82 -11.27
N GLN B 176 -31.73 -22.67 -11.54
CA GLN B 176 -30.95 -23.76 -12.16
C GLN B 176 -30.64 -24.91 -11.22
N LEU B 177 -30.41 -24.62 -9.93
CA LEU B 177 -30.20 -25.64 -8.92
C LEU B 177 -31.39 -26.58 -8.81
N CYS B 178 -32.59 -26.07 -9.13
CA CYS B 178 -33.81 -26.88 -9.08
C CYS B 178 -33.96 -27.83 -10.29
N ASP B 179 -33.03 -27.75 -11.24
CA ASP B 179 -32.98 -28.72 -12.34
C ASP B 179 -32.29 -30.04 -11.95
N TYR B 180 -31.62 -30.08 -10.80
CA TYR B 180 -31.07 -31.33 -10.27
C TYR B 180 -32.18 -32.17 -9.60
N ASP B 181 -32.07 -33.48 -9.71
CA ASP B 181 -33.00 -34.40 -9.04
C ASP B 181 -32.69 -34.46 -7.56
N LEU B 182 -31.40 -34.34 -7.24
CA LEU B 182 -30.93 -34.42 -5.86
C LEU B 182 -29.79 -33.40 -5.57
N LEU B 183 -29.87 -32.70 -4.44
CA LEU B 183 -28.81 -31.78 -4.02
C LEU B 183 -28.27 -32.19 -2.66
N GLY B 184 -26.97 -32.45 -2.60
CA GLY B 184 -26.34 -32.78 -1.32
C GLY B 184 -25.53 -31.62 -0.76
N PHE B 185 -25.52 -31.53 0.56
CA PHE B 185 -24.80 -30.48 1.24
C PHE B 185 -23.96 -31.09 2.34
N GLN B 186 -22.93 -30.35 2.75
CA GLN B 186 -22.03 -30.77 3.83
C GLN B 186 -22.69 -30.82 5.21
N THR B 187 -23.58 -29.88 5.48
CA THR B 187 -24.17 -29.71 6.82
C THR B 187 -25.64 -29.34 6.72
N GLU B 188 -26.43 -29.62 7.76
CA GLU B 188 -27.84 -29.22 7.78
C GLU B 188 -28.04 -27.72 7.59
N ASN B 189 -27.14 -26.94 8.19
CA ASN B 189 -27.18 -25.49 8.04
C ASN B 189 -27.02 -25.03 6.59
N ASP B 190 -26.16 -25.69 5.83
CA ASP B 190 -26.05 -25.43 4.39
C ASP B 190 -27.38 -25.74 3.68
N ARG B 191 -27.94 -26.91 3.94
CA ARG B 191 -29.20 -27.35 3.30
C ARG B 191 -30.35 -26.38 3.64
N LEU B 192 -30.40 -25.96 4.90
CA LEU B 192 -31.44 -25.07 5.37
C LEU B 192 -31.31 -23.66 4.77
N ALA B 193 -30.08 -23.16 4.69
CA ALA B 193 -29.80 -21.87 4.04
C ALA B 193 -30.31 -21.89 2.58
N PHE B 194 -30.05 -22.99 1.87
CA PHE B 194 -30.53 -23.09 0.49
C PHE B 194 -32.04 -22.99 0.39
N LEU B 195 -32.70 -23.78 1.22
CA LEU B 195 -34.15 -23.82 1.27
C LEU B 195 -34.75 -22.46 1.69
N ASP B 196 -34.13 -21.80 2.67
CA ASP B 196 -34.47 -20.41 3.03
C ASP B 196 -34.38 -19.44 1.85
N CYS B 197 -33.24 -19.45 1.14
CA CYS B 197 -33.09 -18.59 -0.04
C CYS B 197 -34.14 -18.87 -1.10
N LEU B 198 -34.40 -20.15 -1.34
CA LEU B 198 -35.39 -20.57 -2.31
C LEU B 198 -36.80 -20.10 -1.91
N SER B 199 -37.10 -20.19 -0.61
CA SER B 199 -38.39 -19.72 -0.09
C SER B 199 -38.67 -18.22 -0.26
N ASN B 200 -37.64 -17.39 -0.16
CA ASN B 200 -37.80 -15.94 -0.43
C ASN B 200 -38.21 -15.60 -1.85
N LEU B 201 -37.74 -16.39 -2.80
CA LEU B 201 -37.94 -16.12 -4.22
C LEU B 201 -39.28 -16.63 -4.71
N THR B 202 -39.68 -17.81 -4.22
CA THR B 202 -40.87 -18.50 -4.75
C THR B 202 -41.52 -19.43 -3.71
N ARG B 203 -42.77 -19.81 -3.96
CA ARG B 203 -43.46 -20.78 -3.14
C ARG B 203 -42.84 -22.14 -3.34
N VAL B 204 -42.31 -22.72 -2.27
CA VAL B 204 -41.83 -24.09 -2.35
C VAL B 204 -42.70 -24.98 -1.48
N THR B 205 -43.16 -26.08 -2.06
CA THR B 205 -43.94 -27.06 -1.34
C THR B 205 -43.00 -28.13 -0.80
N THR B 206 -43.01 -28.36 0.50
CA THR B 206 -42.16 -29.38 1.08
C THR B 206 -42.92 -30.48 1.77
N ARG B 207 -42.64 -31.65 1.39
CA ARG B 207 -43.12 -32.81 1.96
C ARG B 207 -41.97 -33.49 2.69
N SER B 208 -42.20 -33.81 3.94
CA SER B 208 -41.27 -34.35 4.83
C SER B 208 -40.17 -33.44 5.11
N ALA B 209 -38.93 -33.79 5.04
CA ALA B 209 -38.18 -32.56 5.25
C ALA B 209 -37.35 -32.08 4.10
N LYS B 210 -37.42 -32.95 3.09
CA LYS B 210 -36.35 -33.29 2.22
C LYS B 210 -36.83 -33.55 0.84
N SER B 211 -38.07 -33.32 0.63
CA SER B 211 -38.67 -33.51 -0.68
C SER B 211 -39.46 -32.28 -1.10
N HIS B 212 -39.21 -31.78 -2.31
CA HIS B 212 -39.63 -30.42 -2.65
C HIS B 212 -40.13 -30.26 -4.07
N THR B 213 -40.93 -29.22 -4.25
CA THR B 213 -41.36 -28.74 -5.55
C THR B 213 -41.17 -27.22 -5.57
N ALA B 214 -40.64 -26.69 -6.67
CA ALA B 214 -40.58 -25.24 -6.88
C ALA B 214 -40.70 -24.99 -8.37
N TRP B 215 -41.47 -23.97 -8.74
CA TRP B 215 -41.84 -23.72 -10.15
C TRP B 215 -42.29 -24.98 -10.87
N GLY B 216 -42.86 -25.94 -10.15
CA GLY B 216 -43.27 -27.22 -10.74
C GLY B 216 -42.12 -28.19 -11.02
N LYS B 217 -40.91 -27.84 -10.62
CA LYS B 217 -39.79 -28.76 -10.67
C LYS B 217 -39.71 -29.49 -9.34
N ALA B 218 -39.52 -30.80 -9.39
CA ALA B 218 -39.40 -31.64 -8.18
C ALA B 218 -37.94 -32.03 -7.95
N PHE B 219 -37.50 -31.99 -6.70
CA PHE B 219 -36.13 -32.32 -6.35
C PHE B 219 -36.05 -32.67 -4.87
N ARG B 220 -34.96 -33.33 -4.47
CA ARG B 220 -34.72 -33.73 -3.09
C ARG B 220 -33.43 -33.11 -2.51
N THR B 221 -33.42 -32.84 -1.21
CA THR B 221 -32.22 -32.33 -0.55
C THR B 221 -31.85 -33.25 0.59
N GLU B 222 -30.56 -33.27 0.94
CA GLU B 222 -30.03 -34.14 1.99
C GLU B 222 -28.63 -33.67 2.35
N VAL B 223 -28.17 -34.08 3.54
CA VAL B 223 -26.85 -33.77 4.08
C VAL B 223 -25.94 -34.99 3.99
N TYR B 224 -24.77 -34.85 3.35
CA TYR B 224 -23.79 -35.92 3.25
C TYR B 224 -22.38 -35.41 3.58
N PRO B 225 -22.04 -35.34 4.87
CA PRO B 225 -20.71 -34.88 5.27
C PRO B 225 -19.60 -35.76 4.69
N ILE B 226 -18.74 -35.17 3.87
CA ILE B 226 -17.64 -35.90 3.27
C ILE B 226 -16.64 -36.42 4.34
N GLY B 227 -16.08 -37.59 4.08
CA GLY B 227 -15.13 -38.22 5.00
C GLY B 227 -13.87 -38.62 4.27
N ILE B 228 -13.00 -39.37 4.96
CA ILE B 228 -11.73 -39.83 4.40
C ILE B 228 -11.66 -41.37 4.40
N GLU B 229 -10.51 -41.92 4.01
CA GLU B 229 -10.27 -43.36 4.03
C GLU B 229 -9.29 -43.70 5.17
N PRO B 230 -9.82 -43.96 6.38
CA PRO B 230 -9.01 -43.86 7.60
C PRO B 230 -7.94 -44.92 7.79
N LYS B 231 -8.20 -46.16 7.38
CA LYS B 231 -7.19 -47.21 7.52
C LYS B 231 -6.02 -46.97 6.59
N GLU B 232 -6.31 -46.50 5.40
CA GLU B 232 -5.29 -46.13 4.42
C GLU B 232 -4.42 -44.96 4.90
N ILE B 233 -5.02 -44.04 5.66
CA ILE B 233 -4.26 -42.93 6.20
C ILE B 233 -3.31 -43.41 7.28
N ALA B 234 -3.79 -44.29 8.14
CA ALA B 234 -2.96 -44.89 9.18
C ALA B 234 -1.76 -45.62 8.58
N LYS B 235 -1.98 -46.36 7.50
CA LYS B 235 -0.87 -47.07 6.85
C LYS B 235 0.15 -46.10 6.22
N GLN B 236 -0.32 -45.14 5.44
CA GLN B 236 0.62 -44.16 4.89
C GLN B 236 1.28 -43.30 5.98
N ALA B 237 0.58 -43.06 7.09
CA ALA B 237 1.16 -42.31 8.20
C ALA B 237 2.22 -43.11 8.99
N ALA B 238 2.00 -44.41 9.14
CA ALA B 238 2.93 -45.28 9.88
C ALA B 238 4.24 -45.58 9.12
N GLY B 239 4.24 -45.35 7.81
CA GLY B 239 5.47 -45.55 7.01
C GLY B 239 6.67 -44.74 7.47
N PRO B 240 7.88 -45.18 7.10
CA PRO B 240 9.08 -44.40 7.44
C PRO B 240 9.23 -43.10 6.65
N LEU B 241 9.85 -42.11 7.28
CA LEU B 241 10.15 -40.84 6.65
C LEU B 241 11.25 -41.00 5.61
N PRO B 242 11.27 -40.15 4.57
CA PRO B 242 12.43 -40.10 3.66
C PRO B 242 13.72 -39.93 4.47
N PRO B 243 14.81 -40.61 4.06
CA PRO B 243 16.08 -40.63 4.84
C PRO B 243 16.58 -39.27 5.34
N LYS B 244 16.50 -38.23 4.49
CA LYS B 244 16.80 -36.87 4.92
C LYS B 244 16.02 -36.49 6.20
N LEU B 245 14.69 -36.51 6.11
CA LEU B 245 13.81 -36.10 7.21
C LEU B 245 13.80 -37.04 8.42
N ALA B 246 14.19 -38.30 8.23
CA ALA B 246 14.32 -39.24 9.34
C ALA B 246 15.42 -38.73 10.29
N GLN B 247 16.55 -38.33 9.71
CA GLN B 247 17.68 -37.75 10.43
C GLN B 247 17.29 -36.49 11.19
N LEU B 248 16.50 -35.63 10.54
CA LEU B 248 15.98 -34.40 11.15
C LEU B 248 15.06 -34.67 12.34
N LYS B 249 14.26 -35.73 12.25
CA LYS B 249 13.24 -36.04 13.25
C LYS B 249 13.82 -36.23 14.66
N ALA B 250 15.01 -36.84 14.74
CA ALA B 250 15.72 -37.01 16.01
C ALA B 250 16.44 -35.72 16.50
N GLU B 251 15.94 -34.56 16.08
CA GLU B 251 16.40 -33.25 16.57
C GLU B 251 15.23 -32.46 17.15
N LEU B 252 14.02 -32.87 16.77
CA LEU B 252 12.77 -32.26 17.27
C LEU B 252 12.25 -33.05 18.48
N LYS B 253 13.18 -33.53 19.32
CA LYS B 253 12.86 -34.40 20.45
C LYS B 253 12.62 -33.57 21.72
N ASN B 254 13.27 -32.42 21.78
CA ASN B 254 13.04 -31.44 22.83
C ASN B 254 11.86 -30.51 22.50
N VAL B 255 11.70 -30.19 21.21
CA VAL B 255 10.69 -29.23 20.76
C VAL B 255 9.33 -29.89 20.46
N GLN B 256 8.26 -29.31 20.97
CA GLN B 256 6.93 -29.71 20.57
C GLN B 256 6.51 -29.01 19.29
N ASN B 257 5.90 -29.77 18.39
CA ASN B 257 5.47 -29.24 17.08
C ASN B 257 3.98 -28.97 16.95
N ILE B 258 3.65 -27.72 16.59
CA ILE B 258 2.30 -27.32 16.18
C ILE B 258 2.31 -27.25 14.67
N PHE B 259 1.37 -27.93 14.02
CA PHE B 259 1.39 -28.04 12.57
CA PHE B 259 1.38 -28.03 12.57
C PHE B 259 0.05 -27.64 11.96
N SER B 260 0.11 -26.90 10.85
CA SER B 260 -1.06 -26.55 10.06
C SER B 260 -0.71 -26.69 8.58
N VAL B 261 -1.70 -27.04 7.76
CA VAL B 261 -1.51 -27.14 6.33
C VAL B 261 -2.81 -26.80 5.62
N GLU B 262 -2.75 -25.91 4.62
CA GLU B 262 -3.92 -25.58 3.78
C GLU B 262 -3.49 -24.71 2.64
N ARG B 263 -4.34 -24.64 1.61
CA ARG B 263 -4.15 -23.66 0.54
C ARG B 263 -4.16 -22.26 1.17
N LEU B 264 -3.34 -21.39 0.63
CA LEU B 264 -3.25 -20.01 1.07
C LEU B 264 -4.48 -19.28 0.57
N ASP B 265 -5.57 -19.46 1.30
CA ASP B 265 -6.88 -18.94 0.96
C ASP B 265 -7.40 -18.06 2.13
N TYR B 266 -8.06 -16.94 1.82
CA TYR B 266 -8.61 -16.07 2.89
C TYR B 266 -9.71 -16.71 3.72
N SER B 267 -10.29 -17.82 3.25
CA SER B 267 -11.29 -18.54 4.02
C SER B 267 -10.65 -19.21 5.24
N LYS B 268 -9.34 -19.46 5.16
CA LYS B 268 -8.62 -20.25 6.15
C LYS B 268 -8.12 -19.49 7.38
N GLY B 269 -8.32 -18.17 7.44
CA GLY B 269 -7.96 -17.40 8.63
C GLY B 269 -6.48 -17.48 9.04
N LEU B 270 -5.58 -17.59 8.07
CA LEU B 270 -4.15 -17.69 8.36
C LEU B 270 -3.58 -16.49 9.17
N PRO B 271 -3.84 -15.25 8.75
CA PRO B 271 -3.44 -14.10 9.58
C PRO B 271 -3.94 -14.18 11.03
N GLU B 272 -5.20 -14.56 11.23
CA GLU B 272 -5.74 -14.63 12.58
C GLU B 272 -5.07 -15.73 13.40
N ARG B 273 -4.72 -16.81 12.73
CA ARG B 273 -4.04 -17.94 13.36
C ARG B 273 -2.63 -17.55 13.81
N PHE B 274 -1.94 -16.80 12.96
CA PHE B 274 -0.66 -16.23 13.29
C PHE B 274 -0.76 -15.32 14.52
N LEU B 275 -1.82 -14.51 14.58
CA LEU B 275 -2.07 -13.63 15.72
C LEU B 275 -2.34 -14.45 16.98
N ALA B 276 -3.00 -15.60 16.85
CA ALA B 276 -3.22 -16.50 17.98
C ALA B 276 -1.90 -17.05 18.52
N TYR B 277 -0.98 -17.38 17.62
CA TYR B 277 0.32 -17.91 18.00
C TYR B 277 1.15 -16.83 18.65
N GLU B 278 1.03 -15.60 18.15
CA GLU B 278 1.77 -14.51 18.76
C GLU B 278 1.28 -14.31 20.20
N ALA B 279 -0.03 -14.39 20.38
CA ALA B 279 -0.63 -14.38 21.71
C ALA B 279 -0.15 -15.53 22.61
N LEU B 280 0.08 -16.72 22.06
CA LEU B 280 0.65 -17.84 22.85
C LEU B 280 2.02 -17.45 23.37
N LEU B 281 2.88 -16.96 22.48
CA LEU B 281 4.24 -16.52 22.78
C LEU B 281 4.30 -15.43 23.87
N GLU B 282 3.39 -14.46 23.77
CA GLU B 282 3.33 -13.31 24.69
C GLU B 282 2.81 -13.65 26.09
N LYS B 283 1.77 -14.47 26.16
CA LYS B 283 1.09 -14.71 27.43
C LYS B 283 1.51 -16.03 28.11
N TYR B 284 2.31 -16.84 27.42
CA TYR B 284 2.82 -18.10 27.96
C TYR B 284 4.31 -18.25 27.68
N PRO B 285 5.13 -17.36 28.25
CA PRO B 285 6.57 -17.34 28.01
C PRO B 285 7.31 -18.65 28.37
N GLN B 286 6.70 -19.56 29.14
CA GLN B 286 7.34 -20.82 29.47
C GLN B 286 7.63 -21.70 28.22
N HIS B 287 6.92 -21.43 27.12
CA HIS B 287 7.10 -22.19 25.90
C HIS B 287 8.25 -21.69 25.05
N HIS B 288 8.83 -20.53 25.39
CA HIS B 288 9.94 -19.96 24.61
C HIS B 288 11.08 -20.99 24.47
N GLY B 289 11.58 -21.14 23.26
CA GLY B 289 12.63 -22.13 22.98
C GLY B 289 12.20 -23.60 22.98
N LYS B 290 10.95 -23.87 23.34
CA LYS B 290 10.43 -25.24 23.51
C LYS B 290 9.32 -25.67 22.52
N ILE B 291 8.91 -24.77 21.63
CA ILE B 291 7.88 -25.11 20.64
C ILE B 291 8.20 -24.52 19.28
N ARG B 292 7.48 -24.99 18.28
CA ARG B 292 7.58 -24.50 16.92
C ARG B 292 6.21 -24.68 16.26
N TYR B 293 5.81 -23.68 15.49
CA TYR B 293 4.60 -23.76 14.71
C TYR B 293 5.03 -23.77 13.25
N THR B 294 4.67 -24.82 12.52
CA THR B 294 4.97 -24.87 11.09
C THR B 294 3.66 -24.73 10.30
N GLN B 295 3.62 -23.75 9.39
CA GLN B 295 2.47 -23.53 8.53
C GLN B 295 2.87 -23.83 7.10
N ILE B 296 2.21 -24.82 6.54
CA ILE B 296 2.40 -25.11 5.14
C ILE B 296 1.24 -24.50 4.38
N ALA B 297 1.54 -23.60 3.44
CA ALA B 297 0.51 -22.85 2.73
C ALA B 297 0.89 -22.66 1.27
N PRO B 298 0.60 -23.68 0.42
CA PRO B 298 0.86 -23.48 -1.00
C PRO B 298 -0.05 -22.42 -1.62
N THR B 299 0.49 -21.64 -2.53
CA THR B 299 -0.26 -20.62 -3.26
C THR B 299 -1.40 -21.27 -4.02
N SER B 300 -2.58 -20.65 -3.92
CA SER B 300 -3.78 -21.09 -4.61
C SER B 300 -4.37 -19.88 -5.35
N ARG B 301 -4.72 -20.06 -6.63
CA ARG B 301 -5.50 -19.06 -7.40
C ARG B 301 -4.80 -17.71 -7.40
N GLY B 302 -3.49 -17.75 -7.66
CA GLY B 302 -2.58 -16.61 -7.53
C GLY B 302 -2.83 -15.44 -8.47
N ASP B 303 -3.71 -15.62 -9.45
CA ASP B 303 -4.04 -14.55 -10.39
C ASP B 303 -5.26 -13.73 -9.96
N VAL B 304 -5.87 -14.05 -8.83
CA VAL B 304 -6.99 -13.27 -8.34
C VAL B 304 -6.43 -12.29 -7.29
N GLN B 305 -6.77 -11.00 -7.41
CA GLN B 305 -6.26 -9.96 -6.51
C GLN B 305 -6.44 -10.28 -5.01
N ALA B 306 -7.64 -10.69 -4.60
CA ALA B 306 -7.90 -11.06 -3.21
C ALA B 306 -6.89 -12.09 -2.66
N TYR B 307 -6.47 -13.01 -3.51
CA TYR B 307 -5.53 -14.05 -3.13
C TYR B 307 -4.09 -13.50 -3.01
N GLN B 308 -3.73 -12.57 -3.90
CA GLN B 308 -2.46 -11.87 -3.80
C GLN B 308 -2.37 -11.03 -2.53
N ASP B 309 -3.45 -10.33 -2.18
CA ASP B 309 -3.50 -9.53 -0.97
C ASP B 309 -3.26 -10.36 0.28
N ILE B 310 -3.98 -11.47 0.40
CA ILE B 310 -3.88 -12.26 1.63
C ILE B 310 -2.47 -12.88 1.76
N ARG B 311 -1.87 -13.24 0.62
CA ARG B 311 -0.52 -13.78 0.64
C ARG B 311 0.48 -12.74 1.18
N HIS B 312 0.35 -11.49 0.74
CA HIS B 312 1.16 -10.38 1.24
C HIS B 312 0.94 -10.07 2.72
N GLN B 313 -0.31 -10.12 3.18
CA GLN B 313 -0.56 -10.02 4.61
C GLN B 313 0.15 -11.14 5.38
N LEU B 314 -0.01 -12.39 4.91
CA LEU B 314 0.56 -13.53 5.61
C LEU B 314 2.09 -13.40 5.73
N GLU B 315 2.76 -13.04 4.63
CA GLU B 315 4.21 -12.85 4.57
C GLU B 315 4.71 -11.83 5.58
N ASN B 316 3.99 -10.71 5.67
CA ASN B 316 4.33 -9.63 6.59
C ASN B 316 4.28 -10.15 8.02
N GLU B 317 3.22 -10.87 8.34
CA GLU B 317 2.99 -11.37 9.70
C GLU B 317 4.05 -12.38 10.13
N ALA B 318 4.48 -13.26 9.22
CA ALA B 318 5.59 -14.20 9.49
C ALA B 318 6.88 -13.45 9.80
N GLY B 319 7.20 -12.43 9.00
CA GLY B 319 8.41 -11.66 9.20
C GLY B 319 8.37 -10.90 10.50
N ARG B 320 7.20 -10.33 10.80
CA ARG B 320 7.00 -9.50 11.98
C ARG B 320 7.10 -10.31 13.26
N ILE B 321 6.39 -11.45 13.30
CA ILE B 321 6.33 -12.26 14.52
C ILE B 321 7.71 -12.91 14.83
N ASN B 322 8.38 -13.46 13.81
CA ASN B 322 9.75 -13.95 13.97
C ASN B 322 10.76 -12.86 14.32
N GLY B 323 10.57 -11.68 13.74
CA GLY B 323 11.39 -10.50 14.05
C GLY B 323 11.26 -10.04 15.50
N LYS B 324 10.08 -10.21 16.05
CA LYS B 324 9.80 -9.75 17.40
C LYS B 324 10.14 -10.82 18.45
N TYR B 325 9.83 -12.08 18.17
CA TYR B 325 9.97 -13.14 19.18
C TYR B 325 11.09 -14.13 18.98
N GLY B 326 11.70 -14.09 17.80
CA GLY B 326 12.84 -14.97 17.49
C GLY B 326 14.04 -14.69 18.37
N GLN B 327 14.92 -15.67 18.43
CA GLN B 327 16.19 -15.61 19.16
C GLN B 327 17.27 -16.10 18.21
N LEU B 328 18.52 -16.05 18.64
CA LEU B 328 19.64 -16.48 17.78
C LEU B 328 19.58 -17.96 17.41
N GLY B 329 19.20 -18.79 18.36
CA GLY B 329 19.09 -20.22 18.07
C GLY B 329 17.67 -20.75 18.07
N TRP B 330 16.66 -19.87 17.98
CA TRP B 330 15.25 -20.30 17.97
C TRP B 330 14.33 -19.39 17.17
N THR B 331 13.79 -19.93 16.07
CA THR B 331 12.77 -19.29 15.27
C THR B 331 11.37 -19.85 15.60
N PRO B 332 10.47 -19.01 16.16
CA PRO B 332 9.16 -19.51 16.60
C PRO B 332 8.25 -20.04 15.47
N LEU B 333 8.37 -19.49 14.27
CA LEU B 333 7.38 -19.77 13.22
C LEU B 333 8.03 -20.09 11.87
N TYR B 334 7.64 -21.22 11.29
CA TYR B 334 8.18 -21.65 10.00
C TYR B 334 7.05 -21.59 8.98
N TYR B 335 7.14 -20.64 8.06
CA TYR B 335 6.14 -20.48 7.03
C TYR B 335 6.65 -21.03 5.70
N LEU B 336 5.95 -22.02 5.16
CA LEU B 336 6.37 -22.65 3.90
C LEU B 336 5.28 -22.52 2.84
N ASN B 337 5.52 -21.64 1.87
CA ASN B 337 4.60 -21.37 0.77
C ASN B 337 4.84 -22.44 -0.32
N GLN B 338 4.56 -23.70 0.02
CA GLN B 338 4.91 -24.83 -0.84
C GLN B 338 3.95 -26.00 -0.73
N HIS B 339 3.79 -26.72 -1.84
CA HIS B 339 3.00 -27.94 -1.88
C HIS B 339 3.82 -29.12 -1.34
N PHE B 340 3.17 -29.95 -0.53
CA PHE B 340 3.78 -31.19 -0.01
C PHE B 340 2.94 -32.40 -0.43
N ASP B 341 3.59 -33.52 -0.73
CA ASP B 341 2.89 -34.74 -1.11
C ASP B 341 2.02 -35.23 0.05
N ARG B 342 0.78 -35.63 -0.26
CA ARG B 342 -0.17 -36.06 0.73
C ARG B 342 0.38 -37.16 1.66
N LYS B 343 1.04 -38.16 1.08
CA LYS B 343 1.67 -39.24 1.88
C LYS B 343 2.71 -38.74 2.88
N LEU B 344 3.52 -37.78 2.46
CA LEU B 344 4.48 -37.16 3.38
C LEU B 344 3.71 -36.41 4.48
N LEU B 345 2.69 -35.66 4.09
CA LEU B 345 1.91 -34.92 5.08
C LEU B 345 1.39 -35.78 6.22
N MET B 346 0.95 -37.00 5.90
CA MET B 346 0.37 -37.91 6.89
C MET B 346 1.38 -38.32 7.95
N LYS B 347 2.63 -38.51 7.53
CA LYS B 347 3.72 -38.85 8.44
C LYS B 347 4.02 -37.64 9.32
N ILE B 348 3.96 -36.46 8.71
CA ILE B 348 4.22 -35.23 9.47
C ILE B 348 3.14 -35.03 10.55
N PHE B 349 1.87 -35.22 10.18
CA PHE B 349 0.77 -35.25 11.16
C PHE B 349 1.05 -36.18 12.34
N ARG B 350 1.53 -37.39 12.05
CA ARG B 350 1.81 -38.39 13.09
C ARG B 350 2.82 -37.92 14.14
N TYR B 351 3.91 -37.27 13.73
CA TYR B 351 4.92 -36.86 14.72
C TYR B 351 4.67 -35.47 15.34
N SER B 352 3.69 -34.73 14.83
CA SER B 352 3.27 -33.46 15.43
C SER B 352 2.56 -33.69 16.77
N ASP B 353 2.74 -32.76 17.72
CA ASP B 353 1.96 -32.84 18.98
C ASP B 353 0.60 -32.17 18.86
N VAL B 354 0.48 -31.20 17.96
CA VAL B 354 -0.76 -30.40 17.83
C VAL B 354 -1.08 -30.12 16.37
N GLY B 355 -2.33 -30.30 15.99
CA GLY B 355 -2.79 -29.91 14.67
C GLY B 355 -3.68 -28.69 14.87
N LEU B 356 -3.30 -27.57 14.25
CA LEU B 356 -4.06 -26.33 14.39
C LEU B 356 -4.89 -26.16 13.14
N VAL B 357 -6.20 -26.33 13.25
CA VAL B 357 -7.06 -26.23 12.08
C VAL B 357 -8.19 -25.24 12.37
N THR B 358 -7.94 -23.97 12.07
CA THR B 358 -8.89 -22.95 12.48
C THR B 358 -9.38 -22.02 11.34
N PRO B 359 -10.06 -22.59 10.32
CA PRO B 359 -10.59 -21.72 9.25
C PRO B 359 -11.73 -20.81 9.73
N LEU B 360 -11.93 -19.69 9.05
CA LEU B 360 -13.07 -18.80 9.31
C LEU B 360 -14.41 -19.39 8.79
N ARG B 361 -14.36 -20.07 7.65
CA ARG B 361 -15.51 -20.78 7.06
C ARG B 361 -14.89 -21.88 6.23
N ASP B 362 -15.43 -23.08 6.31
CA ASP B 362 -14.92 -24.17 5.53
C ASP B 362 -16.05 -25.16 5.29
N GLY B 363 -16.14 -25.69 4.09
CA GLY B 363 -17.20 -26.60 3.77
C GLY B 363 -17.17 -27.81 4.68
N MET B 364 -16.00 -28.38 4.88
CA MET B 364 -15.80 -29.47 5.79
C MET B 364 -14.43 -29.37 6.49
N ASN B 365 -13.39 -29.52 5.67
CA ASN B 365 -11.99 -29.51 6.06
C ASN B 365 -11.51 -30.94 6.30
N LEU B 366 -11.00 -31.55 5.24
CA LEU B 366 -10.47 -32.89 5.28
C LEU B 366 -9.23 -32.99 6.14
N VAL B 367 -8.39 -31.98 6.09
CA VAL B 367 -7.15 -31.95 6.89
C VAL B 367 -7.39 -32.25 8.36
N ALA B 368 -8.49 -31.73 8.91
CA ALA B 368 -8.79 -31.99 10.33
C ALA B 368 -9.07 -33.48 10.59
N LYS B 369 -9.73 -34.14 9.65
CA LYS B 369 -9.99 -35.58 9.78
C LYS B 369 -8.76 -36.42 9.49
N GLU B 370 -7.96 -35.99 8.52
CA GLU B 370 -6.72 -36.67 8.18
C GLU B 370 -5.82 -36.62 9.39
N TYR B 371 -5.80 -35.46 10.05
CA TYR B 371 -4.94 -35.30 11.22
C TYR B 371 -5.26 -36.33 12.31
N VAL B 372 -6.55 -36.51 12.62
CA VAL B 372 -6.83 -37.50 13.65
C VAL B 372 -6.57 -38.96 13.20
N ALA B 373 -6.84 -39.27 11.93
CA ALA B 373 -6.66 -40.63 11.45
C ALA B 373 -5.20 -41.04 11.44
N ALA B 374 -4.32 -40.06 11.21
CA ALA B 374 -2.90 -40.27 11.11
C ALA B 374 -2.19 -40.51 12.44
N GLN B 375 -2.86 -40.18 13.55
CA GLN B 375 -2.21 -40.26 14.87
C GLN B 375 -1.91 -41.71 15.27
N ASP B 376 -0.82 -41.88 16.02
CA ASP B 376 -0.53 -43.16 16.67
C ASP B 376 -1.52 -43.30 17.82
N PRO B 377 -2.39 -44.34 17.77
CA PRO B 377 -3.45 -44.48 18.78
C PRO B 377 -2.92 -44.63 20.21
N ALA B 378 -1.64 -44.97 20.33
CA ALA B 378 -0.99 -45.16 21.63
C ALA B 378 -0.21 -43.92 22.10
N ASN B 379 -0.11 -42.91 21.23
CA ASN B 379 0.54 -41.63 21.55
C ASN B 379 0.01 -40.49 20.66
N PRO B 380 -1.28 -40.16 20.78
CA PRO B 380 -1.86 -39.23 19.81
C PRO B 380 -1.67 -37.75 20.14
N GLY B 381 -1.48 -36.93 19.12
CA GLY B 381 -1.53 -35.49 19.27
C GLY B 381 -2.93 -34.92 19.44
N VAL B 382 -3.02 -33.60 19.56
CA VAL B 382 -4.28 -32.92 19.88
C VAL B 382 -4.75 -32.04 18.73
N LEU B 383 -6.01 -32.22 18.34
CA LEU B 383 -6.62 -31.39 17.33
C LEU B 383 -7.27 -30.14 17.94
N VAL B 384 -6.79 -28.98 17.52
CA VAL B 384 -7.48 -27.70 17.85
C VAL B 384 -8.24 -27.26 16.60
N LEU B 385 -9.56 -27.09 16.75
CA LEU B 385 -10.48 -26.97 15.62
C LEU B 385 -11.39 -25.74 15.76
N SER B 386 -11.52 -25.01 14.66
CA SER B 386 -12.45 -23.89 14.57
C SER B 386 -13.91 -24.37 14.52
N GLN B 387 -14.76 -23.72 15.31
CA GLN B 387 -16.20 -24.01 15.30
C GLN B 387 -16.86 -23.73 13.96
N PHE B 388 -16.15 -23.03 13.07
CA PHE B 388 -16.71 -22.65 11.76
C PHE B 388 -16.41 -23.67 10.65
N ALA B 389 -15.50 -24.61 10.90
CA ALA B 389 -15.31 -25.74 9.97
C ALA B 389 -16.51 -26.69 10.02
N GLY B 390 -17.02 -27.08 8.86
CA GLY B 390 -18.05 -28.13 8.77
C GLY B 390 -17.77 -29.34 9.66
N ALA B 391 -16.49 -29.72 9.72
CA ALA B 391 -16.04 -30.87 10.51
C ALA B 391 -16.30 -30.77 12.01
N ALA B 392 -16.47 -29.55 12.54
CA ALA B 392 -16.76 -29.37 13.96
C ALA B 392 -18.11 -29.94 14.38
N ASN B 393 -19.01 -30.14 13.42
CA ASN B 393 -20.31 -30.79 13.71
C ASN B 393 -20.10 -32.24 14.17
N GLU B 394 -19.07 -32.86 13.60
CA GLU B 394 -18.71 -34.25 13.84
C GLU B 394 -17.62 -34.43 14.91
N LEU B 395 -16.54 -33.65 14.81
CA LEU B 395 -15.35 -33.83 15.66
C LEU B 395 -15.51 -33.09 16.99
N THR B 396 -16.53 -33.53 17.70
CA THR B 396 -17.02 -32.90 18.90
C THR B 396 -15.98 -32.93 20.02
N SER B 397 -15.14 -33.95 20.06
CA SER B 397 -14.08 -34.06 21.10
C SER B 397 -12.78 -33.34 20.76
N ALA B 398 -12.77 -32.61 19.64
CA ALA B 398 -11.65 -31.72 19.35
C ALA B 398 -11.65 -30.58 20.36
N LEU B 399 -10.58 -29.80 20.42
CA LEU B 399 -10.58 -28.53 21.13
C LEU B 399 -11.16 -27.47 20.21
N ILE B 400 -12.43 -27.13 20.44
CA ILE B 400 -13.23 -26.23 19.60
C ILE B 400 -13.04 -24.77 20.03
N VAL B 401 -12.71 -23.92 19.07
CA VAL B 401 -12.38 -22.54 19.38
C VAL B 401 -13.00 -21.61 18.34
N ASN B 402 -13.09 -20.35 18.72
CA ASN B 402 -13.55 -19.30 17.86
C ASN B 402 -12.31 -18.50 17.44
N PRO B 403 -11.89 -18.64 16.17
CA PRO B 403 -10.67 -17.95 15.76
C PRO B 403 -10.75 -16.41 15.80
N TYR B 404 -11.95 -15.81 15.95
CA TYR B 404 -12.06 -14.36 16.20
C TYR B 404 -11.58 -13.92 17.60
N ASP B 405 -11.38 -14.88 18.50
CA ASP B 405 -10.90 -14.60 19.85
C ASP B 405 -9.49 -15.22 19.98
N ARG B 406 -8.47 -14.44 19.63
CA ARG B 406 -7.09 -14.96 19.57
C ARG B 406 -6.58 -15.54 20.87
N ASP B 407 -7.04 -14.98 21.99
CA ASP B 407 -6.69 -15.44 23.33
C ASP B 407 -7.27 -16.81 23.64
N GLU B 408 -8.51 -17.05 23.20
CA GLU B 408 -9.11 -18.38 23.33
C GLU B 408 -8.36 -19.44 22.50
N VAL B 409 -7.86 -19.04 21.32
CA VAL B 409 -7.06 -19.97 20.52
C VAL B 409 -5.72 -20.29 21.20
N ALA B 410 -5.03 -19.25 21.70
CA ALA B 410 -3.80 -19.43 22.49
C ALA B 410 -3.98 -20.31 23.74
N ALA B 411 -5.07 -20.11 24.47
CA ALA B 411 -5.39 -20.92 25.66
C ALA B 411 -5.55 -22.40 25.27
N ALA B 412 -6.20 -22.64 24.13
CA ALA B 412 -6.41 -24.00 23.62
C ALA B 412 -5.08 -24.59 23.19
N LEU B 413 -4.21 -23.78 22.60
CA LEU B 413 -2.86 -24.23 22.25
C LEU B 413 -2.05 -24.68 23.48
N ASP B 414 -2.06 -23.85 24.52
CA ASP B 414 -1.39 -24.17 25.76
C ASP B 414 -1.95 -25.44 26.41
N ARG B 415 -3.27 -25.55 26.43
CA ARG B 415 -3.92 -26.77 26.88
C ARG B 415 -3.57 -28.01 26.03
N ALA B 416 -3.52 -27.86 24.71
CA ALA B 416 -3.16 -28.99 23.84
C ALA B 416 -1.70 -29.43 24.06
N LEU B 417 -0.82 -28.45 24.30
CA LEU B 417 0.60 -28.73 24.50
C LEU B 417 0.94 -29.46 25.80
N THR B 418 0.08 -29.32 26.81
CA THR B 418 0.32 -29.90 28.13
C THR B 418 -0.63 -31.05 28.50
N MET B 419 -1.48 -31.45 27.54
CA MET B 419 -2.51 -32.46 27.79
C MET B 419 -1.92 -33.84 28.12
N SER B 420 -2.47 -34.50 29.14
CA SER B 420 -2.01 -35.82 29.58
C SER B 420 -2.28 -36.90 28.55
N LEU B 421 -1.55 -38.00 28.64
CA LEU B 421 -1.69 -39.12 27.70
C LEU B 421 -3.09 -39.69 27.69
N ALA B 422 -3.68 -39.88 28.87
CA ALA B 422 -5.04 -40.45 28.96
C ALA B 422 -6.09 -39.56 28.30
N GLU B 423 -6.01 -38.24 28.55
CA GLU B 423 -6.96 -37.32 27.94
C GLU B 423 -6.78 -37.24 26.41
N ARG B 424 -5.53 -37.30 25.96
CA ARG B 424 -5.25 -37.32 24.53
C ARG B 424 -5.83 -38.54 23.81
N ILE B 425 -5.74 -39.70 24.46
CA ILE B 425 -6.25 -40.96 23.90
C ILE B 425 -7.77 -40.96 23.88
N SER B 426 -8.37 -40.62 25.02
CA SER B 426 -9.80 -40.42 25.15
C SER B 426 -10.33 -39.58 23.97
N ARG B 427 -9.82 -38.35 23.86
CA ARG B 427 -10.19 -37.43 22.80
C ARG B 427 -9.97 -38.02 21.41
N HIS B 428 -8.80 -38.60 21.19
CA HIS B 428 -8.49 -39.20 19.89
C HIS B 428 -9.42 -40.34 19.46
N ALA B 429 -9.72 -41.24 20.40
CA ALA B 429 -10.53 -42.42 20.12
C ALA B 429 -11.96 -42.09 19.71
N GLU B 430 -12.57 -41.13 20.39
CA GLU B 430 -13.93 -40.69 20.10
C GLU B 430 -14.01 -40.05 18.71
N MET B 431 -13.06 -39.17 18.41
CA MET B 431 -13.04 -38.55 17.09
C MET B 431 -12.77 -39.58 16.01
N LEU B 432 -11.86 -40.52 16.28
CA LEU B 432 -11.53 -41.56 15.30
C LEU B 432 -12.71 -42.49 15.05
N ASP B 433 -13.50 -42.74 16.08
CA ASP B 433 -14.72 -43.55 15.96
C ASP B 433 -15.71 -42.93 14.97
N VAL B 434 -15.98 -41.63 15.14
CA VAL B 434 -16.82 -40.88 14.19
C VAL B 434 -16.29 -40.96 12.76
N ILE B 435 -15.00 -40.74 12.59
CA ILE B 435 -14.35 -40.74 11.28
C ILE B 435 -14.44 -42.12 10.58
N VAL B 436 -14.36 -43.18 11.38
CA VAL B 436 -14.50 -44.56 10.88
C VAL B 436 -15.95 -44.88 10.48
N LYS B 437 -16.92 -44.39 11.25
CA LYS B 437 -18.33 -44.65 10.95
C LYS B 437 -18.85 -43.85 9.75
N ASN B 438 -18.29 -42.67 9.50
CA ASN B 438 -18.63 -41.90 8.31
C ASN B 438 -17.44 -41.76 7.35
N ASP B 439 -16.96 -42.93 6.94
CA ASP B 439 -16.05 -43.25 5.84
C ASP B 439 -16.38 -42.49 4.54
N ILE B 440 -15.38 -42.27 3.69
CA ILE B 440 -15.64 -41.82 2.32
C ILE B 440 -16.46 -42.87 1.52
N ASN B 441 -16.26 -44.14 1.85
CA ASN B 441 -17.06 -45.21 1.26
C ASN B 441 -18.55 -45.03 1.57
N HIS B 442 -18.85 -44.72 2.84
CA HIS B 442 -20.19 -44.49 3.32
C HIS B 442 -20.86 -43.29 2.63
N TRP B 443 -20.05 -42.26 2.36
CA TRP B 443 -20.51 -41.01 1.75
C TRP B 443 -21.01 -41.28 0.33
N GLN B 444 -20.13 -41.87 -0.47
CA GLN B 444 -20.39 -42.32 -1.83
C GLN B 444 -21.64 -43.20 -1.85
N GLU B 445 -21.65 -44.23 -0.99
CA GLU B 445 -22.76 -45.18 -0.89
C GLU B 445 -24.12 -44.55 -0.62
N CYS B 446 -24.22 -43.70 0.41
CA CYS B 446 -25.47 -42.98 0.71
C CYS B 446 -25.96 -42.11 -0.44
N PHE B 447 -25.05 -41.39 -1.09
CA PHE B 447 -25.44 -40.45 -2.13
C PHE B 447 -25.96 -41.20 -3.36
N ILE B 448 -25.14 -42.09 -3.89
CA ILE B 448 -25.53 -42.94 -5.04
C ILE B 448 -26.85 -43.69 -4.79
N SER B 449 -27.01 -44.26 -3.60
CA SER B 449 -28.22 -45.01 -3.27
C SER B 449 -29.46 -44.14 -3.22
N ASP B 450 -29.33 -42.92 -2.71
CA ASP B 450 -30.44 -41.99 -2.69
C ASP B 450 -30.79 -41.58 -4.12
N LEU B 451 -29.76 -41.48 -4.97
CA LEU B 451 -29.98 -41.06 -6.35
C LEU B 451 -30.68 -42.16 -7.16
N LYS B 452 -30.19 -43.38 -7.04
CA LYS B 452 -30.84 -44.58 -7.63
C LYS B 452 -32.31 -44.79 -7.19
N GLN B 453 -32.69 -44.25 -6.03
CA GLN B 453 -34.08 -44.27 -5.56
C GLN B 453 -35.01 -43.25 -6.23
N ILE B 454 -34.47 -42.39 -7.10
CA ILE B 454 -35.33 -41.36 -7.74
C ILE B 454 -35.70 -41.86 -9.13
N VAL B 455 -36.97 -41.77 -9.51
CA VAL B 455 -37.33 -42.19 -10.85
C VAL B 455 -37.01 -41.05 -11.83
N PRO B 456 -36.38 -41.38 -12.98
CA PRO B 456 -36.09 -40.35 -13.98
C PRO B 456 -37.36 -39.65 -14.46
N ARG B 457 -37.29 -38.34 -14.68
CA ARG B 457 -38.30 -37.64 -15.49
C ARG B 457 -38.40 -38.28 -16.90
N SER B 458 -39.59 -38.24 -17.47
CA SER B 458 -39.81 -38.81 -18.79
C SER B 458 -40.47 -37.77 -19.70
N ALA B 459 -40.29 -37.93 -21.02
CA ALA B 459 -40.92 -37.04 -21.99
C ALA B 459 -42.37 -37.47 -22.29
N SER C 2 43.97 23.77 27.30
CA SER C 2 43.35 23.83 28.65
C SER C 2 42.33 22.69 28.82
N ARG C 3 41.18 22.99 29.42
CA ARG C 3 40.06 22.06 29.51
C ARG C 3 39.45 21.76 28.14
N LEU C 4 38.96 20.53 27.98
CA LEU C 4 38.27 20.13 26.76
C LEU C 4 36.78 20.21 26.96
N VAL C 5 36.11 20.89 26.05
CA VAL C 5 34.64 20.98 26.07
C VAL C 5 34.07 20.21 24.87
N VAL C 6 33.27 19.19 25.18
CA VAL C 6 32.66 18.36 24.16
C VAL C 6 31.16 18.59 24.14
N VAL C 7 30.65 18.93 22.96
CA VAL C 7 29.23 19.15 22.75
C VAL C 7 28.72 18.17 21.69
N SER C 8 27.73 17.37 22.06
CA SER C 8 27.10 16.44 21.15
C SER C 8 25.63 16.28 21.51
N ASN C 9 24.83 15.79 20.56
CA ASN C 9 23.39 15.67 20.71
C ASN C 9 22.98 14.91 21.98
N ARG C 10 23.63 13.78 22.23
CA ARG C 10 23.43 13.02 23.46
C ARG C 10 24.78 12.71 24.12
N ILE C 11 24.75 12.60 25.45
CA ILE C 11 25.94 12.25 26.22
C ILE C 11 25.80 10.87 26.87
N ALA C 12 26.93 10.28 27.26
CA ALA C 12 26.94 9.02 28.00
C ALA C 12 27.59 9.20 29.38
N PRO C 13 26.76 9.36 30.42
CA PRO C 13 27.20 9.48 31.82
C PRO C 13 27.42 8.10 32.47
N GLY C 23 31.90 2.11 20.24
CA GLY C 23 31.15 3.30 20.59
C GLY C 23 31.96 4.56 20.35
N LEU C 24 31.25 5.69 20.22
CA LEU C 24 31.88 6.99 20.09
C LEU C 24 32.42 7.41 21.45
N ALA C 25 31.71 6.98 22.50
CA ALA C 25 32.03 7.26 23.90
C ALA C 25 33.52 7.07 24.27
N VAL C 26 34.11 5.92 23.93
CA VAL C 26 35.49 5.60 24.34
C VAL C 26 36.56 6.59 23.82
N GLY C 27 36.39 7.06 22.58
CA GLY C 27 37.29 8.05 22.02
C GLY C 27 37.14 9.42 22.65
N ILE C 28 35.89 9.87 22.78
CA ILE C 28 35.58 11.14 23.43
C ILE C 28 35.94 11.13 24.92
N LEU C 29 35.53 10.08 25.64
CA LEU C 29 35.91 9.94 27.04
C LEU C 29 37.43 9.87 27.20
N GLY C 30 38.08 9.21 26.24
CA GLY C 30 39.54 9.08 26.21
C GLY C 30 40.30 10.40 26.15
N ALA C 31 39.92 11.28 25.21
CA ALA C 31 40.51 12.62 25.09
C ALA C 31 40.18 13.46 26.31
N LEU C 32 39.00 13.32 26.80
CA LEU C 32 38.65 14.19 27.75
C LEU C 32 39.16 13.83 29.04
N LYS C 33 39.68 12.62 29.13
CA LYS C 33 40.47 12.15 30.27
C LYS C 33 41.93 12.53 30.22
N ALA C 34 42.47 12.85 29.11
CA ALA C 34 43.85 13.05 29.11
C ALA C 34 44.05 14.42 29.62
N ALA C 35 42.94 15.06 29.83
CA ALA C 35 42.81 16.40 30.33
C ALA C 35 41.52 16.13 30.92
N GLY C 36 40.89 17.08 31.46
CA GLY C 36 39.53 16.88 31.61
C GLY C 36 38.67 17.92 31.03
N GLY C 37 37.53 18.13 31.63
CA GLY C 37 36.56 19.17 31.29
C GLY C 37 35.10 18.76 31.28
N LEU C 38 34.39 19.19 30.24
CA LEU C 38 32.93 19.13 30.21
C LEU C 38 32.43 18.28 29.05
N TRP C 39 31.41 17.47 29.31
CA TRP C 39 30.63 16.86 28.24
C TRP C 39 29.20 17.36 28.32
N PHE C 40 28.89 18.30 27.43
CA PHE C 40 27.62 19.01 27.42
C PHE C 40 26.76 18.46 26.28
N GLY C 41 25.51 18.15 26.59
CA GLY C 41 24.60 17.58 25.60
C GLY C 41 23.20 17.35 26.13
N TRP C 42 22.26 17.16 25.22
CA TRP C 42 20.85 16.95 25.58
C TRP C 42 20.65 15.61 26.29
N SER C 43 19.77 15.62 27.29
CA SER C 43 19.51 14.47 28.15
C SER C 43 18.95 13.26 27.40
N GLY C 44 18.26 13.51 26.30
CA GLY C 44 17.60 12.45 25.55
C GLY C 44 16.17 12.26 26.03
N GLU C 45 15.76 13.10 26.98
CA GLU C 45 14.40 13.08 27.49
C GLU C 45 13.69 14.40 27.18
N THR C 46 12.39 14.44 27.47
CA THR C 46 11.60 15.60 27.15
C THR C 46 10.73 16.05 28.31
N GLY C 47 10.18 17.25 28.17
CA GLY C 47 9.40 17.94 29.18
C GLY C 47 10.21 19.12 29.65
N ASN C 48 9.56 20.20 30.08
CA ASN C 48 10.27 21.41 30.45
C ASN C 48 11.78 21.33 30.23
N GLN C 51 13.43 24.47 34.05
CA GLN C 51 14.35 23.59 34.76
C GLN C 51 15.79 24.09 34.67
N PRO C 52 16.57 23.90 35.77
CA PRO C 52 17.99 24.26 35.79
C PRO C 52 18.90 23.14 35.29
N LEU C 53 20.07 23.52 34.76
CA LEU C 53 21.02 22.61 34.12
C LEU C 53 21.64 21.58 35.08
N LYS C 54 21.43 20.29 34.76
CA LYS C 54 21.90 19.17 35.60
C LYS C 54 23.37 18.80 35.36
N LYS C 55 24.12 18.63 36.45
CA LYS C 55 25.54 18.26 36.38
C LYS C 55 25.90 17.04 37.21
N VAL C 56 26.84 16.24 36.69
CA VAL C 56 27.38 15.07 37.39
C VAL C 56 28.91 15.05 37.23
N LYS C 57 29.62 15.05 38.35
CA LYS C 57 31.09 15.11 38.32
C LYS C 57 31.80 13.85 38.84
N LYS C 58 32.94 13.54 38.23
CA LYS C 58 33.71 12.35 38.54
C LYS C 58 35.19 12.59 38.23
N GLY C 59 35.87 13.27 39.16
CA GLY C 59 37.26 13.64 38.95
C GLY C 59 37.37 14.89 38.10
N ASN C 60 38.21 14.82 37.07
CA ASN C 60 38.41 15.95 36.15
C ASN C 60 37.24 16.21 35.18
N ILE C 61 36.35 15.22 35.05
CA ILE C 61 35.21 15.30 34.13
C ILE C 61 33.88 15.67 34.78
N THR C 62 33.09 16.45 34.05
CA THR C 62 31.71 16.76 34.41
C THR C 62 30.77 16.47 33.23
N TRP C 63 29.57 15.98 33.55
CA TRP C 63 28.52 15.76 32.56
C TRP C 63 27.41 16.79 32.76
N ALA C 64 26.98 17.41 31.66
CA ALA C 64 25.94 18.45 31.73
C ALA C 64 24.79 18.21 30.75
N SER C 65 23.60 17.96 31.30
CA SER C 65 22.40 17.69 30.50
C SER C 65 21.26 18.70 30.73
N PHE C 66 20.24 18.60 29.87
CA PHE C 66 19.10 19.53 29.84
C PHE C 66 17.97 18.90 29.02
N ASN C 67 16.74 19.28 29.31
CA ASN C 67 15.58 18.78 28.58
C ASN C 67 15.24 19.63 27.35
N LEU C 68 14.30 19.15 26.54
CA LEU C 68 13.74 19.96 25.46
C LEU C 68 12.22 19.92 25.46
N SER C 69 11.59 21.02 25.05
CA SER C 69 10.14 21.05 24.88
C SER C 69 9.75 20.18 23.70
N GLU C 70 8.51 19.72 23.70
CA GLU C 70 8.01 18.79 22.69
C GLU C 70 8.08 19.39 21.28
N GLN C 71 7.68 20.65 21.15
CA GLN C 71 7.69 21.35 19.85
C GLN C 71 9.11 21.57 19.33
N ASP C 72 10.03 21.87 20.24
CA ASP C 72 11.44 22.07 19.87
C ASP C 72 12.10 20.78 19.38
N LEU C 73 11.79 19.67 20.05
CA LEU C 73 12.31 18.36 19.65
C LEU C 73 11.79 18.01 18.24
N ASP C 74 10.50 18.18 18.02
CA ASP C 74 9.88 17.86 16.73
C ASP C 74 10.53 18.59 15.55
N GLU C 75 10.64 19.92 15.65
CA GLU C 75 11.17 20.73 14.55
C GLU C 75 12.65 20.52 14.31
N TYR C 76 13.42 20.46 15.39
CA TYR C 76 14.88 20.39 15.35
C TYR C 76 15.42 18.97 15.12
N TYR C 77 14.86 18.01 15.86
CA TYR C 77 15.38 16.65 15.88
C TYR C 77 14.65 15.75 14.89
N ASN C 78 13.36 15.54 15.13
CA ASN C 78 12.52 14.69 14.28
C ASN C 78 12.44 15.20 12.85
N GLN C 79 12.32 16.53 12.70
CA GLN C 79 12.17 17.10 11.37
C GLN C 79 13.48 17.50 10.70
N PHE C 80 14.13 18.57 11.14
CA PHE C 80 15.29 19.03 10.36
C PHE C 80 16.49 18.07 10.37
N SER C 81 16.87 17.57 11.55
CA SER C 81 18.02 16.68 11.64
C SER C 81 17.74 15.37 10.92
N ASN C 82 16.64 14.71 11.30
CA ASN C 82 16.32 13.36 10.84
C ASN C 82 15.50 13.25 9.55
N ALA C 83 14.82 14.32 9.16
CA ALA C 83 13.99 14.31 7.96
C ALA C 83 14.50 15.25 6.86
N VAL C 84 15.53 16.05 7.17
CA VAL C 84 16.18 16.87 6.15
C VAL C 84 17.65 16.55 5.95
N LEU C 85 18.46 16.72 7.00
CA LEU C 85 19.91 16.51 6.88
C LEU C 85 20.31 15.04 6.67
N TRP C 86 19.74 14.16 7.47
CA TRP C 86 20.07 12.73 7.36
C TRP C 86 19.84 12.19 5.92
N PRO C 87 18.61 12.36 5.37
CA PRO C 87 18.36 11.86 4.00
C PRO C 87 19.25 12.51 2.96
N ALA C 88 19.35 13.83 3.02
CA ALA C 88 20.14 14.57 2.04
C ALA C 88 21.61 14.18 2.05
N PHE C 89 22.18 14.05 3.24
CA PHE C 89 23.62 13.69 3.40
C PHE C 89 23.89 12.23 3.00
N HIS C 90 22.86 11.39 3.06
CA HIS C 90 22.94 10.05 2.48
C HIS C 90 22.44 9.97 1.04
N TYR C 91 22.40 11.11 0.35
CA TYR C 91 22.08 11.14 -1.07
C TYR C 91 20.63 10.69 -1.34
N ARG C 92 19.74 10.95 -0.39
CA ARG C 92 18.32 10.64 -0.54
C ARG C 92 17.45 11.91 -0.56
N LEU C 93 17.62 12.70 -1.62
CA LEU C 93 16.76 13.86 -1.86
C LEU C 93 15.26 13.54 -1.94
N ASP C 94 14.95 12.42 -2.59
CA ASP C 94 13.57 11.94 -2.71
C ASP C 94 12.90 11.80 -1.34
N LEU C 95 13.71 11.69 -0.29
CA LEU C 95 13.21 11.50 1.08
C LEU C 95 13.22 12.75 1.96
N VAL C 96 13.85 13.83 1.53
CA VAL C 96 13.89 15.03 2.40
C VAL C 96 12.50 15.69 2.53
N GLN C 97 12.21 16.18 3.72
CA GLN C 97 10.91 16.76 4.01
C GLN C 97 11.09 18.16 4.59
N PHE C 98 11.54 19.08 3.75
CA PHE C 98 11.85 20.43 4.22
C PHE C 98 10.58 21.24 4.44
N GLN C 99 10.45 21.80 5.63
CA GLN C 99 9.49 22.86 5.87
C GLN C 99 10.20 23.97 6.67
N ARG C 100 9.77 25.20 6.46
CA ARG C 100 10.37 26.37 7.12
C ARG C 100 10.30 26.34 8.65
N PRO C 101 9.11 26.02 9.23
CA PRO C 101 9.05 25.99 10.70
C PRO C 101 10.03 24.99 11.34
N ALA C 102 10.51 24.01 10.57
CA ALA C 102 11.51 23.05 11.06
C ALA C 102 12.91 23.62 11.00
N TRP C 103 13.22 24.34 9.92
CA TRP C 103 14.49 25.05 9.78
C TRP C 103 14.68 26.13 10.86
N ASP C 104 13.58 26.82 11.19
CA ASP C 104 13.58 27.82 12.25
C ASP C 104 13.82 27.13 13.59
N GLY C 105 13.17 25.98 13.79
CA GLY C 105 13.34 25.17 14.99
C GLY C 105 14.78 24.72 15.21
N TYR C 106 15.41 24.26 14.15
CA TYR C 106 16.81 23.82 14.16
C TYR C 106 17.77 24.96 14.52
N LEU C 107 17.48 26.17 14.05
CA LEU C 107 18.25 27.34 14.43
C LEU C 107 17.98 27.75 15.86
N ARG C 108 16.72 27.61 16.28
CA ARG C 108 16.31 28.07 17.60
C ARG C 108 16.92 27.25 18.73
N VAL C 109 17.04 25.94 18.58
CA VAL C 109 17.65 25.17 19.66
C VAL C 109 19.17 25.24 19.64
N ASN C 110 19.77 25.32 18.45
CA ASN C 110 21.20 25.56 18.34
C ASN C 110 21.61 26.85 19.08
N ALA C 111 20.79 27.90 18.92
CA ALA C 111 20.96 29.15 19.64
C ALA C 111 20.75 28.94 21.14
N LEU C 112 19.64 28.29 21.49
CA LEU C 112 19.31 27.99 22.88
C LEU C 112 20.46 27.28 23.59
N LEU C 113 21.07 26.32 22.91
CA LEU C 113 22.19 25.54 23.47
C LEU C 113 23.48 26.35 23.61
N ALA C 114 23.59 27.43 22.83
CA ALA C 114 24.67 28.40 23.00
C ALA C 114 24.44 29.22 24.27
N ASP C 115 23.18 29.63 24.50
CA ASP C 115 22.80 30.31 25.73
C ASP C 115 23.18 29.48 26.93
N LYS C 116 22.64 28.26 26.99
CA LYS C 116 22.83 27.35 28.13
C LYS C 116 24.29 26.98 28.40
N LEU C 117 25.10 26.96 27.35
CA LEU C 117 26.51 26.58 27.48
C LEU C 117 27.41 27.79 27.76
N LEU C 118 26.81 28.98 27.77
CA LEU C 118 27.57 30.21 28.00
C LEU C 118 28.14 30.31 29.43
N PRO C 119 27.29 30.12 30.48
CA PRO C 119 27.77 30.31 31.85
C PRO C 119 28.72 29.21 32.33
N LEU C 120 29.16 28.34 31.42
CA LEU C 120 29.99 27.20 31.78
C LEU C 120 31.39 27.25 31.19
N LEU C 121 31.57 28.06 30.15
CA LEU C 121 32.86 28.13 29.45
C LEU C 121 33.93 28.93 30.21
N GLN C 122 35.18 28.71 29.82
CA GLN C 122 36.34 29.41 30.38
C GLN C 122 37.26 29.80 29.23
N ASP C 123 37.91 30.95 29.36
CA ASP C 123 38.52 31.66 28.22
C ASP C 123 39.60 30.92 27.42
N ASP C 124 40.20 29.89 28.00
CA ASP C 124 41.24 29.12 27.31
C ASP C 124 40.81 27.71 26.89
N ASP C 125 39.54 27.38 27.20
CA ASP C 125 38.94 26.10 26.82
C ASP C 125 39.07 25.81 25.33
N ILE C 126 39.23 24.53 25.00
CA ILE C 126 39.06 24.11 23.63
C ILE C 126 37.66 23.51 23.49
N ILE C 127 37.08 23.66 22.30
CA ILE C 127 35.69 23.22 22.06
C ILE C 127 35.59 22.25 20.88
N TRP C 128 35.03 21.08 21.17
CA TRP C 128 34.83 20.01 20.18
C TRP C 128 33.35 19.73 19.93
N ILE C 129 32.88 20.09 18.74
CA ILE C 129 31.46 19.92 18.36
C ILE C 129 31.29 18.72 17.43
N HIS C 130 30.27 17.91 17.72
CA HIS C 130 30.00 16.68 16.98
C HIS C 130 28.67 16.64 16.22
N ASP C 131 28.79 16.48 14.90
CA ASP C 131 27.74 15.92 14.04
C ASP C 131 26.68 16.87 13.47
N TYR C 132 25.92 16.35 12.50
CA TYR C 132 24.93 17.12 11.74
C TYR C 132 23.89 17.92 12.55
N HIS C 133 23.60 17.53 13.79
CA HIS C 133 22.67 18.31 14.65
C HIS C 133 23.19 19.69 15.00
N LEU C 134 24.49 19.88 14.94
CA LEU C 134 25.12 21.07 15.50
C LEU C 134 25.97 21.87 14.50
N LEU C 135 25.59 21.79 13.23
CA LEU C 135 26.26 22.53 12.16
C LEU C 135 26.32 24.04 12.39
N PRO C 136 25.22 24.65 12.91
CA PRO C 136 25.25 26.10 13.11
C PRO C 136 25.77 26.55 14.47
N PHE C 137 26.42 25.65 15.21
CA PHE C 137 26.82 25.95 16.59
C PHE C 137 27.97 26.96 16.72
N ALA C 138 29.07 26.74 15.99
CA ALA C 138 30.17 27.70 15.94
C ALA C 138 29.68 29.11 15.67
N HIS C 139 28.66 29.26 14.83
CA HIS C 139 28.09 30.56 14.51
C HIS C 139 27.36 31.18 15.69
N GLU C 140 26.60 30.36 16.42
CA GLU C 140 25.85 30.85 17.55
C GLU C 140 26.78 31.35 18.66
N LEU C 141 27.89 30.64 18.86
CA LEU C 141 28.81 30.96 19.93
C LEU C 141 29.57 32.24 19.62
N ARG C 142 30.18 32.31 18.42
CA ARG C 142 30.94 33.49 18.00
C ARG C 142 30.14 34.79 17.99
N LYS C 143 28.84 34.66 17.72
CA LYS C 143 27.88 35.77 17.85
C LYS C 143 27.76 36.24 19.31
N ARG C 144 27.97 35.30 20.24
CA ARG C 144 27.92 35.60 21.67
C ARG C 144 29.33 35.85 22.24
N GLY C 145 30.29 36.14 21.36
CA GLY C 145 31.60 36.65 21.76
C GLY C 145 32.76 35.68 21.93
N VAL C 146 32.49 34.38 21.89
CA VAL C 146 33.56 33.38 22.10
C VAL C 146 34.63 33.40 21.00
N ASN C 147 35.89 33.25 21.40
CA ASN C 147 37.03 33.26 20.48
C ASN C 147 37.91 32.04 20.63
N ASN C 148 37.50 31.12 21.50
CA ASN C 148 38.21 29.86 21.73
C ASN C 148 38.36 29.05 20.44
N ARG C 149 39.33 28.15 20.42
CA ARG C 149 39.52 27.22 19.30
C ARG C 149 38.35 26.25 19.20
N ILE C 150 37.63 26.29 18.07
CA ILE C 150 36.47 25.41 17.89
C ILE C 150 36.65 24.43 16.72
N GLY C 151 36.48 23.15 17.05
CA GLY C 151 36.57 22.07 16.06
C GLY C 151 35.23 21.38 15.86
N PHE C 152 34.98 20.97 14.63
CA PHE C 152 33.79 20.23 14.29
C PHE C 152 34.21 18.92 13.65
N PHE C 153 33.49 17.86 14.00
CA PHE C 153 33.67 16.59 13.31
C PHE C 153 32.32 16.07 12.81
N LEU C 154 32.25 15.82 11.50
CA LEU C 154 31.06 15.28 10.86
C LEU C 154 31.19 13.75 10.70
N HIS C 155 30.32 13.02 11.41
CA HIS C 155 30.40 11.55 11.44
C HIS C 155 29.84 10.86 10.19
N ILE C 156 28.96 11.57 9.47
CA ILE C 156 28.26 11.04 8.30
C ILE C 156 28.88 11.62 7.02
N PRO C 157 28.45 11.15 5.83
CA PRO C 157 29.10 11.69 4.63
C PRO C 157 28.75 13.17 4.41
N PHE C 158 29.58 13.84 3.63
CA PHE C 158 29.26 15.18 3.13
C PHE C 158 29.02 15.07 1.63
N PRO C 159 27.81 15.41 1.17
CA PRO C 159 27.41 15.17 -0.22
C PRO C 159 27.94 16.20 -1.23
N THR C 160 28.19 15.75 -2.45
CA THR C 160 28.58 16.64 -3.57
C THR C 160 27.54 17.75 -3.81
N PRO C 161 28.00 18.89 -4.36
CA PRO C 161 27.20 20.09 -4.61
C PRO C 161 25.83 19.82 -5.26
N GLU C 162 25.80 19.00 -6.30
CA GLU C 162 24.54 18.67 -6.99
C GLU C 162 23.48 18.14 -6.04
N ILE C 163 23.89 17.42 -5.01
CA ILE C 163 22.97 17.02 -3.97
C ILE C 163 22.83 18.12 -2.90
N PHE C 164 23.94 18.64 -2.40
CA PHE C 164 23.90 19.60 -1.31
C PHE C 164 23.16 20.90 -1.69
N ASN C 165 23.38 21.40 -2.90
CA ASN C 165 22.78 22.68 -3.30
C ASN C 165 21.24 22.66 -3.41
N ALA C 166 20.66 21.46 -3.33
CA ALA C 166 19.21 21.28 -3.35
C ALA C 166 18.54 21.63 -2.02
N LEU C 167 19.27 21.55 -0.92
CA LEU C 167 18.77 22.05 0.37
C LEU C 167 18.43 23.54 0.24
N PRO C 168 17.17 23.92 0.55
CA PRO C 168 16.75 25.32 0.37
C PRO C 168 17.58 26.28 1.23
N THR C 169 18.32 25.71 2.17
CA THR C 169 18.93 26.48 3.24
C THR C 169 20.47 26.24 3.25
N TYR C 170 20.94 25.69 2.13
CA TYR C 170 22.32 25.27 1.95
C TYR C 170 23.36 26.39 2.05
N ASP C 171 23.00 27.61 1.68
CA ASP C 171 23.98 28.70 1.65
C ASP C 171 24.30 29.23 3.05
N THR C 172 23.26 29.35 3.88
CA THR C 172 23.41 29.64 5.31
C THR C 172 24.28 28.60 6.03
N LEU C 173 23.98 27.31 5.81
CA LEU C 173 24.74 26.22 6.42
C LEU C 173 26.23 26.34 6.09
N LEU C 174 26.54 26.60 4.82
CA LEU C 174 27.91 26.78 4.37
C LEU C 174 28.64 27.99 5.00
N GLU C 175 27.91 29.08 5.17
CA GLU C 175 28.44 30.29 5.83
C GLU C 175 28.82 30.00 7.28
N GLN C 176 27.91 29.34 7.98
CA GLN C 176 28.04 29.04 9.39
C GLN C 176 29.11 28.02 9.70
N LEU C 177 29.29 27.06 8.80
CA LEU C 177 30.28 26.01 9.02
C LEU C 177 31.68 26.62 9.00
N CYS C 178 31.81 27.72 8.28
CA CYS C 178 33.06 28.44 8.19
C CYS C 178 33.43 29.19 9.47
N ASP C 179 32.49 29.28 10.42
CA ASP C 179 32.77 29.81 11.76
C ASP C 179 33.52 28.82 12.69
N TYR C 180 33.82 27.61 12.19
CA TYR C 180 34.69 26.66 12.90
C TYR C 180 36.14 26.91 12.52
N ASP C 181 37.06 26.73 13.46
CA ASP C 181 38.48 26.84 13.19
C ASP C 181 39.01 25.60 12.50
N LEU C 182 38.44 24.45 12.85
CA LEU C 182 38.81 23.17 12.24
C LEU C 182 37.57 22.33 11.93
N LEU C 183 37.54 21.77 10.72
CA LEU C 183 36.46 20.88 10.28
C LEU C 183 37.05 19.52 9.95
N GLY C 184 36.65 18.50 10.71
CA GLY C 184 37.10 17.12 10.47
C GLY C 184 36.08 16.23 9.77
N PHE C 185 36.57 15.43 8.81
CA PHE C 185 35.73 14.54 8.01
C PHE C 185 36.20 13.07 8.06
N GLN C 186 35.30 12.14 7.78
CA GLN C 186 35.58 10.71 7.82
C GLN C 186 36.49 10.26 6.69
N THR C 187 36.29 10.82 5.49
CA THR C 187 37.15 10.50 4.35
C THR C 187 37.57 11.75 3.56
N GLU C 188 38.49 11.53 2.61
CA GLU C 188 38.99 12.56 1.70
C GLU C 188 37.89 13.10 0.77
N ASN C 189 37.02 12.22 0.31
CA ASN C 189 35.93 12.62 -0.57
C ASN C 189 34.90 13.51 0.10
N ASP C 190 34.66 13.27 1.39
CA ASP C 190 33.83 14.16 2.20
C ASP C 190 34.45 15.56 2.25
N ARG C 191 35.76 15.62 2.53
CA ARG C 191 36.48 16.89 2.60
C ARG C 191 36.34 17.69 1.30
N LEU C 192 36.62 17.02 0.18
CA LEU C 192 36.57 17.64 -1.15
C LEU C 192 35.16 18.15 -1.50
N ALA C 193 34.14 17.34 -1.19
CA ALA C 193 32.74 17.71 -1.43
C ALA C 193 32.37 19.00 -0.72
N PHE C 194 32.77 19.11 0.55
CA PHE C 194 32.53 20.34 1.30
C PHE C 194 33.22 21.53 0.66
N LEU C 195 34.49 21.37 0.32
CA LEU C 195 35.25 22.42 -0.37
C LEU C 195 34.64 22.75 -1.74
N ASP C 196 34.15 21.72 -2.44
CA ASP C 196 33.45 21.88 -3.71
C ASP C 196 32.21 22.76 -3.58
N CYS C 197 31.39 22.45 -2.57
CA CYS C 197 30.17 23.21 -2.31
C CYS C 197 30.49 24.69 -2.07
N LEU C 198 31.46 24.95 -1.19
CA LEU C 198 31.88 26.30 -0.83
C LEU C 198 32.31 27.08 -2.07
N SER C 199 33.24 26.51 -2.84
CA SER C 199 33.70 27.03 -4.12
C SER C 199 32.59 27.42 -5.13
N ASN C 200 31.44 26.76 -5.06
CA ASN C 200 30.29 27.10 -5.92
C ASN C 200 29.64 28.39 -5.47
N LEU C 201 29.69 28.63 -4.17
CA LEU C 201 28.99 29.73 -3.55
C LEU C 201 29.86 30.99 -3.53
N THR C 202 31.12 30.84 -3.15
CA THR C 202 32.04 31.96 -2.94
C THR C 202 33.47 31.60 -3.35
N ARG C 203 34.36 32.61 -3.37
CA ARG C 203 35.77 32.38 -3.68
C ARG C 203 36.47 31.84 -2.42
N VAL C 204 37.21 30.75 -2.58
CA VAL C 204 37.99 30.20 -1.45
C VAL C 204 39.49 30.29 -1.69
N THR C 205 40.21 30.74 -0.68
CA THR C 205 41.65 30.87 -0.77
C THR C 205 42.32 29.74 -0.02
N THR C 206 43.04 28.90 -0.76
CA THR C 206 43.86 27.85 -0.17
C THR C 206 45.31 28.36 -0.05
N ARG C 207 45.57 29.11 1.03
CA ARG C 207 46.90 29.64 1.37
C ARG C 207 48.00 28.58 1.19
N SER C 208 47.82 27.45 1.89
CA SER C 208 48.63 26.25 1.70
C SER C 208 47.70 25.06 1.91
N ALA C 209 48.19 23.86 1.64
CA ALA C 209 47.40 22.63 1.75
C ALA C 209 46.59 22.56 3.06
N LYS C 210 45.27 22.38 2.90
CA LYS C 210 44.32 22.16 4.03
C LYS C 210 44.07 23.36 4.96
N SER C 211 44.44 24.56 4.51
CA SER C 211 44.16 25.81 5.24
C SER C 211 43.48 26.82 4.32
N HIS C 212 42.33 27.36 4.74
CA HIS C 212 41.44 28.05 3.81
C HIS C 212 40.86 29.36 4.32
N THR C 213 40.43 30.21 3.38
CA THR C 213 39.68 31.42 3.65
C THR C 213 38.48 31.57 2.70
N ALA C 214 37.35 31.98 3.26
CA ALA C 214 36.15 32.32 2.51
C ALA C 214 35.34 33.33 3.32
N TRP C 215 34.77 34.31 2.62
CA TRP C 215 34.13 35.50 3.23
C TRP C 215 35.03 36.17 4.28
N GLY C 216 36.34 36.12 4.06
CA GLY C 216 37.30 36.61 5.05
C GLY C 216 37.63 35.63 6.17
N LYS C 217 36.66 34.78 6.55
CA LYS C 217 36.81 33.85 7.68
C LYS C 217 37.90 32.81 7.40
N ALA C 218 38.64 32.42 8.44
CA ALA C 218 39.74 31.47 8.31
C ALA C 218 39.41 30.15 8.99
N PHE C 219 39.93 29.05 8.42
CA PHE C 219 39.66 27.69 8.93
C PHE C 219 40.50 26.64 8.24
N ARG C 220 40.67 25.50 8.93
CA ARG C 220 41.40 24.34 8.38
C ARG C 220 40.48 23.13 8.19
N THR C 221 40.81 22.29 7.20
CA THR C 221 40.11 21.02 6.99
C THR C 221 41.06 19.82 7.03
N GLU C 222 40.59 18.69 7.56
CA GLU C 222 41.38 17.44 7.67
C GLU C 222 40.53 16.15 7.74
N VAL C 223 41.13 15.04 7.32
CA VAL C 223 40.50 13.71 7.36
C VAL C 223 40.90 12.92 8.61
N TYR C 224 39.92 12.65 9.47
CA TYR C 224 40.13 11.79 10.66
C TYR C 224 39.24 10.54 10.64
N PRO C 225 39.71 9.46 9.98
CA PRO C 225 38.91 8.23 9.88
C PRO C 225 38.76 7.56 11.24
N ILE C 226 37.54 7.54 11.76
CA ILE C 226 37.29 7.03 13.10
C ILE C 226 37.53 5.51 13.15
N GLY C 227 38.01 5.04 14.29
CA GLY C 227 38.35 3.63 14.47
C GLY C 227 37.76 3.04 15.73
N ILE C 228 38.23 1.83 16.07
CA ILE C 228 37.76 1.12 17.26
C ILE C 228 38.88 0.81 18.27
N GLU C 229 38.54 0.05 19.31
CA GLU C 229 39.44 -0.34 20.39
C GLU C 229 39.78 -1.84 20.25
N PRO C 230 40.79 -2.16 19.41
CA PRO C 230 41.08 -3.54 18.95
C PRO C 230 41.28 -4.59 20.04
N LYS C 231 41.96 -4.21 21.12
CA LYS C 231 42.24 -5.10 22.24
C LYS C 231 40.97 -5.42 23.00
N GLU C 232 40.15 -4.41 23.26
CA GLU C 232 38.91 -4.59 23.99
C GLU C 232 37.91 -5.51 23.25
N ILE C 233 37.76 -5.31 21.95
CA ILE C 233 36.91 -6.17 21.13
C ILE C 233 37.40 -7.61 21.17
N ALA C 234 38.72 -7.80 21.08
CA ALA C 234 39.34 -9.12 21.20
C ALA C 234 38.96 -9.81 22.51
N LYS C 235 39.01 -9.07 23.62
CA LYS C 235 38.70 -9.62 24.95
C LYS C 235 37.28 -10.21 25.00
N GLN C 236 36.29 -9.37 24.71
CA GLN C 236 34.88 -9.78 24.80
C GLN C 236 34.47 -10.81 23.74
N ALA C 237 35.15 -10.81 22.60
CA ALA C 237 34.94 -11.82 21.55
C ALA C 237 35.34 -13.22 22.02
N ALA C 238 36.49 -13.30 22.71
CA ALA C 238 37.03 -14.57 23.19
C ALA C 238 36.35 -15.11 24.45
N GLY C 239 35.49 -14.29 25.07
CA GLY C 239 34.81 -14.67 26.30
C GLY C 239 33.88 -15.87 26.18
N PRO C 240 33.40 -16.40 27.33
CA PRO C 240 32.43 -17.50 27.36
C PRO C 240 31.03 -17.07 26.90
N ALA C 246 24.73 -20.78 24.03
CA ALA C 246 25.97 -21.49 23.67
C ALA C 246 25.66 -22.82 23.00
N GLN C 247 24.55 -23.43 23.43
CA GLN C 247 24.10 -24.72 22.93
C GLN C 247 23.83 -24.72 21.42
N LEU C 248 23.49 -23.53 20.90
CA LEU C 248 23.27 -23.34 19.47
C LEU C 248 24.54 -23.62 18.66
N LYS C 249 25.69 -23.28 19.25
CA LYS C 249 26.99 -23.46 18.61
C LYS C 249 27.34 -24.95 18.47
N ALA C 250 27.04 -25.74 19.51
CA ALA C 250 27.24 -27.19 19.48
C ALA C 250 26.35 -27.88 18.45
N GLU C 251 25.25 -27.22 18.08
CA GLU C 251 24.26 -27.75 17.14
C GLU C 251 24.56 -27.38 15.68
N LEU C 252 25.35 -26.31 15.47
CA LEU C 252 25.57 -25.79 14.11
C LEU C 252 27.03 -25.85 13.59
N LYS C 253 27.68 -27.01 13.77
CA LYS C 253 29.00 -27.28 13.16
C LYS C 253 28.83 -27.63 11.66
N ASN C 254 27.58 -27.76 11.25
CA ASN C 254 27.17 -28.05 9.87
C ASN C 254 26.89 -26.79 9.03
N VAL C 255 26.20 -25.82 9.64
CA VAL C 255 25.79 -24.58 8.98
C VAL C 255 26.84 -23.48 9.11
N GLN C 256 27.23 -22.90 7.97
CA GLN C 256 28.06 -21.69 7.95
C GLN C 256 27.17 -20.47 8.13
N ASN C 257 27.58 -19.56 9.03
CA ASN C 257 26.77 -18.40 9.34
C ASN C 257 27.24 -17.10 8.68
N ILE C 258 26.35 -16.52 7.88
CA ILE C 258 26.51 -15.16 7.36
C ILE C 258 25.76 -14.21 8.27
N PHE C 259 26.45 -13.17 8.76
CA PHE C 259 25.89 -12.34 9.81
C PHE C 259 25.99 -10.82 9.53
N SER C 260 24.92 -10.10 9.87
CA SER C 260 24.79 -8.65 9.68
C SER C 260 24.14 -8.04 10.89
N VAL C 261 24.57 -6.83 11.24
CA VAL C 261 23.93 -6.06 12.30
C VAL C 261 24.04 -4.57 11.99
N GLU C 262 22.93 -3.86 12.17
CA GLU C 262 22.89 -2.42 12.05
C GLU C 262 21.53 -1.90 12.43
N ARG C 263 21.48 -0.60 12.71
CA ARG C 263 20.22 0.10 12.92
C ARG C 263 19.31 -0.10 11.70
N LEU C 264 18.00 -0.16 11.92
CA LEU C 264 17.08 -0.28 10.79
C LEU C 264 16.91 1.10 10.12
N ASP C 265 17.74 1.34 9.11
CA ASP C 265 17.90 2.66 8.49
C ASP C 265 18.02 2.49 7.00
N TYR C 266 17.37 3.36 6.21
CA TYR C 266 17.43 3.24 4.76
C TYR C 266 18.82 3.44 4.14
N SER C 267 19.73 4.11 4.86
CA SER C 267 21.14 4.19 4.41
C SER C 267 21.83 2.81 4.34
N LYS C 268 21.35 1.86 5.12
CA LYS C 268 21.99 0.53 5.27
C LYS C 268 21.68 -0.47 4.16
N GLY C 269 20.67 -0.19 3.34
CA GLY C 269 20.38 -1.03 2.19
C GLY C 269 19.96 -2.45 2.52
N LEU C 270 19.22 -2.60 3.60
CA LEU C 270 18.73 -3.91 4.06
C LEU C 270 17.89 -4.71 3.05
N PRO C 271 16.95 -4.05 2.33
CA PRO C 271 16.15 -4.79 1.35
C PRO C 271 16.97 -5.31 0.16
N GLU C 272 17.93 -4.50 -0.31
CA GLU C 272 18.88 -4.88 -1.36
C GLU C 272 19.75 -6.07 -0.90
N ARG C 273 20.03 -6.11 0.39
CA ARG C 273 20.74 -7.20 1.03
C ARG C 273 19.95 -8.51 1.01
N PHE C 274 18.67 -8.42 1.34
CA PHE C 274 17.78 -9.57 1.31
C PHE C 274 17.69 -10.07 -0.13
N LEU C 275 17.66 -9.14 -1.09
CA LEU C 275 17.60 -9.54 -2.48
C LEU C 275 18.90 -10.22 -2.97
N ALA C 276 20.05 -9.78 -2.48
CA ALA C 276 21.30 -10.44 -2.79
C ALA C 276 21.37 -11.86 -2.18
N TYR C 277 20.89 -12.00 -0.95
CA TYR C 277 20.79 -13.31 -0.32
C TYR C 277 19.87 -14.23 -1.12
N GLU C 278 18.72 -13.71 -1.53
CA GLU C 278 17.81 -14.49 -2.38
C GLU C 278 18.56 -14.93 -3.64
N ALA C 279 19.34 -14.02 -4.21
CA ALA C 279 20.14 -14.35 -5.39
C ALA C 279 21.19 -15.46 -5.13
N LEU C 280 21.81 -15.43 -3.96
CA LEU C 280 22.69 -16.52 -3.56
C LEU C 280 21.95 -17.86 -3.59
N LEU C 281 20.82 -17.91 -2.90
CA LEU C 281 19.97 -19.09 -2.82
C LEU C 281 19.44 -19.55 -4.17
N GLU C 282 19.21 -18.60 -5.07
CA GLU C 282 18.66 -18.87 -6.39
C GLU C 282 19.68 -19.50 -7.33
N LYS C 283 20.92 -18.99 -7.30
CA LYS C 283 21.92 -19.36 -8.32
C LYS C 283 23.01 -20.28 -7.78
N TYR C 284 23.01 -20.52 -6.48
CA TYR C 284 23.98 -21.42 -5.86
C TYR C 284 23.27 -22.46 -4.98
N PRO C 285 22.50 -23.39 -5.60
CA PRO C 285 21.74 -24.44 -4.90
C PRO C 285 22.61 -25.39 -4.06
N GLN C 286 23.89 -25.51 -4.41
CA GLN C 286 24.83 -26.26 -3.59
C GLN C 286 24.83 -25.84 -2.10
N HIS C 287 24.36 -24.63 -1.79
CA HIS C 287 24.36 -24.16 -0.40
C HIS C 287 23.07 -24.46 0.38
N HIS C 288 22.03 -24.94 -0.32
CA HIS C 288 20.74 -25.21 0.34
C HIS C 288 20.91 -26.14 1.51
N GLY C 289 20.43 -25.70 2.68
CA GLY C 289 20.53 -26.51 3.89
C GLY C 289 21.81 -26.33 4.68
N LYS C 290 22.83 -25.72 4.08
CA LYS C 290 24.18 -25.71 4.65
C LYS C 290 24.64 -24.32 5.12
N ILE C 291 23.82 -23.31 4.86
CA ILE C 291 24.16 -21.93 5.23
C ILE C 291 22.96 -21.28 5.87
N ARG C 292 23.22 -20.20 6.60
CA ARG C 292 22.19 -19.40 7.25
C ARG C 292 22.59 -17.92 7.18
N TYR C 293 21.62 -17.03 7.05
CA TYR C 293 21.90 -15.62 7.18
C TYR C 293 21.08 -14.98 8.30
N THR C 294 21.78 -14.40 9.26
CA THR C 294 21.15 -13.74 10.39
C THR C 294 21.36 -12.22 10.26
N GLN C 295 20.25 -11.48 10.22
CA GLN C 295 20.25 -10.02 10.18
C GLN C 295 19.64 -9.47 11.46
N ILE C 296 20.43 -8.71 12.19
CA ILE C 296 19.94 -8.00 13.37
C ILE C 296 19.74 -6.54 13.02
N ALA C 297 18.55 -6.03 13.32
CA ALA C 297 18.21 -4.68 12.92
C ALA C 297 17.20 -4.05 13.86
N PRO C 298 17.68 -3.49 14.99
CA PRO C 298 16.78 -2.82 15.92
C PRO C 298 16.15 -1.59 15.27
N THR C 299 14.93 -1.26 15.69
CA THR C 299 14.24 -0.09 15.19
C THR C 299 14.98 1.20 15.61
N SER C 300 15.09 2.11 14.67
CA SER C 300 15.72 3.41 14.85
C SER C 300 14.75 4.45 14.26
N ARG C 301 14.57 5.56 14.97
CA ARG C 301 13.80 6.73 14.48
C ARG C 301 12.44 6.32 13.90
N GLY C 302 11.74 5.49 14.66
CA GLY C 302 10.59 4.72 14.18
C GLY C 302 9.33 5.54 13.98
N ASP C 303 9.41 6.83 14.29
CA ASP C 303 8.26 7.73 14.10
C ASP C 303 8.34 8.53 12.81
N VAL C 304 9.43 8.39 12.06
CA VAL C 304 9.59 8.98 10.73
C VAL C 304 9.07 7.98 9.70
N GLN C 305 8.33 8.47 8.71
CA GLN C 305 7.58 7.62 7.78
C GLN C 305 8.50 6.76 6.92
N ALA C 306 9.64 7.30 6.52
CA ALA C 306 10.56 6.58 5.62
C ALA C 306 11.18 5.34 6.29
N TYR C 307 11.34 5.42 7.61
CA TYR C 307 11.78 4.31 8.45
C TYR C 307 10.74 3.21 8.65
N GLN C 308 9.48 3.59 8.85
CA GLN C 308 8.36 2.62 8.91
C GLN C 308 8.23 1.89 7.56
N ASP C 309 8.35 2.64 6.47
CA ASP C 309 8.38 2.07 5.13
C ASP C 309 9.37 0.91 5.00
N ILE C 310 10.65 1.16 5.32
CA ILE C 310 11.69 0.14 5.22
C ILE C 310 11.37 -1.04 6.17
N ARG C 311 10.87 -0.73 7.36
CA ARG C 311 10.55 -1.77 8.33
C ARG C 311 9.47 -2.76 7.84
N HIS C 312 8.42 -2.26 7.22
CA HIS C 312 7.40 -3.15 6.71
C HIS C 312 7.94 -3.96 5.52
N GLN C 313 8.81 -3.35 4.72
CA GLN C 313 9.44 -4.02 3.58
CA GLN C 313 9.41 -4.04 3.57
C GLN C 313 10.22 -5.27 4.00
N LEU C 314 11.00 -5.12 5.07
CA LEU C 314 11.81 -6.20 5.62
C LEU C 314 10.98 -7.34 6.20
N GLU C 315 9.90 -6.98 6.89
CA GLU C 315 8.96 -7.98 7.40
C GLU C 315 8.49 -8.82 6.22
N ASN C 316 7.96 -8.15 5.19
CA ASN C 316 7.48 -8.83 4.00
C ASN C 316 8.54 -9.65 3.29
N GLU C 317 9.77 -9.12 3.20
CA GLU C 317 10.81 -9.84 2.50
C GLU C 317 11.32 -11.07 3.25
N ALA C 318 11.39 -10.98 4.57
CA ALA C 318 11.71 -12.14 5.38
C ALA C 318 10.69 -13.25 5.18
N GLY C 319 9.40 -12.88 5.23
CA GLY C 319 8.33 -13.85 5.07
C GLY C 319 8.38 -14.47 3.69
N ARG C 320 8.65 -13.65 2.68
CA ARG C 320 8.68 -14.14 1.30
C ARG C 320 9.86 -15.08 1.01
N ILE C 321 11.07 -14.68 1.40
CA ILE C 321 12.27 -15.50 1.10
C ILE C 321 12.24 -16.86 1.84
N ASN C 322 11.92 -16.83 3.12
CA ASN C 322 11.76 -18.07 3.88
C ASN C 322 10.65 -18.98 3.36
N GLY C 323 9.57 -18.39 2.85
CA GLY C 323 8.44 -19.17 2.38
C GLY C 323 8.79 -19.88 1.10
N LYS C 324 9.69 -19.29 0.32
CA LYS C 324 10.09 -19.82 -0.97
C LYS C 324 11.23 -20.87 -0.90
N TYR C 325 12.24 -20.61 -0.06
CA TYR C 325 13.45 -21.43 -0.04
C TYR C 325 13.56 -22.30 1.21
N GLY C 326 12.66 -22.07 2.16
CA GLY C 326 12.68 -22.79 3.42
C GLY C 326 12.30 -24.25 3.23
N GLN C 327 12.63 -25.05 4.24
CA GLN C 327 12.36 -26.48 4.27
C GLN C 327 11.90 -26.81 5.68
N LEU C 328 11.36 -28.02 5.88
CA LEU C 328 10.86 -28.42 7.20
C LEU C 328 11.86 -28.23 8.34
N GLY C 329 13.15 -28.44 8.06
CA GLY C 329 14.17 -28.31 9.08
C GLY C 329 15.28 -27.30 8.79
N TRP C 330 14.99 -26.35 7.90
CA TRP C 330 15.97 -25.34 7.53
C TRP C 330 15.29 -24.04 7.12
N THR C 331 15.46 -23.03 7.98
CA THR C 331 15.01 -21.66 7.75
C THR C 331 16.22 -20.82 7.29
N PRO C 332 16.22 -20.40 6.00
CA PRO C 332 17.38 -19.76 5.38
C PRO C 332 17.76 -18.41 5.98
N LEU C 333 16.77 -17.69 6.49
CA LEU C 333 16.92 -16.30 6.89
C LEU C 333 16.38 -16.04 8.29
N TYR C 334 17.23 -15.55 9.19
CA TYR C 334 16.80 -15.16 10.53
C TYR C 334 16.86 -13.63 10.60
N TYR C 335 15.70 -13.00 10.61
CA TYR C 335 15.62 -11.56 10.74
C TYR C 335 15.09 -11.22 12.12
N LEU C 336 15.83 -10.40 12.86
CA LEU C 336 15.47 -10.10 14.25
C LEU C 336 15.41 -8.60 14.46
N ASN C 337 14.22 -8.10 14.73
CA ASN C 337 13.98 -6.66 14.82
C ASN C 337 14.17 -6.25 16.27
N GLN C 338 15.40 -6.40 16.77
CA GLN C 338 15.67 -6.28 18.20
C GLN C 338 17.07 -5.71 18.43
N HIS C 339 17.25 -5.06 19.57
CA HIS C 339 18.59 -4.60 19.96
C HIS C 339 19.32 -5.68 20.76
N PHE C 340 20.58 -5.93 20.39
CA PHE C 340 21.45 -6.86 21.12
C PHE C 340 22.63 -6.11 21.74
N ASP C 341 23.04 -6.56 22.92
CA ASP C 341 24.14 -5.92 23.62
C ASP C 341 25.47 -6.11 22.91
N ARG C 342 26.28 -5.07 22.92
CA ARG C 342 27.53 -5.01 22.18
C ARG C 342 28.48 -6.20 22.41
N LYS C 343 28.66 -6.60 23.67
CA LYS C 343 29.60 -7.68 24.02
C LYS C 343 29.18 -9.01 23.42
N LEU C 344 27.87 -9.26 23.45
CA LEU C 344 27.29 -10.45 22.84
C LEU C 344 27.58 -10.48 21.34
N LEU C 345 27.45 -9.33 20.68
CA LEU C 345 27.63 -9.23 19.23
C LEU C 345 29.05 -9.58 18.82
N MET C 346 30.01 -9.21 19.67
CA MET C 346 31.42 -9.48 19.39
C MET C 346 31.69 -10.99 19.35
N LYS C 347 31.02 -11.71 20.25
CA LYS C 347 31.08 -13.18 20.30
C LYS C 347 30.46 -13.78 19.05
N ILE C 348 29.32 -13.23 18.63
CA ILE C 348 28.65 -13.67 17.42
C ILE C 348 29.53 -13.43 16.20
N PHE C 349 30.18 -12.26 16.13
CA PHE C 349 31.15 -11.99 15.05
C PHE C 349 32.18 -13.13 15.00
N ARG C 350 32.68 -13.52 16.17
CA ARG C 350 33.73 -14.54 16.25
C ARG C 350 33.28 -15.86 15.64
N TYR C 351 32.09 -16.34 15.97
CA TYR C 351 31.69 -17.63 15.37
C TYR C 351 31.09 -17.58 13.97
N SER C 352 30.95 -16.38 13.41
CA SER C 352 30.36 -16.19 12.08
C SER C 352 31.36 -16.35 10.94
N ASP C 353 31.04 -17.23 10.01
CA ASP C 353 31.94 -17.50 8.88
C ASP C 353 32.04 -16.33 7.88
N VAL C 354 30.99 -15.50 7.82
CA VAL C 354 30.95 -14.37 6.86
C VAL C 354 30.29 -13.14 7.48
N GLY C 355 30.96 -12.00 7.36
CA GLY C 355 30.44 -10.71 7.81
C GLY C 355 29.93 -9.90 6.62
N LEU C 356 28.63 -9.60 6.63
CA LEU C 356 27.98 -8.95 5.49
C LEU C 356 27.68 -7.51 5.89
N VAL C 357 28.41 -6.57 5.30
CA VAL C 357 28.26 -5.14 5.61
C VAL C 357 28.15 -4.34 4.32
N THR C 358 26.93 -4.20 3.79
CA THR C 358 26.71 -3.58 2.49
C THR C 358 25.75 -2.37 2.51
N PRO C 359 26.10 -1.31 3.25
CA PRO C 359 25.29 -0.11 3.26
C PRO C 359 25.35 0.66 1.95
N LEU C 360 24.23 1.29 1.57
CA LEU C 360 24.16 2.15 0.38
C LEU C 360 25.01 3.43 0.48
N ARG C 361 25.19 3.94 1.70
CA ARG C 361 25.94 5.18 1.98
C ARG C 361 26.16 5.19 3.50
N ASP C 362 27.39 5.43 3.95
CA ASP C 362 27.74 5.37 5.37
C ASP C 362 29.02 6.17 5.67
N GLY C 363 29.01 6.92 6.76
CA GLY C 363 30.15 7.77 7.10
C GLY C 363 31.42 6.97 7.33
N MET C 364 31.32 5.91 8.14
CA MET C 364 32.41 4.95 8.30
C MET C 364 31.91 3.50 8.37
N ASN C 365 31.01 3.21 9.31
CA ASN C 365 30.54 1.85 9.65
C ASN C 365 31.58 1.10 10.51
N LEU C 366 31.44 1.22 11.82
CA LEU C 366 32.36 0.59 12.78
C LEU C 366 32.09 -0.91 12.85
N VAL C 367 30.86 -1.31 12.56
CA VAL C 367 30.52 -2.74 12.50
C VAL C 367 31.52 -3.54 11.66
N ALA C 368 31.91 -3.00 10.50
CA ALA C 368 32.85 -3.68 9.62
C ALA C 368 34.22 -3.85 10.27
N LYS C 369 34.62 -2.84 11.05
CA LYS C 369 35.89 -2.86 11.76
C LYS C 369 35.83 -3.80 12.98
N GLU C 370 34.72 -3.73 13.71
CA GLU C 370 34.51 -4.62 14.85
C GLU C 370 34.49 -6.09 14.43
N TYR C 371 33.96 -6.37 13.24
CA TYR C 371 33.93 -7.74 12.73
C TYR C 371 35.33 -8.27 12.54
N VAL C 372 36.19 -7.52 11.85
CA VAL C 372 37.57 -7.97 11.69
C VAL C 372 38.34 -8.09 13.01
N ALA C 373 38.17 -7.10 13.88
CA ALA C 373 38.78 -7.12 15.22
C ALA C 373 38.40 -8.35 16.04
N ALA C 374 37.16 -8.80 15.91
CA ALA C 374 36.64 -9.94 16.70
C ALA C 374 37.06 -11.32 16.21
N GLN C 375 37.62 -11.41 15.00
CA GLN C 375 37.96 -12.73 14.45
C GLN C 375 39.09 -13.41 15.21
N ASP C 376 38.98 -14.71 15.38
CA ASP C 376 40.12 -15.56 15.76
C ASP C 376 41.11 -15.44 14.63
N PRO C 377 42.30 -14.87 14.89
CA PRO C 377 43.26 -14.64 13.79
C PRO C 377 43.81 -15.92 13.13
N ALA C 378 43.72 -17.06 13.83
CA ALA C 378 44.13 -18.35 13.25
C ALA C 378 43.04 -19.03 12.38
N ASN C 379 41.77 -18.64 12.59
CA ASN C 379 40.63 -19.14 11.80
C ASN C 379 39.59 -18.01 11.56
N PRO C 380 39.93 -17.03 10.71
CA PRO C 380 39.03 -15.87 10.62
C PRO C 380 37.94 -16.00 9.56
N GLY C 381 36.78 -15.38 9.83
CA GLY C 381 35.70 -15.27 8.86
C GLY C 381 36.06 -14.26 7.79
N VAL C 382 35.19 -14.11 6.79
CA VAL C 382 35.47 -13.23 5.67
C VAL C 382 34.52 -12.03 5.72
N LEU C 383 35.07 -10.84 5.46
CA LEU C 383 34.26 -9.60 5.38
C LEU C 383 33.87 -9.27 3.94
N VAL C 384 32.56 -9.13 3.72
CA VAL C 384 32.03 -8.63 2.45
C VAL C 384 31.58 -7.19 2.70
N LEU C 385 32.13 -6.26 1.93
CA LEU C 385 32.01 -4.84 2.25
C LEU C 385 31.57 -4.00 1.05
N SER C 386 30.66 -3.09 1.31
CA SER C 386 30.18 -2.15 0.31
C SER C 386 31.22 -1.06 0.00
N GLN C 387 31.44 -0.81 -1.28
CA GLN C 387 32.31 0.29 -1.74
C GLN C 387 31.87 1.69 -1.27
N PHE C 388 30.61 1.83 -0.86
CA PHE C 388 30.13 3.15 -0.38
C PHE C 388 30.24 3.36 1.14
N ALA C 389 30.67 2.35 1.88
CA ALA C 389 30.93 2.55 3.30
C ALA C 389 32.29 3.25 3.40
N GLY C 390 32.42 4.19 4.33
CA GLY C 390 33.66 4.94 4.49
C GLY C 390 34.83 4.01 4.75
N ALA C 391 34.56 2.89 5.41
CA ALA C 391 35.56 1.89 5.75
C ALA C 391 36.22 1.24 4.55
N ALA C 392 35.53 1.22 3.40
CA ALA C 392 36.12 0.66 2.19
C ALA C 392 37.45 1.34 1.77
N ASN C 393 37.66 2.59 2.18
CA ASN C 393 38.90 3.33 1.87
C ASN C 393 40.15 2.69 2.52
N GLU C 394 39.96 2.15 3.73
CA GLU C 394 41.03 1.50 4.50
C GLU C 394 41.05 -0.03 4.35
N LEU C 395 39.89 -0.66 4.47
CA LEU C 395 39.80 -2.14 4.46
C LEU C 395 39.80 -2.68 3.04
N THR C 396 40.96 -2.58 2.39
CA THR C 396 41.09 -2.93 0.99
C THR C 396 41.17 -4.44 0.73
N SER C 397 41.36 -5.21 1.81
CA SER C 397 41.42 -6.67 1.71
C SER C 397 40.06 -7.37 1.91
N ALA C 398 39.01 -6.61 2.20
CA ALA C 398 37.66 -7.16 2.22
C ALA C 398 37.24 -7.49 0.80
N LEU C 399 36.19 -8.30 0.67
CA LEU C 399 35.56 -8.47 -0.62
C LEU C 399 34.70 -7.20 -0.81
N ILE C 400 35.11 -6.36 -1.77
CA ILE C 400 34.46 -5.07 -2.03
C ILE C 400 33.36 -5.25 -3.07
N VAL C 401 32.17 -4.77 -2.75
CA VAL C 401 31.03 -4.98 -3.65
C VAL C 401 30.18 -3.74 -3.86
N ASN C 402 29.50 -3.72 -4.98
CA ASN C 402 28.51 -2.70 -5.28
C ASN C 402 27.12 -3.30 -5.00
N PRO C 403 26.46 -2.84 -3.91
CA PRO C 403 25.12 -3.34 -3.49
C PRO C 403 24.00 -3.16 -4.51
N TYR C 404 24.23 -2.38 -5.57
CA TYR C 404 23.25 -2.24 -6.65
C TYR C 404 23.32 -3.36 -7.67
N ASP C 405 24.34 -4.22 -7.53
CA ASP C 405 24.49 -5.41 -8.36
C ASP C 405 24.31 -6.62 -7.45
N ARG C 406 23.06 -7.04 -7.23
CA ARG C 406 22.78 -8.16 -6.32
C ARG C 406 23.54 -9.46 -6.67
N ASP C 407 23.72 -9.73 -7.97
CA ASP C 407 24.42 -10.93 -8.43
C ASP C 407 25.92 -10.89 -8.11
N GLU C 408 26.50 -9.69 -8.11
CA GLU C 408 27.89 -9.49 -7.66
C GLU C 408 27.97 -9.71 -6.15
N VAL C 409 26.97 -9.26 -5.40
CA VAL C 409 26.97 -9.52 -3.95
C VAL C 409 26.79 -11.04 -3.69
N ALA C 410 25.92 -11.68 -4.46
CA ALA C 410 25.75 -13.13 -4.40
C ALA C 410 27.09 -13.84 -4.69
N ALA C 411 27.70 -13.52 -5.83
CA ALA C 411 29.00 -14.08 -6.23
C ALA C 411 30.02 -13.93 -5.11
N ALA C 412 30.11 -12.74 -4.52
CA ALA C 412 31.05 -12.49 -3.39
C ALA C 412 30.76 -13.33 -2.15
N LEU C 413 29.47 -13.52 -1.83
CA LEU C 413 29.09 -14.37 -0.70
C LEU C 413 29.48 -15.83 -0.95
N ASP C 414 29.25 -16.34 -2.16
CA ASP C 414 29.70 -17.67 -2.52
C ASP C 414 31.23 -17.78 -2.42
N ARG C 415 31.92 -16.76 -2.92
CA ARG C 415 33.36 -16.67 -2.79
C ARG C 415 33.82 -16.73 -1.32
N ALA C 416 33.17 -15.96 -0.46
CA ALA C 416 33.49 -15.94 0.98
C ALA C 416 33.22 -17.28 1.68
N LEU C 417 32.16 -17.97 1.28
CA LEU C 417 31.79 -19.22 1.94
C LEU C 417 32.76 -20.36 1.65
N THR C 418 33.43 -20.30 0.50
CA THR C 418 34.30 -21.39 0.04
C THR C 418 35.80 -21.02 0.08
N MET C 419 36.14 -19.89 0.70
CA MET C 419 37.51 -19.39 0.72
C MET C 419 38.42 -20.24 1.61
N SER C 420 39.55 -20.68 1.05
CA SER C 420 40.55 -21.49 1.77
C SER C 420 41.08 -20.71 2.98
N LEU C 421 41.44 -21.42 4.04
CA LEU C 421 42.00 -20.79 5.25
C LEU C 421 43.24 -19.91 4.97
N ALA C 422 44.02 -20.29 3.94
CA ALA C 422 45.22 -19.54 3.57
C ALA C 422 44.88 -18.11 3.13
N GLU C 423 43.95 -18.00 2.18
CA GLU C 423 43.45 -16.69 1.74
C GLU C 423 42.67 -15.96 2.85
N ARG C 424 41.92 -16.70 3.65
CA ARG C 424 41.19 -16.08 4.76
C ARG C 424 42.15 -15.37 5.72
N ILE C 425 43.23 -16.06 6.10
CA ILE C 425 44.22 -15.49 7.02
C ILE C 425 44.89 -14.23 6.47
N SER C 426 45.34 -14.29 5.20
CA SER C 426 46.05 -13.17 4.59
C SER C 426 45.19 -11.91 4.41
N ARG C 427 43.94 -12.06 3.96
CA ARG C 427 43.04 -10.91 3.92
C ARG C 427 42.81 -10.36 5.33
N HIS C 428 42.54 -11.25 6.28
CA HIS C 428 42.23 -10.80 7.62
C HIS C 428 43.37 -10.06 8.32
N ALA C 429 44.60 -10.53 8.12
CA ALA C 429 45.77 -9.93 8.75
C ALA C 429 46.06 -8.52 8.21
N GLU C 430 46.01 -8.35 6.88
CA GLU C 430 46.17 -7.02 6.26
C GLU C 430 45.17 -6.02 6.83
N MET C 431 43.91 -6.44 6.93
CA MET C 431 42.85 -5.59 7.51
C MET C 431 43.03 -5.30 9.00
N LEU C 432 43.47 -6.30 9.77
CA LEU C 432 43.68 -6.10 11.21
C LEU C 432 44.88 -5.18 11.49
N ASP C 433 45.92 -5.33 10.68
CA ASP C 433 47.05 -4.39 10.60
C ASP C 433 46.59 -2.92 10.51
N VAL C 434 45.82 -2.60 9.46
CA VAL C 434 45.27 -1.22 9.27
C VAL C 434 44.46 -0.70 10.47
N ILE C 435 43.57 -1.53 11.00
CA ILE C 435 42.69 -1.19 12.14
C ILE C 435 43.46 -0.95 13.44
N VAL C 436 44.52 -1.72 13.62
CA VAL C 436 45.44 -1.56 14.74
C VAL C 436 46.17 -0.21 14.66
N LYS C 437 46.81 0.08 13.53
CA LYS C 437 47.52 1.35 13.34
C LYS C 437 46.62 2.55 13.63
N ASN C 438 45.43 2.57 13.03
CA ASN C 438 44.50 3.69 13.19
C ASN C 438 43.38 3.42 14.22
N ASP C 439 43.76 3.35 15.51
CA ASP C 439 42.83 3.08 16.62
C ASP C 439 41.88 4.23 16.83
N ILE C 440 40.91 4.02 17.71
CA ILE C 440 40.08 5.09 18.27
C ILE C 440 40.95 6.11 19.02
N ASN C 441 41.93 5.62 19.77
CA ASN C 441 42.87 6.52 20.46
C ASN C 441 43.75 7.34 19.52
N HIS C 442 44.30 6.69 18.49
CA HIS C 442 45.01 7.40 17.43
C HIS C 442 44.13 8.46 16.76
N TRP C 443 42.83 8.16 16.61
CA TRP C 443 41.86 9.08 15.99
C TRP C 443 41.71 10.35 16.82
N GLN C 444 41.37 10.17 18.09
CA GLN C 444 41.07 11.27 18.98
C GLN C 444 42.30 12.13 19.32
N GLU C 445 43.47 11.50 19.41
CA GLU C 445 44.71 12.24 19.67
C GLU C 445 45.06 13.16 18.50
N CYS C 446 44.86 12.66 17.28
CA CYS C 446 45.13 13.42 16.06
C CYS C 446 44.25 14.65 15.95
N PHE C 447 42.97 14.51 16.28
CA PHE C 447 42.05 15.64 16.25
C PHE C 447 42.46 16.72 17.26
N ILE C 448 42.56 16.32 18.53
CA ILE C 448 42.90 17.22 19.64
C ILE C 448 44.23 17.97 19.43
N SER C 449 45.25 17.25 19.00
CA SER C 449 46.55 17.85 18.63
C SER C 449 46.40 18.94 17.55
N ASP C 450 45.79 18.60 16.42
CA ASP C 450 45.53 19.55 15.32
C ASP C 450 44.70 20.76 15.77
N LEU C 451 43.76 20.52 16.68
CA LEU C 451 42.93 21.58 17.24
C LEU C 451 43.74 22.54 18.11
N LYS C 452 44.73 22.00 18.82
CA LYS C 452 45.59 22.78 19.72
C LYS C 452 46.52 23.74 18.98
N GLN C 453 47.08 23.30 17.85
CA GLN C 453 48.00 24.09 17.04
C GLN C 453 47.36 25.32 16.39
N ILE C 454 46.04 25.38 16.40
CA ILE C 454 45.29 26.50 15.84
C ILE C 454 45.40 27.73 16.73
N VAL C 455 45.77 28.86 16.14
CA VAL C 455 45.81 30.14 16.87
C VAL C 455 44.41 30.77 16.96
N PRO C 456 43.93 31.05 18.19
CA PRO C 456 42.61 31.65 18.35
C PRO C 456 42.60 33.12 17.90
N ARG C 457 41.41 33.64 17.58
CA ARG C 457 41.24 35.07 17.33
C ARG C 457 40.54 35.70 18.52
N SER D 2 29.20 15.36 -47.82
CA SER D 2 28.54 16.16 -46.75
C SER D 2 27.24 15.54 -46.21
N ARG D 3 26.88 14.36 -46.72
CA ARG D 3 25.62 13.69 -46.32
C ARG D 3 25.53 13.46 -44.81
N LEU D 4 24.39 13.82 -44.21
CA LEU D 4 24.19 13.58 -42.78
C LEU D 4 23.42 12.30 -42.50
N VAL D 5 23.91 11.51 -41.56
CA VAL D 5 23.22 10.31 -41.09
C VAL D 5 22.89 10.52 -39.60
N VAL D 6 21.60 10.43 -39.26
CA VAL D 6 21.14 10.59 -37.90
C VAL D 6 20.58 9.27 -37.37
N VAL D 7 20.89 8.95 -36.13
CA VAL D 7 20.45 7.73 -35.48
C VAL D 7 19.83 8.10 -34.14
N SER D 8 18.60 7.64 -33.90
CA SER D 8 17.96 7.78 -32.58
C SER D 8 17.09 6.56 -32.30
N ASN D 9 16.64 6.42 -31.06
CA ASN D 9 15.89 5.23 -30.68
C ASN D 9 14.64 5.04 -31.55
N ARG D 10 13.90 6.12 -31.76
CA ARG D 10 12.67 6.09 -32.55
C ARG D 10 12.73 7.13 -33.63
N ILE D 11 12.25 6.80 -34.82
CA ILE D 11 12.10 7.82 -35.87
C ILE D 11 10.65 8.33 -35.86
N ALA D 12 10.44 9.55 -36.32
CA ALA D 12 9.09 10.10 -36.50
C ALA D 12 8.45 9.57 -37.79
N PRO D 13 7.12 9.77 -37.96
CA PRO D 13 6.53 9.49 -39.28
C PRO D 13 7.35 10.15 -40.38
N PRO D 14 7.46 9.50 -41.56
CA PRO D 14 8.37 9.94 -42.61
C PRO D 14 7.88 11.16 -43.36
N ASP D 15 7.81 12.29 -42.66
CA ASP D 15 7.33 13.55 -43.22
C ASP D 15 7.93 14.71 -42.44
N GLU D 16 8.31 15.78 -43.13
CA GLU D 16 8.88 16.98 -42.48
C GLU D 16 7.91 17.69 -41.55
N HIS D 17 6.63 17.57 -41.83
CA HIS D 17 5.62 18.22 -41.00
C HIS D 17 5.44 17.52 -39.66
N ALA D 18 6.11 16.38 -39.53
CA ALA D 18 6.17 15.68 -38.28
C ALA D 18 6.83 16.50 -37.19
N ALA D 19 7.53 17.57 -37.56
CA ALA D 19 8.21 18.43 -36.63
C ALA D 19 7.26 19.19 -35.70
N SER D 20 6.03 19.37 -36.13
CA SER D 20 5.11 20.14 -35.35
C SER D 20 4.40 19.31 -34.33
N ALA D 21 4.73 18.04 -34.23
CA ALA D 21 4.44 17.33 -33.01
C ALA D 21 5.53 17.53 -31.95
N GLY D 22 6.64 18.10 -32.35
CA GLY D 22 7.74 18.32 -31.43
C GLY D 22 8.44 17.06 -30.96
N GLY D 23 9.19 17.19 -29.89
CA GLY D 23 10.21 16.24 -29.56
C GLY D 23 11.48 16.28 -30.39
N LEU D 24 12.22 15.18 -30.31
CA LEU D 24 13.55 15.03 -30.92
C LEU D 24 13.54 15.30 -32.44
N ALA D 25 12.39 15.02 -33.06
CA ALA D 25 12.12 15.29 -34.48
C ALA D 25 12.44 16.71 -34.99
N VAL D 26 12.22 17.73 -34.16
CA VAL D 26 12.37 19.13 -34.60
C VAL D 26 13.81 19.40 -35.05
N GLY D 27 14.76 19.14 -34.15
CA GLY D 27 16.18 19.38 -34.45
C GLY D 27 16.66 18.58 -35.64
N ILE D 28 16.40 17.28 -35.56
CA ILE D 28 16.79 16.30 -36.58
C ILE D 28 16.31 16.66 -37.99
N LEU D 29 15.05 17.03 -38.13
CA LEU D 29 14.47 17.38 -39.42
C LEU D 29 15.07 18.65 -40.06
N GLY D 30 15.34 19.65 -39.22
CA GLY D 30 16.05 20.86 -39.68
C GLY D 30 17.41 20.52 -40.29
N ALA D 31 18.19 19.70 -39.59
CA ALA D 31 19.52 19.30 -40.06
C ALA D 31 19.52 18.57 -41.40
N LEU D 32 18.55 17.66 -41.56
CA LEU D 32 18.49 16.80 -42.74
C LEU D 32 18.11 17.51 -44.06
N LYS D 33 17.20 18.48 -43.98
CA LYS D 33 16.74 19.19 -45.17
C LYS D 33 17.84 20.05 -45.81
N ALA D 34 18.69 20.64 -44.99
CA ALA D 34 19.83 21.39 -45.47
C ALA D 34 20.89 20.53 -46.11
N ALA D 35 21.23 19.43 -45.46
CA ALA D 35 22.28 18.57 -45.95
C ALA D 35 21.77 17.42 -46.76
N GLY D 36 20.55 17.03 -46.48
CA GLY D 36 19.95 15.91 -47.14
C GLY D 36 20.56 14.76 -46.38
N GLY D 37 19.89 13.64 -46.33
CA GLY D 37 20.47 12.45 -45.72
C GLY D 37 19.55 11.34 -45.27
N LEU D 38 19.78 10.88 -44.04
CA LEU D 38 19.25 9.62 -43.59
C LEU D 38 18.92 9.70 -42.12
N TRP D 39 17.69 9.33 -41.79
CA TRP D 39 17.31 9.13 -40.41
C TRP D 39 17.03 7.65 -40.18
N PHE D 40 17.81 7.04 -39.30
CA PHE D 40 17.79 5.61 -39.00
C PHE D 40 17.36 5.41 -37.57
N GLY D 41 16.42 4.50 -37.35
CA GLY D 41 15.92 4.22 -36.01
C GLY D 41 14.85 3.16 -35.97
N TRP D 42 14.42 2.82 -34.76
CA TRP D 42 13.43 1.78 -34.53
C TRP D 42 12.03 2.27 -34.89
N SER D 43 11.29 1.43 -35.61
CA SER D 43 9.90 1.73 -36.01
C SER D 43 8.93 1.81 -34.83
N GLY D 44 9.33 1.28 -33.67
CA GLY D 44 8.46 1.27 -32.50
C GLY D 44 7.55 0.06 -32.41
N GLU D 45 7.76 -0.90 -33.33
CA GLU D 45 6.99 -2.14 -33.37
C GLU D 45 7.85 -3.36 -33.03
N THR D 46 7.27 -4.31 -32.30
CA THR D 46 8.00 -5.51 -31.93
C THR D 46 7.71 -6.64 -32.90
N GLY D 47 8.60 -7.61 -32.95
CA GLY D 47 8.41 -8.75 -33.83
C GLY D 47 8.82 -8.46 -35.23
N ASN D 48 8.77 -9.46 -36.09
CA ASN D 48 9.16 -9.33 -37.48
C ASN D 48 10.60 -8.89 -37.60
N GLU D 49 11.47 -9.43 -36.76
CA GLU D 49 12.86 -9.04 -36.74
C GLU D 49 13.72 -9.26 -37.98
N ASP D 50 13.61 -10.43 -38.61
CA ASP D 50 14.45 -10.69 -39.77
C ASP D 50 13.62 -10.25 -40.92
N GLN D 51 13.89 -9.02 -41.31
CA GLN D 51 13.14 -8.36 -42.31
C GLN D 51 14.06 -7.30 -42.80
N PRO D 52 14.00 -6.96 -44.06
CA PRO D 52 14.82 -5.87 -44.54
C PRO D 52 14.28 -4.55 -43.98
N LEU D 53 15.17 -3.60 -43.81
CA LEU D 53 14.84 -2.25 -43.40
C LEU D 53 13.75 -1.65 -44.28
N LYS D 54 12.77 -0.99 -43.67
CA LYS D 54 11.82 -0.23 -44.44
C LYS D 54 12.42 1.14 -44.73
N LYS D 55 12.49 1.49 -46.02
CA LYS D 55 13.09 2.75 -46.43
C LYS D 55 12.04 3.62 -47.11
N VAL D 56 11.90 4.85 -46.62
CA VAL D 56 10.99 5.81 -47.22
C VAL D 56 11.77 7.06 -47.63
N LYS D 57 11.65 7.44 -48.90
CA LYS D 57 12.37 8.60 -49.41
C LYS D 57 11.41 9.70 -49.86
N LYS D 58 11.49 10.85 -49.19
CA LYS D 58 10.82 12.07 -49.65
C LYS D 58 11.88 13.13 -49.95
N GLY D 59 12.04 13.43 -51.24
CA GLY D 59 13.05 14.38 -51.68
C GLY D 59 14.43 13.88 -51.33
N ASN D 60 15.18 14.70 -50.59
CA ASN D 60 16.57 14.37 -50.25
C ASN D 60 16.74 13.66 -48.90
N ILE D 61 15.63 13.33 -48.25
CA ILE D 61 15.66 12.65 -46.93
C ILE D 61 15.13 11.22 -47.03
N THR D 62 15.89 10.26 -46.50
CA THR D 62 15.43 8.89 -46.36
C THR D 62 15.21 8.56 -44.88
N TRP D 63 14.08 7.91 -44.61
CA TRP D 63 13.79 7.41 -43.29
C TRP D 63 13.99 5.91 -43.38
N ALA D 64 14.72 5.34 -42.42
CA ALA D 64 14.98 3.90 -42.41
C ALA D 64 14.70 3.28 -41.04
N SER D 65 13.88 2.23 -41.02
CA SER D 65 13.51 1.60 -39.76
C SER D 65 13.57 0.08 -39.81
N PHE D 66 13.57 -0.50 -38.62
CA PHE D 66 13.59 -1.94 -38.42
C PHE D 66 12.68 -2.17 -37.22
N ASN D 67 12.27 -3.42 -37.02
CA ASN D 67 11.60 -3.86 -35.78
C ASN D 67 12.57 -4.54 -34.82
N LEU D 68 12.14 -4.74 -33.58
CA LEU D 68 12.92 -5.43 -32.56
C LEU D 68 12.14 -6.65 -32.04
N SER D 69 12.85 -7.73 -31.68
CA SER D 69 12.24 -8.85 -30.94
C SER D 69 11.77 -8.39 -29.58
N GLU D 70 10.76 -9.08 -29.04
CA GLU D 70 10.23 -8.74 -27.71
C GLU D 70 11.30 -8.83 -26.63
N GLN D 71 12.12 -9.88 -26.67
CA GLN D 71 13.22 -10.03 -25.73
C GLN D 71 14.23 -8.89 -25.86
N ASP D 72 14.63 -8.57 -27.09
CA ASP D 72 15.55 -7.45 -27.30
C ASP D 72 14.94 -6.14 -26.77
N LEU D 73 13.64 -5.94 -27.02
CA LEU D 73 12.98 -4.74 -26.56
C LEU D 73 12.95 -4.64 -25.04
N ASP D 74 12.67 -5.77 -24.39
CA ASP D 74 12.56 -5.75 -22.94
C ASP D 74 13.86 -5.46 -22.20
N GLU D 75 14.98 -6.02 -22.68
CA GLU D 75 16.25 -5.86 -21.97
C GLU D 75 16.89 -4.50 -22.29
N TYR D 76 16.81 -4.10 -23.55
CA TYR D 76 17.45 -2.90 -24.05
C TYR D 76 16.69 -1.66 -23.67
N TYR D 77 15.38 -1.67 -23.94
CA TYR D 77 14.53 -0.50 -23.76
C TYR D 77 13.84 -0.44 -22.39
N ASN D 78 12.94 -1.40 -22.11
CA ASN D 78 12.18 -1.39 -20.85
C ASN D 78 13.10 -1.47 -19.64
N GLN D 79 14.14 -2.30 -19.71
CA GLN D 79 14.99 -2.55 -18.55
C GLN D 79 16.23 -1.65 -18.43
N PHE D 80 17.15 -1.72 -19.38
CA PHE D 80 18.37 -0.96 -19.20
C PHE D 80 18.19 0.55 -19.45
N SER D 81 17.55 0.91 -20.56
CA SER D 81 17.31 2.33 -20.82
C SER D 81 16.39 2.96 -19.76
N ASN D 82 15.22 2.36 -19.52
CA ASN D 82 14.18 3.01 -18.74
C ASN D 82 14.21 2.75 -17.25
N ALA D 83 14.91 1.68 -16.85
CA ALA D 83 14.94 1.27 -15.44
C ALA D 83 16.35 1.23 -14.92
N VAL D 84 17.32 1.54 -15.76
CA VAL D 84 18.70 1.76 -15.27
C VAL D 84 19.24 3.17 -15.57
N LEU D 85 19.44 3.48 -16.85
CA LEU D 85 20.04 4.76 -17.24
C LEU D 85 19.17 5.96 -16.86
N TRP D 86 17.87 5.88 -17.14
CA TRP D 86 16.95 6.96 -16.82
C TRP D 86 16.94 7.34 -15.32
N PRO D 87 16.67 6.37 -14.42
CA PRO D 87 16.71 6.71 -12.98
C PRO D 87 18.05 7.24 -12.51
N ALA D 88 19.14 6.55 -12.86
CA ALA D 88 20.48 7.01 -12.52
C ALA D 88 20.79 8.44 -12.99
N PHE D 89 20.53 8.71 -14.27
CA PHE D 89 20.87 10.03 -14.83
C PHE D 89 19.98 11.14 -14.25
N HIS D 90 18.82 10.75 -13.70
CA HIS D 90 17.97 11.67 -12.93
C HIS D 90 18.14 11.53 -11.42
N TYR D 91 19.29 10.99 -10.98
CA TYR D 91 19.65 10.99 -9.55
C TYR D 91 18.72 10.17 -8.67
N ARG D 92 18.18 9.08 -9.21
CA ARG D 92 17.28 8.20 -8.47
C ARG D 92 17.83 6.76 -8.39
N LEU D 93 18.97 6.63 -7.74
CA LEU D 93 19.61 5.33 -7.48
C LEU D 93 18.72 4.34 -6.72
N ASP D 94 17.83 4.86 -5.87
CA ASP D 94 16.84 4.04 -5.15
C ASP D 94 15.87 3.34 -6.12
N LEU D 95 15.87 3.80 -7.37
CA LEU D 95 14.97 3.29 -8.39
C LEU D 95 15.65 2.41 -9.43
N VAL D 96 16.99 2.41 -9.51
CA VAL D 96 17.61 1.62 -10.58
C VAL D 96 17.38 0.12 -10.36
N GLN D 97 17.11 -0.58 -11.45
CA GLN D 97 16.91 -2.03 -11.40
C GLN D 97 17.96 -2.75 -12.22
N PHE D 98 19.20 -2.83 -11.73
CA PHE D 98 20.28 -3.42 -12.52
C PHE D 98 20.26 -4.95 -12.50
N GLN D 99 20.36 -5.56 -13.69
CA GLN D 99 20.48 -7.02 -13.86
C GLN D 99 21.32 -7.27 -15.12
N ARG D 100 22.34 -8.11 -15.00
CA ARG D 100 23.25 -8.44 -16.11
C ARG D 100 22.60 -8.70 -17.48
N PRO D 101 21.53 -9.52 -17.55
CA PRO D 101 20.90 -9.73 -18.84
C PRO D 101 20.41 -8.44 -19.51
N ALA D 102 19.97 -7.48 -18.71
CA ALA D 102 19.54 -6.18 -19.23
C ALA D 102 20.73 -5.49 -19.92
N TRP D 103 21.88 -5.47 -19.26
CA TRP D 103 23.11 -4.92 -19.79
C TRP D 103 23.53 -5.64 -21.07
N ASP D 104 23.47 -6.98 -21.04
CA ASP D 104 23.83 -7.77 -22.21
C ASP D 104 22.90 -7.47 -23.39
N GLY D 105 21.60 -7.42 -23.13
CA GLY D 105 20.65 -7.00 -24.18
C GLY D 105 20.94 -5.61 -24.73
N TYR D 106 21.20 -4.67 -23.83
CA TYR D 106 21.56 -3.30 -24.21
C TYR D 106 22.75 -3.29 -25.18
N LEU D 107 23.83 -3.97 -24.81
CA LEU D 107 24.98 -4.14 -25.72
C LEU D 107 24.61 -4.88 -27.01
N ARG D 108 23.80 -5.93 -26.90
CA ARG D 108 23.39 -6.70 -28.07
C ARG D 108 22.63 -5.85 -29.12
N VAL D 109 21.65 -5.05 -28.69
CA VAL D 109 20.90 -4.26 -29.70
C VAL D 109 21.69 -3.10 -30.31
N ASN D 110 22.56 -2.49 -29.52
CA ASN D 110 23.51 -1.52 -30.08
C ASN D 110 24.34 -2.14 -31.20
N ALA D 111 24.81 -3.37 -30.97
CA ALA D 111 25.58 -4.14 -31.94
C ALA D 111 24.75 -4.47 -33.17
N LEU D 112 23.51 -4.91 -32.94
CA LEU D 112 22.54 -5.19 -34.01
C LEU D 112 22.27 -3.95 -34.89
N LEU D 113 22.08 -2.79 -34.27
CA LEU D 113 21.78 -1.56 -35.00
C LEU D 113 22.98 -1.13 -35.88
N ALA D 114 24.18 -1.34 -35.35
CA ALA D 114 25.41 -1.05 -36.07
C ALA D 114 25.55 -1.91 -37.33
N ASP D 115 25.23 -3.21 -37.21
CA ASP D 115 25.23 -4.14 -38.35
C ASP D 115 24.23 -3.73 -39.43
N LYS D 116 23.04 -3.28 -39.00
CA LYS D 116 22.02 -2.79 -39.92
C LYS D 116 22.38 -1.45 -40.60
N LEU D 117 23.04 -0.58 -39.85
CA LEU D 117 23.40 0.75 -40.35
C LEU D 117 24.56 0.68 -41.36
N LEU D 118 25.53 -0.19 -41.10
CA LEU D 118 26.76 -0.21 -41.91
C LEU D 118 26.57 -0.24 -43.45
N PRO D 119 25.77 -1.17 -44.00
CA PRO D 119 25.62 -1.13 -45.46
C PRO D 119 25.07 0.20 -46.04
N LEU D 120 24.46 1.05 -45.21
CA LEU D 120 23.86 2.30 -45.69
C LEU D 120 24.82 3.50 -45.71
N LEU D 121 25.99 3.32 -45.09
CA LEU D 121 26.96 4.39 -44.90
C LEU D 121 27.85 4.62 -46.12
N GLN D 122 28.25 5.87 -46.31
CA GLN D 122 29.26 6.22 -47.30
C GLN D 122 30.44 6.81 -46.55
N ASP D 123 31.60 6.81 -47.20
CA ASP D 123 32.85 7.18 -46.56
C ASP D 123 32.90 8.59 -46.00
N ASP D 124 32.28 9.56 -46.64
CA ASP D 124 32.34 10.89 -46.01
C ASP D 124 31.07 11.39 -45.28
N ASP D 125 30.14 10.46 -44.98
CA ASP D 125 28.98 10.77 -44.13
C ASP D 125 29.43 11.34 -42.79
N ILE D 126 28.74 12.36 -42.30
CA ILE D 126 28.85 12.76 -40.89
C ILE D 126 27.73 12.04 -40.16
N ILE D 127 28.03 11.53 -38.97
CA ILE D 127 27.06 10.71 -38.25
C ILE D 127 26.74 11.37 -36.91
N TRP D 128 25.45 11.47 -36.59
CA TRP D 128 24.97 12.15 -35.41
C TRP D 128 24.03 11.23 -34.64
N ILE D 129 24.47 10.85 -33.45
CA ILE D 129 23.76 9.88 -32.62
C ILE D 129 23.08 10.58 -31.45
N HIS D 130 21.84 10.19 -31.17
CA HIS D 130 21.05 10.83 -30.11
C HIS D 130 20.69 9.96 -28.93
N ASP D 131 21.14 10.40 -27.76
CA ASP D 131 20.56 10.07 -26.47
C ASP D 131 20.97 8.73 -25.85
N TYR D 132 20.54 8.54 -24.61
CA TYR D 132 21.08 7.52 -23.72
C TYR D 132 20.88 6.08 -24.18
N HIS D 133 19.92 5.84 -25.08
CA HIS D 133 19.71 4.49 -25.63
C HIS D 133 20.96 3.98 -26.36
N LEU D 134 21.84 4.91 -26.73
CA LEU D 134 22.91 4.62 -27.69
C LEU D 134 24.31 5.05 -27.25
N LEU D 135 24.57 5.13 -25.95
CA LEU D 135 25.93 5.40 -25.45
C LEU D 135 27.03 4.54 -26.12
N PRO D 136 26.79 3.21 -26.31
CA PRO D 136 27.79 2.28 -26.86
C PRO D 136 27.96 2.37 -28.36
N PHE D 137 27.13 3.17 -29.01
CA PHE D 137 27.03 3.06 -30.45
C PHE D 137 28.31 3.40 -31.24
N ALA D 138 29.06 4.42 -30.83
CA ALA D 138 30.29 4.78 -31.56
C ALA D 138 31.30 3.64 -31.47
N HIS D 139 31.50 3.13 -30.26
CA HIS D 139 32.29 1.94 -30.04
C HIS D 139 31.96 0.79 -31.01
N GLU D 140 30.67 0.49 -31.15
CA GLU D 140 30.27 -0.58 -32.04
C GLU D 140 30.63 -0.26 -33.49
N LEU D 141 30.54 1.01 -33.88
CA LEU D 141 30.89 1.36 -35.23
C LEU D 141 32.41 1.37 -35.45
N ARG D 142 33.20 1.76 -34.44
CA ARG D 142 34.66 1.68 -34.53
C ARG D 142 35.12 0.24 -34.80
N LYS D 143 34.67 -0.69 -33.96
CA LYS D 143 34.93 -2.13 -34.09
C LYS D 143 34.71 -2.67 -35.48
N ARG D 144 33.84 -2.00 -36.23
CA ARG D 144 33.45 -2.45 -37.55
C ARG D 144 34.13 -1.65 -38.65
N GLY D 145 35.08 -0.79 -38.26
CA GLY D 145 35.90 -0.06 -39.23
C GLY D 145 35.32 1.26 -39.74
N VAL D 146 34.35 1.85 -39.04
CA VAL D 146 33.90 3.17 -39.47
C VAL D 146 34.76 4.30 -38.90
N ASN D 147 35.38 5.03 -39.83
CA ASN D 147 36.28 6.10 -39.45
C ASN D 147 35.65 7.49 -39.60
N ASN D 148 34.39 7.53 -40.06
CA ASN D 148 33.61 8.77 -40.17
C ASN D 148 33.62 9.61 -38.88
N ARG D 149 33.33 10.90 -39.03
CA ARG D 149 33.07 11.75 -37.87
C ARG D 149 31.77 11.36 -37.21
N ILE D 150 31.78 11.20 -35.89
CA ILE D 150 30.61 10.78 -35.14
C ILE D 150 30.42 11.65 -33.92
N GLY D 151 29.26 12.32 -33.87
CA GLY D 151 28.90 13.14 -32.72
C GLY D 151 27.79 12.49 -31.90
N PHE D 152 27.76 12.80 -30.62
CA PHE D 152 26.75 12.29 -29.74
C PHE D 152 26.13 13.49 -29.04
N PHE D 153 24.80 13.50 -28.93
CA PHE D 153 24.13 14.47 -28.08
C PHE D 153 23.30 13.84 -26.97
N LEU D 154 23.57 14.25 -25.75
CA LEU D 154 22.85 13.75 -24.60
C LEU D 154 21.71 14.72 -24.21
N HIS D 155 20.46 14.27 -24.36
CA HIS D 155 19.29 15.14 -24.12
C HIS D 155 18.89 15.31 -22.66
N ILE D 156 19.37 14.40 -21.83
CA ILE D 156 19.02 14.35 -20.43
C ILE D 156 20.26 14.71 -19.63
N PRO D 157 20.13 14.90 -18.30
CA PRO D 157 21.31 15.30 -17.57
C PRO D 157 22.39 14.20 -17.51
N PHE D 158 23.65 14.59 -17.32
CA PHE D 158 24.72 13.64 -16.99
C PHE D 158 25.08 13.83 -15.50
N PRO D 159 24.97 12.75 -14.68
CA PRO D 159 25.08 12.92 -13.24
C PRO D 159 26.54 12.95 -12.77
N THR D 160 26.79 13.56 -11.60
CA THR D 160 28.16 13.61 -11.01
C THR D 160 28.65 12.23 -10.59
N PRO D 161 29.97 12.06 -10.53
CA PRO D 161 30.64 10.78 -10.24
C PRO D 161 30.03 9.98 -9.10
N GLU D 162 29.63 10.65 -8.02
CA GLU D 162 29.11 9.97 -6.85
C GLU D 162 27.84 9.19 -7.18
N ILE D 163 27.08 9.66 -8.16
CA ILE D 163 25.92 8.95 -8.65
C ILE D 163 26.32 8.00 -9.77
N PHE D 164 27.01 8.52 -10.80
CA PHE D 164 27.34 7.72 -11.97
C PHE D 164 28.12 6.44 -11.65
N ASN D 165 29.09 6.55 -10.73
CA ASN D 165 29.97 5.43 -10.37
C ASN D 165 29.26 4.30 -9.62
N ALA D 166 28.01 4.52 -9.21
CA ALA D 166 27.19 3.47 -8.61
C ALA D 166 26.64 2.47 -9.63
N LEU D 167 26.69 2.84 -10.90
CA LEU D 167 26.24 1.97 -11.98
C LEU D 167 27.26 0.84 -12.14
N PRO D 168 26.77 -0.42 -12.18
CA PRO D 168 27.79 -1.48 -12.22
C PRO D 168 28.68 -1.46 -13.45
N THR D 169 28.21 -0.89 -14.55
CA THR D 169 28.95 -0.91 -15.81
C THR D 169 29.47 0.50 -16.22
N TYR D 170 29.59 1.37 -15.24
CA TYR D 170 30.00 2.75 -15.44
C TYR D 170 31.33 2.88 -16.21
N ASP D 171 32.32 2.04 -15.89
CA ASP D 171 33.63 2.17 -16.52
C ASP D 171 33.59 1.77 -18.00
N THR D 172 32.79 0.77 -18.35
CA THR D 172 32.55 0.42 -19.76
C THR D 172 31.86 1.57 -20.51
N LEU D 173 30.78 2.08 -19.95
CA LEU D 173 30.06 3.21 -20.53
C LEU D 173 31.04 4.34 -20.86
N LEU D 174 31.84 4.75 -19.87
CA LEU D 174 32.85 5.80 -20.03
C LEU D 174 33.86 5.52 -21.17
N GLU D 175 34.39 4.30 -21.22
CA GLU D 175 35.36 3.91 -22.25
C GLU D 175 34.75 4.05 -23.62
N GLN D 176 33.53 3.54 -23.75
CA GLN D 176 32.80 3.56 -25.00
C GLN D 176 32.43 4.96 -25.47
N LEU D 177 32.13 5.85 -24.54
CA LEU D 177 31.76 7.22 -24.87
C LEU D 177 32.92 7.99 -25.52
N CYS D 178 34.15 7.59 -25.21
CA CYS D 178 35.32 8.24 -25.79
C CYS D 178 35.59 7.86 -27.26
N ASP D 179 34.85 6.89 -27.79
CA ASP D 179 34.90 6.56 -29.24
C ASP D 179 34.18 7.57 -30.15
N TYR D 180 33.39 8.46 -29.55
CA TYR D 180 32.77 9.59 -30.27
C TYR D 180 33.83 10.67 -30.53
N ASP D 181 33.75 11.31 -31.70
CA ASP D 181 34.61 12.46 -31.99
C ASP D 181 34.11 13.72 -31.25
N LEU D 182 32.79 13.83 -31.08
CA LEU D 182 32.20 14.97 -30.36
C LEU D 182 31.06 14.52 -29.43
N LEU D 183 31.09 15.05 -28.21
CA LEU D 183 30.02 14.84 -27.25
C LEU D 183 29.38 16.17 -26.87
N GLY D 184 28.10 16.34 -27.23
CA GLY D 184 27.31 17.50 -26.82
C GLY D 184 26.49 17.28 -25.56
N PHE D 185 26.35 18.34 -24.76
CA PHE D 185 25.56 18.29 -23.53
C PHE D 185 24.61 19.47 -23.49
N GLN D 186 23.57 19.33 -22.66
CA GLN D 186 22.54 20.37 -22.51
C GLN D 186 23.05 21.61 -21.75
N THR D 187 23.91 21.38 -20.75
CA THR D 187 24.38 22.43 -19.85
C THR D 187 25.87 22.20 -19.50
N GLU D 188 26.53 23.25 -19.00
CA GLU D 188 27.94 23.13 -18.57
C GLU D 188 28.15 22.12 -17.44
N ASN D 189 27.21 22.04 -16.48
CA ASN D 189 27.30 21.02 -15.42
C ASN D 189 27.27 19.56 -15.91
N ASP D 190 26.50 19.28 -16.96
CA ASP D 190 26.49 17.94 -17.56
C ASP D 190 27.87 17.63 -18.15
N ARG D 191 28.39 18.57 -18.92
CA ARG D 191 29.71 18.41 -19.54
C ARG D 191 30.78 18.17 -18.48
N LEU D 192 30.78 18.99 -17.42
CA LEU D 192 31.78 18.88 -16.35
C LEU D 192 31.66 17.59 -15.55
N ALA D 193 30.42 17.11 -15.36
CA ALA D 193 30.18 15.85 -14.66
C ALA D 193 30.78 14.66 -15.41
N PHE D 194 30.64 14.66 -16.72
CA PHE D 194 31.21 13.60 -17.55
C PHE D 194 32.75 13.55 -17.47
N LEU D 195 33.35 14.72 -17.59
CA LEU D 195 34.80 14.89 -17.56
C LEU D 195 35.36 14.44 -16.22
N ASP D 196 34.67 14.80 -15.16
CA ASP D 196 35.03 14.38 -13.83
C ASP D 196 34.93 12.86 -13.62
N CYS D 197 33.83 12.25 -14.07
CA CYS D 197 33.73 10.78 -14.01
C CYS D 197 34.91 10.17 -14.74
N LEU D 198 35.25 10.70 -15.90
CA LEU D 198 36.39 10.24 -16.68
C LEU D 198 37.71 10.36 -15.90
N SER D 199 37.93 11.51 -15.27
CA SER D 199 39.13 11.75 -14.45
C SER D 199 39.32 10.83 -13.25
N ASN D 200 38.23 10.47 -12.56
CA ASN D 200 38.34 9.52 -11.47
C ASN D 200 38.79 8.14 -11.94
N LEU D 201 38.66 7.87 -13.24
CA LEU D 201 39.01 6.58 -13.85
C LEU D 201 40.40 6.54 -14.45
N THR D 202 40.78 7.61 -15.14
CA THR D 202 42.00 7.61 -15.96
C THR D 202 42.56 9.02 -16.06
N ARG D 203 43.79 9.13 -16.54
CA ARG D 203 44.40 10.42 -16.79
C ARG D 203 43.77 11.04 -18.02
N VAL D 204 43.11 12.18 -17.85
CA VAL D 204 42.64 12.91 -19.02
C VAL D 204 43.40 14.22 -19.26
N THR D 205 43.83 14.40 -20.50
CA THR D 205 44.62 15.55 -20.90
C THR D 205 43.73 16.51 -21.67
N THR D 206 43.61 17.73 -21.19
CA THR D 206 42.81 18.73 -21.86
C THR D 206 43.60 19.89 -22.47
N ARG D 207 43.29 20.29 -23.64
CA ARG D 207 43.70 21.38 -24.30
C ARG D 207 42.44 22.26 -24.62
N SER D 208 42.58 23.56 -24.55
CA SER D 208 41.48 24.40 -24.30
C SER D 208 41.16 23.90 -22.90
N ALA D 209 40.04 23.63 -22.22
CA ALA D 209 38.82 23.81 -22.59
C ALA D 209 38.05 22.41 -22.65
N LYS D 210 38.00 22.11 -23.88
CA LYS D 210 37.11 21.22 -24.60
C LYS D 210 37.73 20.28 -25.66
N SER D 211 39.05 20.15 -25.68
CA SER D 211 39.72 19.14 -26.51
C SER D 211 40.42 18.18 -25.55
N HIS D 212 40.22 16.88 -25.74
CA HIS D 212 40.61 15.91 -24.71
C HIS D 212 41.29 14.67 -25.27
N THR D 213 42.02 13.99 -24.39
CA THR D 213 42.60 12.68 -24.65
C THR D 213 42.44 11.80 -23.40
N ALA D 214 42.07 10.54 -23.61
CA ALA D 214 42.01 9.55 -22.52
C ALA D 214 42.23 8.19 -23.15
N TRP D 215 43.04 7.35 -22.50
CA TRP D 215 43.35 6.02 -23.00
C TRP D 215 43.82 6.06 -24.46
N GLY D 216 44.37 7.20 -24.86
CA GLY D 216 44.87 7.36 -26.24
C GLY D 216 43.82 7.84 -27.23
N LYS D 217 42.57 7.93 -26.80
CA LYS D 217 41.50 8.36 -27.70
C LYS D 217 41.30 9.88 -27.63
N ALA D 218 41.18 10.52 -28.79
CA ALA D 218 40.92 11.96 -28.88
C ALA D 218 39.43 12.24 -29.13
N PHE D 219 38.89 13.24 -28.43
CA PHE D 219 37.46 13.64 -28.55
C PHE D 219 37.26 15.06 -28.03
N ARG D 220 36.26 15.77 -28.59
CA ARG D 220 35.83 17.07 -28.08
C ARG D 220 34.51 17.01 -27.31
N THR D 221 34.38 17.90 -26.32
CA THR D 221 33.10 18.12 -25.64
C THR D 221 32.62 19.57 -25.86
N GLU D 222 31.31 19.78 -25.72
CA GLU D 222 30.70 21.10 -25.87
C GLU D 222 29.25 21.10 -25.34
N VAL D 223 28.74 22.31 -25.12
CA VAL D 223 27.42 22.57 -24.57
C VAL D 223 26.59 23.14 -25.71
N TYR D 224 25.46 22.48 -26.01
CA TYR D 224 24.49 22.99 -26.98
C TYR D 224 23.08 22.90 -26.38
N PRO D 225 22.64 23.97 -25.70
CA PRO D 225 21.33 23.88 -25.07
C PRO D 225 20.22 23.89 -26.12
N ILE D 226 19.43 22.83 -26.19
CA ILE D 226 18.42 22.68 -27.23
C ILE D 226 17.29 23.72 -27.06
N GLY D 227 16.75 24.18 -28.20
CA GLY D 227 15.71 25.21 -28.23
C GLY D 227 14.45 24.71 -28.93
N ILE D 228 13.58 25.64 -29.30
CA ILE D 228 12.32 25.36 -29.99
C ILE D 228 12.24 26.12 -31.31
N GLU D 229 11.08 26.01 -31.96
CA GLU D 229 10.72 26.73 -33.17
C GLU D 229 9.67 27.85 -32.82
N PRO D 230 10.13 29.07 -32.46
CA PRO D 230 9.20 30.09 -31.92
C PRO D 230 8.09 30.59 -32.86
N LYS D 231 8.38 30.67 -34.16
CA LYS D 231 7.38 31.10 -35.15
C LYS D 231 6.31 30.06 -35.42
N GLU D 232 6.68 28.79 -35.28
CA GLU D 232 5.71 27.70 -35.36
C GLU D 232 4.74 27.76 -34.18
N ILE D 233 5.29 27.99 -32.99
CA ILE D 233 4.49 28.00 -31.77
C ILE D 233 3.51 29.16 -31.75
N ALA D 234 4.00 30.34 -32.16
CA ALA D 234 3.18 31.55 -32.26
C ALA D 234 2.00 31.30 -33.19
N LYS D 235 2.27 30.72 -34.36
CA LYS D 235 1.24 30.38 -35.32
C LYS D 235 0.19 29.42 -34.70
N GLN D 236 0.68 28.33 -34.11
CA GLN D 236 -0.20 27.37 -33.46
C GLN D 236 -0.98 27.99 -32.29
N ALA D 237 -0.41 29.01 -31.65
CA ALA D 237 -0.99 29.60 -30.44
C ALA D 237 -2.06 30.66 -30.70
N ALA D 238 -1.92 31.39 -31.80
CA ALA D 238 -2.78 32.54 -32.10
C ALA D 238 -4.05 32.18 -32.88
N GLY D 239 -4.07 30.99 -33.49
CA GLY D 239 -5.21 30.54 -34.28
C GLY D 239 -6.53 30.46 -33.50
N PRO D 240 -7.67 30.50 -34.22
CA PRO D 240 -9.01 30.38 -33.61
C PRO D 240 -9.18 29.07 -32.83
N LEU D 241 -9.72 29.16 -31.62
CA LEU D 241 -9.86 27.98 -30.75
C LEU D 241 -10.78 26.93 -31.35
N PRO D 242 -10.48 25.64 -31.09
CA PRO D 242 -11.42 24.58 -31.48
C PRO D 242 -12.71 24.69 -30.65
N PRO D 243 -13.88 24.49 -31.29
CA PRO D 243 -15.14 24.43 -30.55
C PRO D 243 -15.07 23.57 -29.28
N LYS D 244 -14.07 22.68 -29.20
CA LYS D 244 -13.85 21.83 -28.02
C LYS D 244 -13.06 22.51 -26.89
N LEU D 245 -12.61 23.74 -27.16
CA LEU D 245 -12.00 24.60 -26.14
C LEU D 245 -12.80 25.89 -25.96
N ALA D 246 -14.05 25.89 -26.42
CA ALA D 246 -14.94 27.02 -26.24
C ALA D 246 -15.25 27.22 -24.75
N GLN D 247 -15.53 26.12 -24.06
CA GLN D 247 -15.92 26.14 -22.64
C GLN D 247 -14.80 26.46 -21.65
N LEU D 248 -13.57 26.03 -21.93
CA LEU D 248 -12.43 26.44 -21.10
C LEU D 248 -12.23 27.96 -21.15
N LYS D 249 -12.28 28.54 -22.36
CA LYS D 249 -12.06 29.98 -22.55
C LYS D 249 -13.11 30.81 -21.81
N ALA D 250 -14.32 30.29 -21.71
CA ALA D 250 -15.42 30.94 -20.98
C ALA D 250 -15.16 30.95 -19.47
N GLU D 251 -14.68 29.83 -18.94
CA GLU D 251 -14.40 29.70 -17.52
C GLU D 251 -13.22 30.56 -17.11
N LEU D 252 -12.23 30.64 -17.99
CA LEU D 252 -11.01 31.42 -17.76
C LEU D 252 -11.26 32.93 -17.82
N LYS D 253 -12.49 33.32 -18.15
CA LYS D 253 -12.90 34.72 -18.07
C LYS D 253 -12.92 35.19 -16.62
N ASN D 254 -13.29 34.30 -15.69
CA ASN D 254 -13.33 34.65 -14.26
C ASN D 254 -12.66 33.64 -13.31
N VAL D 255 -11.61 32.98 -13.80
CA VAL D 255 -10.72 32.21 -12.95
C VAL D 255 -9.32 32.31 -13.58
N GLN D 256 -8.33 32.61 -12.76
CA GLN D 256 -6.95 32.56 -13.23
C GLN D 256 -6.45 31.09 -13.28
N ASN D 257 -5.95 30.65 -14.44
CA ASN D 257 -5.44 29.28 -14.60
C ASN D 257 -3.93 29.22 -14.39
N ILE D 258 -3.52 28.35 -13.47
CA ILE D 258 -2.15 27.90 -13.35
C ILE D 258 -2.08 26.58 -14.14
N PHE D 259 -1.18 26.52 -15.12
CA PHE D 259 -1.15 25.38 -16.05
C PHE D 259 0.22 24.66 -16.08
N SER D 260 0.20 23.32 -16.01
CA SER D 260 1.40 22.47 -16.14
C SER D 260 1.09 21.34 -17.11
N VAL D 261 2.08 20.96 -17.90
CA VAL D 261 1.97 19.79 -18.74
C VAL D 261 3.33 19.10 -18.86
N GLU D 262 3.33 17.79 -18.62
CA GLU D 262 4.51 16.92 -18.79
C GLU D 262 4.09 15.45 -18.80
N ARG D 263 5.00 14.59 -19.25
CA ARG D 263 4.82 13.15 -19.09
C ARG D 263 4.74 12.87 -17.60
N LEU D 264 3.89 11.92 -17.23
CA LEU D 264 3.85 11.48 -15.85
C LEU D 264 5.12 10.68 -15.50
N ASP D 265 6.16 11.41 -15.07
CA ASP D 265 7.49 10.86 -14.78
C ASP D 265 7.98 11.34 -13.40
N TYR D 266 8.64 10.48 -12.63
CA TYR D 266 9.12 10.88 -11.30
C TYR D 266 10.18 12.01 -11.37
N SER D 267 10.78 12.22 -12.54
CA SER D 267 11.73 13.35 -12.74
C SER D 267 11.04 14.72 -12.65
N LYS D 268 9.74 14.75 -12.93
CA LYS D 268 8.99 16.01 -13.02
C LYS D 268 8.50 16.59 -11.70
N GLY D 269 8.69 15.86 -10.60
CA GLY D 269 8.26 16.35 -9.28
C GLY D 269 6.78 16.73 -9.12
N LEU D 270 5.90 15.95 -9.72
CA LEU D 270 4.46 16.26 -9.67
C LEU D 270 3.86 16.24 -8.25
N PRO D 271 4.20 15.23 -7.42
CA PRO D 271 3.80 15.23 -6.01
C PRO D 271 4.21 16.51 -5.24
N GLU D 272 5.48 16.92 -5.38
CA GLU D 272 5.98 18.14 -4.73
C GLU D 272 5.19 19.34 -5.20
N ARG D 273 4.83 19.33 -6.48
CA ARG D 273 4.07 20.40 -7.12
C ARG D 273 2.63 20.50 -6.58
N PHE D 274 2.02 19.34 -6.39
CA PHE D 274 0.72 19.25 -5.75
C PHE D 274 0.80 19.82 -4.33
N LEU D 275 1.91 19.55 -3.63
CA LEU D 275 2.07 20.04 -2.25
C LEU D 275 2.23 21.55 -2.19
N ALA D 276 2.85 22.14 -3.22
CA ALA D 276 2.99 23.58 -3.34
C ALA D 276 1.64 24.25 -3.58
N TYR D 277 0.82 23.66 -4.43
CA TYR D 277 -0.52 24.19 -4.67
C TYR D 277 -1.34 24.11 -3.40
N GLU D 278 -1.17 23.03 -2.62
CA GLU D 278 -1.85 22.93 -1.35
C GLU D 278 -1.40 24.03 -0.39
N ALA D 279 -0.10 24.30 -0.36
CA ALA D 279 0.44 25.39 0.45
C ALA D 279 -0.15 26.74 0.02
N LEU D 280 -0.27 26.97 -1.28
CA LEU D 280 -0.92 28.18 -1.80
C LEU D 280 -2.37 28.34 -1.31
N LEU D 281 -3.14 27.26 -1.38
CA LEU D 281 -4.54 27.26 -0.92
C LEU D 281 -4.67 27.47 0.59
N GLU D 282 -3.74 26.88 1.33
CA GLU D 282 -3.72 26.91 2.78
C GLU D 282 -3.35 28.30 3.28
N LYS D 283 -2.30 28.87 2.69
CA LYS D 283 -1.72 30.11 3.19
C LYS D 283 -2.22 31.38 2.48
N TYR D 284 -2.88 31.23 1.35
CA TYR D 284 -3.39 32.39 0.62
C TYR D 284 -4.90 32.32 0.34
N PRO D 285 -5.72 32.27 1.41
CA PRO D 285 -7.15 32.03 1.24
C PRO D 285 -7.89 33.01 0.33
N GLN D 286 -7.31 34.18 0.07
CA GLN D 286 -7.93 35.16 -0.81
C GLN D 286 -8.12 34.63 -2.24
N HIS D 287 -7.33 33.62 -2.62
CA HIS D 287 -7.46 33.07 -3.96
C HIS D 287 -8.60 32.06 -4.11
N HIS D 288 -9.23 31.69 -2.99
CA HIS D 288 -10.29 30.67 -3.00
C HIS D 288 -11.45 31.01 -3.94
N GLY D 289 -11.79 30.06 -4.80
CA GLY D 289 -12.87 30.27 -5.76
C GLY D 289 -12.46 31.04 -7.01
N LYS D 290 -11.24 31.58 -7.03
CA LYS D 290 -10.82 32.49 -8.10
C LYS D 290 -9.60 32.05 -8.88
N ILE D 291 -9.11 30.84 -8.58
CA ILE D 291 -7.96 30.28 -9.26
C ILE D 291 -8.20 28.81 -9.57
N ARG D 292 -7.36 28.25 -10.44
CA ARG D 292 -7.39 26.83 -10.78
C ARG D 292 -5.98 26.37 -11.09
N TYR D 293 -5.68 25.13 -10.77
CA TYR D 293 -4.45 24.53 -11.22
C TYR D 293 -4.81 23.33 -12.08
N THR D 294 -4.45 23.41 -13.36
CA THR D 294 -4.66 22.30 -14.30
C THR D 294 -3.32 21.62 -14.60
N GLN D 295 -3.25 20.33 -14.29
CA GLN D 295 -2.08 19.51 -14.55
C GLN D 295 -2.45 18.45 -15.58
N ILE D 296 -1.85 18.54 -16.74
CA ILE D 296 -1.96 17.50 -17.75
C ILE D 296 -0.77 16.55 -17.62
N ALA D 297 -1.02 15.25 -17.41
CA ALA D 297 0.07 14.26 -17.28
C ALA D 297 -0.25 12.90 -17.93
N PRO D 298 0.07 12.74 -19.23
CA PRO D 298 -0.10 11.46 -19.92
C PRO D 298 0.78 10.38 -19.29
N THR D 299 0.23 9.16 -19.23
CA THR D 299 0.98 8.02 -18.75
C THR D 299 2.18 7.85 -19.67
N SER D 300 3.33 7.56 -19.10
CA SER D 300 4.57 7.36 -19.81
C SER D 300 5.26 6.11 -19.23
N ARG D 301 5.79 5.25 -20.11
CA ARG D 301 6.50 4.01 -19.70
C ARG D 301 5.76 3.28 -18.61
N GLY D 302 4.49 3.04 -18.89
CA GLY D 302 3.55 2.62 -17.89
C GLY D 302 3.81 1.26 -17.26
N ASP D 303 4.53 0.40 -17.96
CA ASP D 303 4.79 -0.93 -17.41
C ASP D 303 6.03 -0.99 -16.51
N VAL D 304 6.78 0.10 -16.43
CA VAL D 304 7.85 0.18 -15.43
C VAL D 304 7.24 0.43 -14.04
N GLN D 305 7.61 -0.38 -13.06
CA GLN D 305 7.06 -0.35 -11.72
C GLN D 305 7.09 1.07 -11.07
N ALA D 306 8.25 1.72 -11.09
CA ALA D 306 8.41 3.06 -10.52
C ALA D 306 7.43 4.07 -11.12
N TYR D 307 7.12 3.93 -12.40
CA TYR D 307 6.14 4.80 -13.04
C TYR D 307 4.71 4.54 -12.57
N GLN D 308 4.43 3.27 -12.23
CA GLN D 308 3.08 2.91 -11.76
C GLN D 308 2.88 3.48 -10.36
N ASP D 309 3.89 3.34 -9.51
CA ASP D 309 3.80 3.89 -8.17
C ASP D 309 3.54 5.39 -8.16
N ILE D 310 4.21 6.13 -9.04
CA ILE D 310 4.02 7.59 -9.06
C ILE D 310 2.61 7.99 -9.56
N ARG D 311 2.10 7.26 -10.55
CA ARG D 311 0.73 7.47 -11.03
C ARG D 311 -0.31 7.28 -9.93
N HIS D 312 -0.15 6.23 -9.12
CA HIS D 312 -1.08 5.99 -7.99
C HIS D 312 -0.98 7.06 -6.89
N GLN D 313 0.25 7.49 -6.57
CA GLN D 313 0.47 8.61 -5.63
C GLN D 313 -0.27 9.89 -6.05
N LEU D 314 -0.15 10.24 -7.33
CA LEU D 314 -0.82 11.41 -7.90
C LEU D 314 -2.34 11.29 -7.83
N GLU D 315 -2.87 10.10 -8.11
CA GLU D 315 -4.31 9.85 -8.01
C GLU D 315 -4.81 10.15 -6.59
N ASN D 316 -4.10 9.61 -5.60
CA ASN D 316 -4.39 9.87 -4.19
C ASN D 316 -4.37 11.37 -3.85
N GLU D 317 -3.30 12.04 -4.26
CA GLU D 317 -3.07 13.42 -3.87
C GLU D 317 -4.08 14.37 -4.47
N ALA D 318 -4.45 14.18 -5.74
CA ALA D 318 -5.53 14.95 -6.34
C ALA D 318 -6.83 14.76 -5.57
N GLY D 319 -7.15 13.51 -5.19
CA GLY D 319 -8.38 13.25 -4.46
C GLY D 319 -8.36 13.93 -3.10
N ARG D 320 -7.20 13.88 -2.44
CA ARG D 320 -7.03 14.43 -1.10
C ARG D 320 -7.22 15.96 -1.14
N ILE D 321 -6.49 16.62 -2.03
CA ILE D 321 -6.47 18.08 -2.07
C ILE D 321 -7.83 18.64 -2.50
N ASN D 322 -8.44 18.07 -3.53
CA ASN D 322 -9.80 18.48 -3.89
C ASN D 322 -10.78 18.18 -2.76
N GLY D 323 -10.54 17.07 -2.06
CA GLY D 323 -11.42 16.59 -0.99
C GLY D 323 -11.43 17.57 0.17
N LYS D 324 -10.27 18.18 0.39
CA LYS D 324 -10.03 19.07 1.53
C LYS D 324 -10.40 20.55 1.21
N TYR D 325 -10.03 21.05 0.03
CA TYR D 325 -10.24 22.48 -0.31
C TYR D 325 -11.37 22.77 -1.31
N GLY D 326 -11.95 21.73 -1.90
CA GLY D 326 -13.05 21.92 -2.84
C GLY D 326 -14.31 22.53 -2.25
N GLN D 327 -15.13 23.11 -3.11
CA GLN D 327 -16.40 23.65 -2.69
C GLN D 327 -17.42 23.04 -3.63
N LEU D 328 -18.70 23.21 -3.30
CA LEU D 328 -19.75 22.72 -4.16
C LEU D 328 -19.68 23.29 -5.58
N GLY D 329 -19.20 24.52 -5.71
CA GLY D 329 -19.16 25.11 -7.05
C GLY D 329 -17.76 25.43 -7.55
N TRP D 330 -16.75 24.77 -6.97
CA TRP D 330 -15.36 25.08 -7.27
C TRP D 330 -14.40 23.95 -6.90
N THR D 331 -13.74 23.40 -7.92
CA THR D 331 -12.75 22.34 -7.78
C THR D 331 -11.39 22.98 -8.03
N PRO D 332 -10.54 23.04 -6.99
CA PRO D 332 -9.29 23.77 -7.13
C PRO D 332 -8.28 23.15 -8.11
N LEU D 333 -8.28 21.82 -8.22
CA LEU D 333 -7.24 21.13 -9.00
C LEU D 333 -7.86 20.24 -10.08
N TYR D 334 -7.54 20.53 -11.35
CA TYR D 334 -7.99 19.71 -12.49
C TYR D 334 -6.85 18.80 -12.92
N TYR D 335 -6.93 17.52 -12.58
CA TYR D 335 -5.87 16.61 -12.88
C TYR D 335 -6.31 15.68 -14.00
N LEU D 336 -5.55 15.68 -15.09
CA LEU D 336 -5.93 14.99 -16.31
C LEU D 336 -4.82 14.03 -16.75
N ASN D 337 -5.09 12.73 -16.64
CA ASN D 337 -4.09 11.69 -16.97
C ASN D 337 -4.23 11.28 -18.44
N GLN D 338 -4.02 12.25 -19.33
CA GLN D 338 -4.40 12.12 -20.73
C GLN D 338 -3.38 12.83 -21.62
N HIS D 339 -3.19 12.33 -22.84
CA HIS D 339 -2.34 13.03 -23.79
C HIS D 339 -3.17 14.08 -24.56
N PHE D 340 -2.59 15.24 -24.75
CA PHE D 340 -3.21 16.30 -25.52
C PHE D 340 -2.40 16.67 -26.78
N ASP D 341 -3.12 16.93 -27.87
CA ASP D 341 -2.58 17.52 -29.11
C ASP D 341 -1.77 18.78 -28.79
N ARG D 342 -0.50 18.78 -29.23
CA ARG D 342 0.44 19.88 -28.99
C ARG D 342 -0.05 21.24 -29.48
N LYS D 343 -0.68 21.28 -30.65
CA LYS D 343 -1.13 22.57 -31.14
C LYS D 343 -2.26 23.11 -30.25
N LEU D 344 -3.07 22.21 -29.69
CA LEU D 344 -4.07 22.62 -28.70
C LEU D 344 -3.41 23.13 -27.41
N LEU D 345 -2.31 22.51 -27.01
CA LEU D 345 -1.59 22.94 -25.82
C LEU D 345 -1.06 24.38 -25.97
N MET D 346 -0.62 24.73 -27.18
CA MET D 346 -0.08 26.08 -27.39
C MET D 346 -1.17 27.13 -27.12
N LYS D 347 -2.40 26.83 -27.54
CA LYS D 347 -3.55 27.70 -27.23
C LYS D 347 -3.81 27.83 -25.73
N ILE D 348 -3.81 26.70 -25.01
CA ILE D 348 -4.03 26.71 -23.56
C ILE D 348 -2.96 27.52 -22.85
N PHE D 349 -1.70 27.41 -23.31
CA PHE D 349 -0.59 28.22 -22.78
C PHE D 349 -0.89 29.71 -22.91
N ARG D 350 -1.31 30.14 -24.10
CA ARG D 350 -1.64 31.55 -24.34
C ARG D 350 -2.72 32.02 -23.36
N TYR D 351 -3.69 31.17 -23.06
CA TYR D 351 -4.78 31.63 -22.22
C TYR D 351 -4.57 31.47 -20.73
N SER D 352 -3.46 30.81 -20.34
CA SER D 352 -3.15 30.53 -18.93
C SER D 352 -2.31 31.61 -18.30
N ASP D 353 -2.80 32.19 -17.20
CA ASP D 353 -2.07 33.24 -16.47
C ASP D 353 -0.69 32.83 -15.94
N VAL D 354 -0.53 31.56 -15.58
CA VAL D 354 0.73 31.08 -15.01
C VAL D 354 1.11 29.73 -15.64
N GLY D 355 2.38 29.61 -16.02
CA GLY D 355 2.97 28.35 -16.42
C GLY D 355 3.82 27.84 -15.26
N LEU D 356 3.47 26.65 -14.76
CA LEU D 356 4.17 26.09 -13.63
C LEU D 356 5.00 24.93 -14.14
N VAL D 357 6.32 25.10 -14.14
CA VAL D 357 7.24 24.11 -14.65
C VAL D 357 8.32 23.84 -13.60
N THR D 358 8.06 22.90 -12.71
CA THR D 358 9.01 22.66 -11.62
C THR D 358 9.55 21.23 -11.48
N PRO D 359 10.24 20.73 -12.52
CA PRO D 359 10.84 19.38 -12.42
C PRO D 359 11.95 19.29 -11.37
N LEU D 360 12.18 18.10 -10.84
CA LEU D 360 13.26 17.86 -9.88
C LEU D 360 14.61 17.75 -10.59
N ARG D 361 14.60 17.19 -11.80
CA ARG D 361 15.79 17.12 -12.66
C ARG D 361 15.26 17.09 -14.07
N ASP D 362 15.85 17.88 -14.97
CA ASP D 362 15.37 17.88 -16.35
C ASP D 362 16.48 18.39 -17.25
N GLY D 363 16.77 17.65 -18.32
CA GLY D 363 17.85 17.98 -19.24
C GLY D 363 17.73 19.39 -19.74
N MET D 364 16.51 19.77 -20.14
CA MET D 364 16.21 21.15 -20.55
C MET D 364 14.80 21.53 -20.09
N ASN D 365 13.83 20.83 -20.64
CA ASN D 365 12.41 21.12 -20.49
C ASN D 365 11.96 22.17 -21.51
N LEU D 366 11.43 21.69 -22.63
CA LEU D 366 10.94 22.55 -23.69
C LEU D 366 9.53 23.11 -23.43
N VAL D 367 8.79 22.53 -22.48
CA VAL D 367 7.48 23.06 -22.16
C VAL D 367 7.62 24.49 -21.65
N ALA D 368 8.64 24.75 -20.85
CA ALA D 368 8.94 26.09 -20.34
C ALA D 368 9.17 27.07 -21.47
N LYS D 369 9.97 26.66 -22.45
CA LYS D 369 10.23 27.51 -23.61
C LYS D 369 9.00 27.70 -24.49
N GLU D 370 8.29 26.61 -24.80
CA GLU D 370 6.99 26.67 -25.48
C GLU D 370 6.02 27.63 -24.79
N TYR D 371 5.94 27.57 -23.47
CA TYR D 371 5.01 28.44 -22.72
C TYR D 371 5.25 29.91 -23.04
N VAL D 372 6.50 30.36 -22.90
CA VAL D 372 6.80 31.77 -23.18
C VAL D 372 6.59 32.15 -24.63
N ALA D 373 6.99 31.27 -25.58
CA ALA D 373 6.74 31.51 -27.00
C ALA D 373 5.25 31.64 -27.37
N ALA D 374 4.39 30.96 -26.61
CA ALA D 374 2.98 30.96 -26.95
C ALA D 374 2.24 32.22 -26.48
N GLN D 375 2.85 32.99 -25.57
CA GLN D 375 2.23 34.17 -24.98
C GLN D 375 1.92 35.29 -25.99
N ASP D 376 0.81 35.98 -25.74
CA ASP D 376 0.43 37.22 -26.41
C ASP D 376 1.35 38.26 -25.82
N PRO D 377 2.24 38.85 -26.65
CA PRO D 377 3.25 39.79 -26.13
C PRO D 377 2.64 41.05 -25.50
N ALA D 378 1.41 41.38 -25.93
CA ALA D 378 0.64 42.52 -25.38
C ALA D 378 -0.05 42.23 -24.04
N ASN D 379 -0.22 40.94 -23.70
CA ASN D 379 -0.69 40.52 -22.37
C ASN D 379 -0.18 39.13 -21.96
N PRO D 380 1.09 39.05 -21.51
CA PRO D 380 1.65 37.71 -21.33
C PRO D 380 1.49 37.13 -19.93
N GLY D 381 1.38 35.81 -19.82
CA GLY D 381 1.37 35.13 -18.53
C GLY D 381 2.77 35.00 -17.95
N VAL D 382 2.88 34.41 -16.76
CA VAL D 382 4.14 34.34 -16.00
C VAL D 382 4.65 32.89 -15.86
N LEU D 383 5.96 32.71 -16.05
CA LEU D 383 6.57 31.40 -15.91
C LEU D 383 7.20 31.24 -14.54
N VAL D 384 6.74 30.21 -13.81
CA VAL D 384 7.38 29.75 -12.59
C VAL D 384 8.22 28.50 -12.90
N LEU D 385 9.51 28.56 -12.58
CA LEU D 385 10.49 27.60 -13.12
C LEU D 385 11.45 27.03 -12.05
N SER D 386 11.55 25.70 -11.99
CA SER D 386 12.52 25.05 -11.09
C SER D 386 13.98 25.34 -11.48
N GLN D 387 14.80 25.65 -10.48
CA GLN D 387 16.25 25.86 -10.70
C GLN D 387 16.98 24.60 -11.25
N PHE D 388 16.36 23.43 -11.07
CA PHE D 388 17.01 22.19 -11.52
C PHE D 388 16.70 21.80 -12.97
N ALA D 389 15.77 22.53 -13.62
CA ALA D 389 15.55 22.35 -15.04
C ALA D 389 16.69 23.03 -15.78
N GLY D 390 17.24 22.35 -16.77
CA GLY D 390 18.30 22.91 -17.62
C GLY D 390 17.95 24.28 -18.22
N ALA D 391 16.66 24.47 -18.54
CA ALA D 391 16.15 25.77 -19.06
C ALA D 391 16.43 26.98 -18.16
N ALA D 392 16.64 26.73 -16.88
CA ALA D 392 16.81 27.78 -15.89
C ALA D 392 18.13 28.52 -16.04
N ASN D 393 19.10 27.90 -16.72
CA ASN D 393 20.36 28.58 -17.02
C ASN D 393 20.15 29.76 -17.99
N GLU D 394 19.20 29.63 -18.91
CA GLU D 394 18.88 30.64 -19.93
C GLU D 394 17.73 31.59 -19.55
N LEU D 395 16.69 31.05 -18.91
CA LEU D 395 15.47 31.81 -18.61
C LEU D 395 15.56 32.44 -17.21
N THR D 396 16.48 33.40 -17.07
CA THR D 396 16.73 34.09 -15.80
C THR D 396 15.57 34.99 -15.33
N SER D 397 14.76 35.46 -16.27
CA SER D 397 13.63 36.33 -15.95
C SER D 397 12.34 35.59 -15.57
N ALA D 398 12.42 34.27 -15.52
CA ALA D 398 11.36 33.46 -14.94
C ALA D 398 11.46 33.63 -13.43
N LEU D 399 10.37 33.34 -12.74
CA LEU D 399 10.42 33.18 -11.29
C LEU D 399 11.05 31.83 -10.96
N ILE D 400 12.32 31.85 -10.54
CA ILE D 400 13.09 30.63 -10.24
C ILE D 400 12.86 30.16 -8.81
N VAL D 401 12.52 28.88 -8.66
CA VAL D 401 12.26 28.34 -7.32
C VAL D 401 12.92 26.99 -7.06
N ASN D 402 12.94 26.61 -5.80
CA ASN D 402 13.37 25.30 -5.34
C ASN D 402 12.14 24.49 -4.93
N PRO D 403 11.79 23.48 -5.75
CA PRO D 403 10.60 22.65 -5.50
C PRO D 403 10.61 21.91 -4.17
N TYR D 404 11.80 21.71 -3.59
CA TYR D 404 11.91 21.13 -2.24
C TYR D 404 11.41 22.06 -1.14
N ASP D 405 11.14 23.31 -1.50
CA ASP D 405 10.60 24.26 -0.54
C ASP D 405 9.23 24.70 -1.04
N ARG D 406 8.20 23.97 -0.62
CA ARG D 406 6.84 24.20 -1.13
C ARG D 406 6.29 25.61 -0.89
N ASP D 407 6.65 26.22 0.25
CA ASP D 407 6.22 27.57 0.58
C ASP D 407 6.86 28.60 -0.34
N GLU D 408 8.08 28.32 -0.80
CA GLU D 408 8.73 29.18 -1.79
C GLU D 408 8.02 29.06 -3.15
N VAL D 409 7.63 27.84 -3.53
CA VAL D 409 6.89 27.66 -4.77
C VAL D 409 5.56 28.41 -4.68
N ALA D 410 4.86 28.30 -3.55
CA ALA D 410 3.54 28.93 -3.35
C ALA D 410 3.60 30.47 -3.33
N ALA D 411 4.63 31.02 -2.70
CA ALA D 411 4.93 32.47 -2.75
C ALA D 411 5.17 32.94 -4.19
N ALA D 412 5.92 32.18 -4.98
CA ALA D 412 6.11 32.52 -6.39
C ALA D 412 4.79 32.50 -7.22
N LEU D 413 3.93 31.54 -6.92
CA LEU D 413 2.63 31.44 -7.59
C LEU D 413 1.74 32.62 -7.27
N ASP D 414 1.69 32.99 -5.99
CA ASP D 414 0.96 34.16 -5.56
C ASP D 414 1.54 35.43 -6.22
N ARG D 415 2.86 35.52 -6.26
CA ARG D 415 3.51 36.64 -6.91
C ARG D 415 3.15 36.66 -8.40
N ALA D 416 3.24 35.50 -9.06
CA ALA D 416 2.85 35.36 -10.47
C ALA D 416 1.39 35.75 -10.73
N LEU D 417 0.49 35.37 -9.83
CA LEU D 417 -0.94 35.62 -10.02
C LEU D 417 -1.31 37.10 -9.96
N THR D 418 -0.53 37.89 -9.24
CA THR D 418 -0.86 39.30 -9.02
C THR D 418 0.10 40.27 -9.70
N MET D 419 0.91 39.77 -10.62
CA MET D 419 1.98 40.57 -11.21
C MET D 419 1.40 41.57 -12.19
N SER D 420 1.91 42.81 -12.14
CA SER D 420 1.43 43.88 -13.01
C SER D 420 1.78 43.59 -14.48
N LEU D 421 1.05 44.22 -15.38
CA LEU D 421 1.24 44.05 -16.80
C LEU D 421 2.64 44.46 -17.26
N ALA D 422 3.12 45.62 -16.80
CA ALA D 422 4.48 46.10 -17.13
C ALA D 422 5.57 45.10 -16.72
N GLU D 423 5.49 44.56 -15.50
CA GLU D 423 6.47 43.56 -15.08
C GLU D 423 6.34 42.27 -15.89
N ARG D 424 5.11 41.83 -16.16
CA ARG D 424 4.91 40.64 -16.98
C ARG D 424 5.48 40.84 -18.40
N ILE D 425 5.27 42.02 -18.95
CA ILE D 425 5.80 42.33 -20.29
C ILE D 425 7.32 42.32 -20.33
N SER D 426 7.98 42.93 -19.35
CA SER D 426 9.44 42.97 -19.32
C SER D 426 10.05 41.58 -19.10
N ARG D 427 9.60 40.85 -18.08
CA ARG D 427 10.06 39.47 -17.89
C ARG D 427 9.82 38.61 -19.13
N HIS D 428 8.64 38.71 -19.73
CA HIS D 428 8.35 37.92 -20.91
C HIS D 428 9.26 38.26 -22.11
N ALA D 429 9.57 39.54 -22.29
CA ALA D 429 10.36 39.95 -23.45
C ALA D 429 11.82 39.51 -23.36
N GLU D 430 12.40 39.61 -22.17
CA GLU D 430 13.76 39.13 -21.94
C GLU D 430 13.86 37.63 -22.26
N MET D 431 12.89 36.86 -21.77
CA MET D 431 12.83 35.43 -22.03
C MET D 431 12.59 35.09 -23.49
N LEU D 432 11.63 35.77 -24.12
CA LEU D 432 11.35 35.52 -25.53
C LEU D 432 12.59 35.79 -26.38
N ASP D 433 13.34 36.83 -26.03
CA ASP D 433 14.57 37.18 -26.75
C ASP D 433 15.65 36.05 -26.71
N VAL D 434 15.89 35.47 -25.54
CA VAL D 434 16.83 34.33 -25.45
C VAL D 434 16.36 33.09 -26.28
N ILE D 435 15.05 32.92 -26.36
CA ILE D 435 14.45 31.76 -27.01
C ILE D 435 14.51 31.91 -28.54
N VAL D 436 14.37 33.15 -28.99
CA VAL D 436 14.47 33.51 -30.40
C VAL D 436 15.92 33.44 -30.90
N LYS D 437 16.88 33.94 -30.12
CA LYS D 437 18.31 33.86 -30.49
C LYS D 437 18.88 32.42 -30.47
N ASN D 438 18.44 31.61 -29.50
CA ASN D 438 18.86 30.21 -29.44
C ASN D 438 17.72 29.28 -29.88
N ASP D 439 17.21 29.58 -31.08
CA ASP D 439 16.35 28.77 -31.97
C ASP D 439 16.82 27.31 -32.07
N ILE D 440 15.91 26.43 -32.47
CA ILE D 440 16.26 25.03 -32.83
C ILE D 440 17.15 25.01 -34.08
N ASN D 441 16.94 25.94 -35.00
CA ASN D 441 17.79 26.08 -36.18
C ASN D 441 19.26 26.37 -35.80
N HIS D 442 19.44 27.33 -34.92
CA HIS D 442 20.76 27.70 -34.40
C HIS D 442 21.47 26.51 -33.72
N TRP D 443 20.72 25.74 -32.92
CA TRP D 443 21.28 24.61 -32.16
C TRP D 443 21.82 23.58 -33.13
N GLN D 444 20.97 23.16 -34.04
CA GLN D 444 21.29 22.20 -35.08
C GLN D 444 22.52 22.65 -35.89
N GLU D 445 22.52 23.92 -36.33
CA GLU D 445 23.63 24.50 -37.10
C GLU D 445 24.97 24.49 -36.34
N CYS D 446 24.96 24.87 -35.06
CA CYS D 446 26.18 24.82 -34.24
C CYS D 446 26.76 23.42 -34.14
N PHE D 447 25.90 22.43 -33.88
CA PHE D 447 26.37 21.07 -33.69
C PHE D 447 27.00 20.51 -34.98
N ILE D 448 26.27 20.60 -36.08
CA ILE D 448 26.74 20.14 -37.41
C ILE D 448 28.03 20.86 -37.83
N SER D 449 28.07 22.16 -37.59
CA SER D 449 29.22 22.95 -37.97
C SER D 449 30.45 22.55 -37.14
N ASP D 450 30.25 22.35 -35.84
CA ASP D 450 31.32 21.81 -35.01
C ASP D 450 31.80 20.42 -35.44
N LEU D 451 30.87 19.55 -35.83
CA LEU D 451 31.21 18.19 -36.18
C LEU D 451 32.06 18.16 -37.45
N LYS D 452 31.69 19.00 -38.42
CA LYS D 452 32.46 19.15 -39.66
C LYS D 452 33.84 19.77 -39.48
N GLN D 453 34.14 20.30 -38.29
CA GLN D 453 35.43 20.90 -38.01
C GLN D 453 36.38 19.90 -37.37
N ILE D 454 35.93 18.66 -37.26
CA ILE D 454 36.75 17.57 -36.76
C ILE D 454 37.40 16.89 -37.96
N VAL D 455 38.71 16.64 -37.89
CA VAL D 455 39.33 15.74 -38.87
C VAL D 455 39.14 14.27 -38.43
N PRO D 456 38.57 13.44 -39.32
CA PRO D 456 38.34 12.04 -38.97
C PRO D 456 39.64 11.25 -38.81
N ARG D 457 39.63 10.26 -37.92
CA ARG D 457 40.71 9.27 -37.82
C ARG D 457 40.86 8.57 -39.19
N SER D 458 42.08 8.19 -39.53
CA SER D 458 42.35 7.55 -40.81
C SER D 458 42.90 6.13 -40.65
#